data_7W0E
#
_entry.id   7W0E
#
_cell.length_a   1.00
_cell.length_b   1.00
_cell.length_c   1.00
_cell.angle_alpha   90.00
_cell.angle_beta   90.00
_cell.angle_gamma   90.00
#
_symmetry.space_group_name_H-M   'P 1'
#
loop_
_entity.id
_entity.type
_entity.pdbx_description
1 polymer dsRNA
2 polymer 'Dicer-2, isoform A'
3 polymer 'Loquacious, isoform D'
4 non-polymer 'MAGNESIUM ION'
5 non-polymer "ADENOSINE-5'-DIPHOSPHATE"
#
loop_
_entity_poly.entity_id
_entity_poly.type
_entity_poly.pdbx_seq_one_letter_code
_entity_poly.pdbx_strand_id
1 'polyribonucleotide' AGAGACUUGGGCAAUGUGACUGCUGAUCAGCAGUCACAUUGCCCAAGUCUCUU C,D
2 'polypeptide(L)'
;MEDVEIKPRGYQLRLVDHLTKSNGIVYLPTGSGKTFVAILVLKRFSQDFDKPIESGGKRALFMCNTVELARQQAMAVRRC
TNFKVGFYVGEQGVDDWTRGMWSDEIKKNQVLVGTAQVFLDMVTQTYVALSSLSVVIIDECHHGTGHHPFREFMRLFTIA
NQTKLPRVVGLTGVLIKGNEITNVATKLKELEITYRGNIITVSDTKEMENVMLYATKPTEVMVSFPHQEQVLTVTRLISA
EIEKFYVSLDLMNIGVQPIRRSKSLQCLRDPSKKSFVKQLFNDFLYQMKEYGIYAASIAIISLIVEFDIKRRQAETLSVK
LMHRTALTLCEKIRHLLVQKLQDMTYDDDDDNVNTEEVIMNFSTPKVQRFLMSLKVSFADKDPKDICCLVFVERRYTCKC
IYGLLLNYIQSTPELRNVLTPQFMVGRNNISPDFESVLERKWQKSAIQQFRDGNANLMICSSVLEEGIDVQACNHVFILD
PVKTFNMYVQSKGRARTTEAKFVLFTADKEREKTIQQIYQYRKAHNDIAEYLKDRVLEKTEPELYEIKGHFQDDIDPFTN
ENGAVLLPNNALAILHRYCQTIPTDAFGFVIPWFHVLQEDERDRIFGVSAKGKHVISINMPVNCMLRDTIYSDPMDNVKT
AKISAAFKACKVLYSLGELNERFVPKTLKERVASIADVHFEHWNKYGDSVTATVNKADKSKDRTYKTECPLEFYDALPRV
GEICYAYEIFLEPQFESCEYTEHMYLNLQTPRNYAILLRNKLPRLAEMPLFSNQGKLHVRVANAPLEVIIQNSEQLELLH
QFHGMVFRDILKIWHPFFVLDRRSKENSYLVVPLILGAGEQKCFDWELMTNFRRLPQSHGSNVQQREQQPAPRPEDFEGK
IVTQWYANYDKPMLVTKVHRELTPLSYMEKNQQDKTYYEFTMSKYGNRIGDVVHKDKFMIEVRDLTEQLTFYVHNRGKFN
AKSKAKMKVILIPELCFNFNFPGDLWLKLIFLPSILNRMYFLLHAEALRKRFNTYLNLHLLPFNGTDYMPRPLEIDYSLK
RNVDPLGNVIPTEDIEEPKSLLEPMPTKSIEASVANLEITEFENPWQKYMEPVDLSRNLLSTYPVELDYYYHFSVGNVCE
MNEMDFEDKEYWAKNQFHMPTGNIYGNRTPAKTNANVPALMPSKPTVRGKVKPLLILQKTVSKEHITPAEQGEFLAAITA
SSAADVFDMERLEILGNSFLKLSATLYLASKYSDWNEGTLTEVKSKLVSNRNLLFCLIDADIPKTLNTIQFTPRYTWLPP
GISLPHNVLALWRENPEFAKIIGPHNLRDLALGDEESLVKGNCSDINYNRFVEGCRANGQSFYAGADFSSEVNFCVGLVT
IPNKVIADTLEALLGVIVKNYGLQHAFKMLEYFKICRADIDKPLTQLLNLELGGKKMRANVNTTEIDGFLINHYYLEKNL
GYTFKDRRYLLQALTHPSYPTNRITGSYQELEFIGNAILDFLISAYIFENNTKMNPGALTDLRSALVNNTTLACICVRHR
LHFFILAENAKLSEIISKFVNFQESQGHRVTNYVRILLEEADVQPTPLDLDDELDMTELPHANKCISQEAEKGVPPKGEF
NMSTNVDVPKALGDVLEALIAAVYLDCRDLQRTWEVIFNLFEPELQEFTRKVPINHIRQLVEHKHAKPVFSSPIVEGETV
MVSCQFTCMEKTIKVYGFGSNKDQAKLSAAKHALQQLSKCDA
;
A
3 'polypeptide(L)'
;MDQENFHGSSLPQQLQNLHIQPQQASPNPVQTGFAPRRHYNNLVGLGNGNAVSGSPVKGAPLGQRHVKLKKEKISAQVAQ
LSQPGQLQLSDVGDPALAGGSGLQGGVGLMGVILPSDEALKFVSETDANGLAMKTPVSILQELLSRRGITPGYELVQIEG
AIHEPTFRFRVSFKDKDTPFTAMGAGRSKKEAKHAAARALIDKLIGAQLPESPSSSAGPSVTGLTVAGSGGDGNANATGG
GDASDKTVGNPIGWLQEMCMQRRWPPPSYETETEVGLPHERLFTIACSILNYREMGKGKSKKIAKRLAAHRMWMRLQETP
IDSGKISDSICGELEGEVSIIQDIDRYEQVSKDFEFIKI
;
B
#
loop_
_chem_comp.id
_chem_comp.type
_chem_comp.name
_chem_comp.formula
A RNA linking ADENOSINE-5'-MONOPHOSPHATE 'C10 H14 N5 O7 P'
ADP non-polymer ADENOSINE-5'-DIPHOSPHATE 'C10 H15 N5 O10 P2'
C RNA linking CYTIDINE-5'-MONOPHOSPHATE 'C9 H14 N3 O8 P'
G RNA linking GUANOSINE-5'-MONOPHOSPHATE 'C10 H14 N5 O8 P'
MG non-polymer 'MAGNESIUM ION' 'Mg 2'
U RNA linking URIDINE-5'-MONOPHOSPHATE 'C9 H13 N2 O9 P'
#
# COMPACT_ATOMS: atom_id res chain seq x y z
N GLU C 2 13.75 26.29 36.76
CA GLU C 2 15.06 26.63 36.24
C GLU C 2 15.98 27.11 37.37
N ASP C 3 15.58 28.19 38.04
CA ASP C 3 16.36 28.75 39.13
C ASP C 3 15.46 29.56 40.04
N VAL C 4 15.95 29.79 41.26
CA VAL C 4 15.20 30.55 42.27
C VAL C 4 15.55 32.03 42.23
N GLU C 5 16.49 32.44 41.38
CA GLU C 5 16.88 33.83 41.21
C GLU C 5 15.90 34.62 40.35
N ILE C 6 14.67 34.11 40.21
CA ILE C 6 13.66 34.69 39.34
C ILE C 6 12.92 35.81 40.06
N LYS C 7 13.47 36.27 41.18
CA LYS C 7 12.84 37.35 41.94
C LYS C 7 12.64 38.57 41.04
N PRO C 8 11.51 39.26 41.14
CA PRO C 8 11.22 40.33 40.18
C PRO C 8 12.17 41.51 40.32
N ARG C 9 12.34 42.23 39.21
CA ARG C 9 13.11 43.46 39.22
C ARG C 9 12.38 44.53 40.04
N GLY C 10 12.98 45.71 40.10
CA GLY C 10 12.45 46.78 40.92
C GLY C 10 11.17 47.41 40.41
N TYR C 11 10.69 47.00 39.23
CA TYR C 11 9.52 47.62 38.63
C TYR C 11 8.38 46.66 38.35
N GLN C 12 8.68 45.38 38.10
CA GLN C 12 7.67 44.47 37.57
C GLN C 12 6.55 44.21 38.57
N LEU C 13 6.84 44.29 39.87
CA LEU C 13 5.79 44.08 40.86
C LEU C 13 4.69 45.14 40.74
N ARG C 14 5.08 46.41 40.68
CA ARG C 14 4.06 47.45 40.51
C ARG C 14 3.50 47.47 39.10
N LEU C 15 4.30 47.04 38.12
CA LEU C 15 3.78 46.90 36.76
C LEU C 15 2.59 45.95 36.73
N VAL C 16 2.78 44.75 37.30
CA VAL C 16 1.68 43.78 37.30
C VAL C 16 0.57 44.21 38.24
N ASP C 17 0.90 44.93 39.32
CA ASP C 17 -0.14 45.45 40.21
C ASP C 17 -1.06 46.39 39.46
N HIS C 18 -0.48 47.30 38.66
CA HIS C 18 -1.31 48.20 37.85
C HIS C 18 -2.03 47.46 36.74
N LEU C 19 -1.38 46.45 36.16
CA LEU C 19 -2.03 45.64 35.12
C LEU C 19 -3.26 44.92 35.65
N THR C 20 -3.26 44.52 36.93
CA THR C 20 -4.42 43.87 37.50
C THR C 20 -5.65 44.78 37.49
N LYS C 21 -5.45 46.07 37.79
CA LYS C 21 -6.58 46.98 37.91
C LYS C 21 -7.28 47.17 36.57
N SER C 22 -6.52 47.34 35.50
CA SER C 22 -7.10 47.60 34.19
C SER C 22 -6.07 47.24 33.11
N ASN C 23 -6.53 47.23 31.86
CA ASN C 23 -5.67 46.92 30.74
C ASN C 23 -4.49 47.90 30.70
N GLY C 24 -3.31 47.37 30.38
CA GLY C 24 -2.12 48.18 30.34
C GLY C 24 -1.20 47.76 29.20
N ILE C 25 -0.34 48.69 28.81
CA ILE C 25 0.68 48.46 27.80
C ILE C 25 2.01 48.96 28.34
N VAL C 26 3.04 48.12 28.26
CA VAL C 26 4.34 48.43 28.83
C VAL C 26 5.31 48.78 27.71
N TYR C 27 6.08 49.84 27.92
CA TYR C 27 7.10 50.28 26.97
C TYR C 27 8.44 50.29 27.70
N LEU C 28 9.18 49.20 27.58
CA LEU C 28 10.52 49.09 28.13
C LEU C 28 11.45 48.56 27.06
N PRO C 29 12.73 48.96 27.07
CA PRO C 29 13.62 48.61 25.97
C PRO C 29 13.92 47.11 25.96
N THR C 30 14.34 46.64 24.79
CA THR C 30 14.59 45.21 24.60
C THR C 30 15.67 44.72 25.55
N GLY C 31 15.56 43.45 25.93
CA GLY C 31 16.47 42.87 26.88
C GLY C 31 16.20 43.19 28.33
N SER C 32 15.03 43.75 28.65
CA SER C 32 14.67 44.11 30.01
C SER C 32 13.69 43.13 30.64
N GLY C 33 13.49 41.96 30.03
CA GLY C 33 12.66 40.94 30.64
C GLY C 33 11.18 41.19 30.62
N LYS C 34 10.66 41.82 29.57
CA LYS C 34 9.22 42.01 29.46
C LYS C 34 8.50 40.68 29.28
N THR C 35 9.15 39.70 28.66
CA THR C 35 8.58 38.35 28.66
C THR C 35 8.42 37.83 30.08
N PHE C 36 9.39 38.12 30.94
CA PHE C 36 9.29 37.67 32.32
C PHE C 36 8.13 38.35 33.04
N VAL C 37 7.90 39.65 32.79
CA VAL C 37 6.79 40.28 33.47
C VAL C 37 5.46 39.78 32.89
N ALA C 38 5.45 39.37 31.62
CA ALA C 38 4.27 38.70 31.09
C ALA C 38 4.01 37.39 31.82
N ILE C 39 5.07 36.61 32.06
CA ILE C 39 4.91 35.38 32.84
C ILE C 39 4.46 35.70 34.26
N LEU C 40 4.93 36.82 34.80
CA LEU C 40 4.48 37.26 36.12
C LEU C 40 3.00 37.59 36.12
N VAL C 41 2.52 38.23 35.05
CA VAL C 41 1.10 38.49 34.91
C VAL C 41 0.32 37.19 34.88
N LEU C 42 0.82 36.21 34.11
CA LEU C 42 0.19 34.90 34.10
C LEU C 42 0.15 34.29 35.50
N LYS C 43 1.23 34.46 36.26
CA LYS C 43 1.26 33.98 37.64
C LYS C 43 0.19 34.66 38.49
N ARG C 44 0.05 35.98 38.35
CA ARG C 44 -0.97 36.70 39.11
C ARG C 44 -2.37 36.27 38.70
N PHE C 45 -2.59 36.01 37.42
CA PHE C 45 -3.88 35.58 36.91
C PHE C 45 -3.98 34.07 36.77
N SER C 46 -3.29 33.31 37.63
CA SER C 46 -3.30 31.85 37.58
C SER C 46 -4.27 31.25 38.60
N GLN C 47 -5.40 31.90 38.83
CA GLN C 47 -6.34 31.42 39.84
C GLN C 47 -7.22 30.30 39.29
N ASP C 48 -7.95 30.56 38.22
CA ASP C 48 -8.90 29.60 37.65
C ASP C 48 -8.36 29.15 36.29
N PHE C 49 -7.55 28.08 36.31
CA PHE C 49 -7.03 27.49 35.09
C PHE C 49 -7.43 26.03 34.89
N ASP C 50 -7.30 25.19 35.90
CA ASP C 50 -7.53 23.76 35.70
C ASP C 50 -9.00 23.40 35.57
N LYS C 51 -9.91 24.25 36.04
CA LYS C 51 -11.32 23.92 35.98
C LYS C 51 -11.82 23.98 34.53
N PRO C 52 -12.70 23.06 34.13
CA PRO C 52 -13.21 23.08 32.76
C PRO C 52 -14.11 24.28 32.50
N ILE C 53 -14.16 24.67 31.23
CA ILE C 53 -14.94 25.85 30.85
C ILE C 53 -16.42 25.64 31.13
N GLU C 54 -16.94 24.45 30.84
CA GLU C 54 -18.36 24.18 31.05
C GLU C 54 -18.74 24.23 32.53
N SER C 55 -17.78 24.14 33.44
CA SER C 55 -18.03 24.27 34.87
C SER C 55 -17.71 25.65 35.40
N GLY C 56 -17.36 26.60 34.53
CA GLY C 56 -16.99 27.94 34.95
C GLY C 56 -15.50 28.21 34.98
N GLY C 57 -14.67 27.27 34.56
CA GLY C 57 -13.23 27.47 34.55
C GLY C 57 -12.80 28.42 33.43
N LYS C 58 -11.55 28.83 33.51
CA LYS C 58 -10.96 29.76 32.55
C LYS C 58 -9.56 29.31 32.18
N ARG C 59 -9.02 29.95 31.15
CA ARG C 59 -7.63 29.74 30.74
C ARG C 59 -7.06 31.09 30.31
N ALA C 60 -5.93 31.06 29.61
CA ALA C 60 -5.30 32.27 29.11
C ALA C 60 -4.86 32.06 27.66
N LEU C 61 -4.58 33.17 26.98
CA LEU C 61 -4.12 33.13 25.60
C LEU C 61 -2.91 34.04 25.43
N PHE C 62 -1.86 33.50 24.82
CA PHE C 62 -0.61 34.23 24.57
C PHE C 62 -0.51 34.47 23.08
N MET C 63 -0.71 35.72 22.66
CA MET C 63 -0.65 36.05 21.24
C MET C 63 0.80 36.21 20.78
N CYS C 64 1.04 35.88 19.51
CA CYS C 64 2.36 35.94 18.93
C CYS C 64 2.30 36.63 17.57
N ASN C 65 3.47 36.79 16.96
CA ASN C 65 3.60 37.41 15.64
C ASN C 65 4.18 36.46 14.61
N THR C 66 5.29 35.81 14.89
CA THR C 66 5.97 34.94 13.95
C THR C 66 6.19 33.56 14.57
N VAL C 67 6.29 32.55 13.71
CA VAL C 67 6.45 31.18 14.20
C VAL C 67 7.77 31.04 14.95
N GLU C 68 8.82 31.71 14.48
CA GLU C 68 10.11 31.67 15.20
C GLU C 68 9.97 32.29 16.59
N LEU C 69 9.35 33.47 16.66
CA LEU C 69 9.12 34.09 17.95
C LEU C 69 8.13 33.27 18.76
N ALA C 70 7.22 32.55 18.10
CA ALA C 70 6.33 31.66 18.82
C ALA C 70 7.11 30.55 19.51
N ARG C 71 8.07 29.94 18.82
CA ARG C 71 8.90 28.92 19.44
C ARG C 71 9.75 29.51 20.55
N GLN C 72 10.28 30.72 20.35
CA GLN C 72 11.10 31.36 21.37
C GLN C 72 10.30 31.59 22.65
N GLN C 73 9.10 32.16 22.51
CA GLN C 73 8.26 32.39 23.68
C GLN C 73 7.74 31.09 24.27
N ALA C 74 7.56 30.06 23.44
CA ALA C 74 7.18 28.75 23.97
C ALA C 74 8.27 28.19 24.87
N MET C 75 9.52 28.27 24.43
CA MET C 75 10.62 27.83 25.30
C MET C 75 10.69 28.70 26.56
N ALA C 76 10.53 30.01 26.41
CA ALA C 76 10.61 30.91 27.55
C ALA C 76 9.52 30.63 28.57
N VAL C 77 8.32 30.26 28.13
CA VAL C 77 7.26 29.94 29.07
C VAL C 77 7.40 28.52 29.62
N ARG C 78 7.98 27.59 28.85
CA ARG C 78 8.18 26.25 29.36
C ARG C 78 9.25 26.21 30.45
N ARG C 79 10.26 27.08 30.35
CA ARG C 79 11.39 26.97 31.27
C ARG C 79 11.00 27.31 32.71
N CYS C 80 10.04 28.22 32.92
CA CYS C 80 9.76 28.70 34.27
C CYS C 80 8.26 28.83 34.51
N THR C 81 7.49 27.84 34.09
CA THR C 81 6.07 27.77 34.43
C THR C 81 5.71 26.34 34.77
N ASN C 82 4.65 26.19 35.55
CA ASN C 82 4.17 24.90 36.01
C ASN C 82 2.90 24.45 35.29
N PHE C 83 2.39 25.23 34.36
CA PHE C 83 1.17 24.92 33.65
C PHE C 83 1.50 24.18 32.36
N LYS C 84 0.51 24.01 31.49
CA LYS C 84 0.70 23.34 30.21
C LYS C 84 0.42 24.33 29.08
N VAL C 85 1.29 24.34 28.09
CA VAL C 85 1.29 25.34 27.03
C VAL C 85 1.04 24.64 25.70
N GLY C 86 0.19 25.23 24.86
CA GLY C 86 -0.09 24.70 23.55
C GLY C 86 0.57 25.51 22.46
N PHE C 87 1.48 24.87 21.72
CA PHE C 87 2.22 25.50 20.64
C PHE C 87 1.44 25.31 19.35
N TYR C 88 0.71 26.35 18.94
CA TYR C 88 -0.22 26.27 17.82
C TYR C 88 0.34 27.04 16.63
N VAL C 89 0.63 26.33 15.55
CA VAL C 89 1.15 26.93 14.32
C VAL C 89 0.44 26.30 13.14
N GLY C 90 0.16 27.12 12.12
CA GLY C 90 -0.53 26.67 10.94
C GLY C 90 0.20 25.62 10.13
N GLU C 91 -0.33 25.33 8.94
CA GLU C 91 0.17 24.30 8.01
C GLU C 91 0.27 22.92 8.66
N GLN C 92 -0.36 22.73 9.82
CA GLN C 92 -0.44 21.43 10.48
C GLN C 92 -1.48 21.50 11.59
N GLY C 93 -2.30 20.46 11.68
CA GLY C 93 -3.18 20.29 12.81
C GLY C 93 -4.36 21.23 12.87
N VAL C 94 -4.09 22.54 12.91
CA VAL C 94 -5.14 23.53 13.17
C VAL C 94 -6.20 23.49 12.08
N ASP C 95 -5.80 23.28 10.83
CA ASP C 95 -6.76 23.19 9.74
C ASP C 95 -7.44 21.83 9.66
N ASP C 96 -7.00 20.86 10.46
CA ASP C 96 -7.59 19.52 10.47
C ASP C 96 -8.19 19.13 11.82
N TRP C 97 -7.98 19.93 12.86
CA TRP C 97 -8.53 19.60 14.17
C TRP C 97 -10.05 19.76 14.17
N THR C 98 -10.68 19.21 15.21
CA THR C 98 -12.12 19.30 15.41
C THR C 98 -12.41 19.91 16.78
N ARG C 99 -13.69 20.23 17.00
CA ARG C 99 -14.09 20.85 18.25
C ARG C 99 -13.77 19.97 19.45
N GLY C 100 -13.87 18.65 19.29
CA GLY C 100 -13.49 17.76 20.37
C GLY C 100 -12.02 17.88 20.74
N MET C 101 -11.15 17.89 19.72
CA MET C 101 -9.72 18.00 19.98
C MET C 101 -9.36 19.34 20.60
N TRP C 102 -9.95 20.43 20.09
CA TRP C 102 -9.70 21.75 20.65
C TRP C 102 -10.16 21.82 22.10
N SER C 103 -11.35 21.30 22.38
CA SER C 103 -11.86 21.34 23.75
C SER C 103 -11.01 20.48 24.68
N ASP C 104 -10.59 19.30 24.23
CA ASP C 104 -9.74 18.45 25.06
C ASP C 104 -8.40 19.12 25.34
N GLU C 105 -7.82 19.77 24.34
CA GLU C 105 -6.58 20.50 24.57
C GLU C 105 -6.79 21.63 25.56
N ILE C 106 -7.93 22.32 25.46
CA ILE C 106 -8.25 23.39 26.41
C ILE C 106 -8.38 22.82 27.82
N LYS C 107 -8.92 21.61 27.94
CA LYS C 107 -9.06 20.99 29.26
C LYS C 107 -7.71 20.78 29.93
N LYS C 108 -6.71 20.35 29.18
CA LYS C 108 -5.38 20.11 29.73
C LYS C 108 -4.51 21.38 29.71
N ASN C 109 -4.47 22.07 28.57
CA ASN C 109 -3.64 23.27 28.47
C ASN C 109 -4.28 24.41 29.24
N GLN C 110 -3.57 24.92 30.24
CA GLN C 110 -4.02 26.09 30.98
C GLN C 110 -3.66 27.39 30.28
N VAL C 111 -2.86 27.34 29.22
CA VAL C 111 -2.48 28.52 28.47
C VAL C 111 -2.00 28.06 27.10
N LEU C 112 -2.11 28.94 26.11
CA LEU C 112 -1.80 28.60 24.73
C LEU C 112 -0.94 29.68 24.10
N VAL C 113 -0.20 29.29 23.07
CA VAL C 113 0.64 30.22 22.30
C VAL C 113 0.48 29.90 20.82
N GLY C 114 0.49 30.93 19.99
CA GLY C 114 0.35 30.73 18.56
C GLY C 114 0.31 32.05 17.83
N THR C 115 0.43 31.96 16.50
CA THR C 115 0.41 33.14 15.67
C THR C 115 -1.00 33.75 15.66
N ALA C 116 -1.09 34.96 15.12
CA ALA C 116 -2.32 35.75 15.25
C ALA C 116 -3.48 35.12 14.49
N GLN C 117 -3.25 34.70 13.25
CA GLN C 117 -4.35 34.20 12.43
C GLN C 117 -4.87 32.87 12.94
N VAL C 118 -4.03 32.06 13.58
CA VAL C 118 -4.50 30.81 14.15
C VAL C 118 -5.51 31.08 15.24
N PHE C 119 -5.21 32.02 16.13
CA PHE C 119 -6.17 32.41 17.16
C PHE C 119 -7.40 33.08 16.55
N LEU C 120 -7.21 33.84 15.47
CA LEU C 120 -8.36 34.42 14.78
C LEU C 120 -9.32 33.34 14.31
N ASP C 121 -8.81 32.32 13.63
CA ASP C 121 -9.66 31.23 13.17
C ASP C 121 -10.22 30.44 14.35
N MET C 122 -9.47 30.34 15.44
CA MET C 122 -9.95 29.61 16.61
C MET C 122 -11.14 30.31 17.25
N VAL C 123 -11.10 31.63 17.34
CA VAL C 123 -12.12 32.37 18.08
C VAL C 123 -13.31 32.74 17.19
N THR C 124 -13.05 33.20 15.97
CA THR C 124 -14.15 33.59 15.08
C THR C 124 -15.04 32.41 14.74
N GLN C 125 -14.44 31.24 14.50
CA GLN C 125 -15.23 30.03 14.29
C GLN C 125 -15.83 29.49 15.59
N THR C 126 -15.49 30.10 16.72
CA THR C 126 -16.06 29.78 18.03
C THR C 126 -15.89 28.32 18.39
N TYR C 127 -14.62 27.89 18.41
CA TYR C 127 -14.31 26.62 19.07
C TYR C 127 -14.59 26.72 20.57
N VAL C 128 -14.28 27.86 21.17
CA VAL C 128 -14.55 28.12 22.57
C VAL C 128 -14.93 29.59 22.72
N ALA C 129 -15.76 29.88 23.73
CA ALA C 129 -16.21 31.25 23.97
C ALA C 129 -15.04 32.14 24.40
N LEU C 130 -15.15 33.42 24.06
CA LEU C 130 -14.08 34.37 24.37
C LEU C 130 -13.87 34.51 25.87
N SER C 131 -14.94 34.48 26.66
CA SER C 131 -14.82 34.65 28.10
C SER C 131 -14.04 33.52 28.77
N SER C 132 -13.80 32.42 28.06
CA SER C 132 -13.02 31.31 28.61
C SER C 132 -11.56 31.69 28.85
N LEU C 133 -11.10 32.81 28.32
CA LEU C 133 -9.74 33.28 28.52
C LEU C 133 -9.70 34.31 29.63
N SER C 134 -8.87 34.07 30.65
CA SER C 134 -8.74 35.04 31.73
C SER C 134 -8.00 36.28 31.26
N VAL C 135 -6.88 36.11 30.56
CA VAL C 135 -6.07 37.22 30.08
C VAL C 135 -5.59 36.92 28.68
N VAL C 136 -5.26 37.98 27.95
CA VAL C 136 -4.67 37.90 26.61
C VAL C 136 -3.34 38.64 26.64
N ILE C 137 -2.28 37.98 26.19
CA ILE C 137 -0.94 38.54 26.17
C ILE C 137 -0.60 38.90 24.74
N ILE C 138 -0.26 40.16 24.51
CA ILE C 138 -0.02 40.68 23.18
C ILE C 138 1.44 41.10 23.08
N ASP C 139 2.17 40.43 22.18
CA ASP C 139 3.54 40.81 21.87
C ASP C 139 3.55 41.74 20.67
N GLU C 140 4.57 42.59 20.60
CA GLU C 140 4.76 43.53 19.50
C GLU C 140 3.48 44.34 19.26
N CYS C 141 2.92 44.86 20.35
CA CYS C 141 1.64 45.55 20.29
C CYS C 141 1.67 46.79 19.41
N HIS C 142 2.87 47.28 19.07
CA HIS C 142 2.99 48.39 18.14
C HIS C 142 2.49 48.04 16.74
N HIS C 143 2.35 46.75 16.43
CA HIS C 143 1.71 46.35 15.18
C HIS C 143 0.20 46.41 15.24
N GLY C 144 -0.39 46.65 16.42
CA GLY C 144 -1.82 46.61 16.57
C GLY C 144 -2.53 47.82 15.98
N THR C 145 -2.40 48.00 14.67
CA THR C 145 -3.08 49.08 13.97
C THR C 145 -3.32 48.65 12.53
N GLY C 146 -4.28 49.32 11.89
CA GLY C 146 -4.61 48.97 10.53
C GLY C 146 -5.26 47.60 10.43
N HIS C 147 -5.06 46.95 9.29
CA HIS C 147 -5.63 45.63 9.04
C HIS C 147 -4.74 44.50 9.53
N HIS C 148 -3.80 44.79 10.43
CA HIS C 148 -2.98 43.73 11.00
C HIS C 148 -3.82 42.84 11.90
N PRO C 149 -3.51 41.54 11.95
CA PRO C 149 -4.39 40.61 12.67
C PRO C 149 -4.60 40.95 14.13
N PHE C 150 -3.64 41.63 14.78
CA PHE C 150 -3.84 42.04 16.16
C PHE C 150 -5.08 42.92 16.29
N ARG C 151 -5.19 43.94 15.43
CA ARG C 151 -6.36 44.81 15.46
C ARG C 151 -7.62 44.05 15.11
N GLU C 152 -7.55 43.13 14.14
CA GLU C 152 -8.72 42.35 13.76
C GLU C 152 -9.24 41.53 14.93
N PHE C 153 -8.34 40.86 15.65
CA PHE C 153 -8.75 40.09 16.82
C PHE C 153 -9.31 41.01 17.90
N MET C 154 -8.64 42.14 18.15
CA MET C 154 -9.12 43.07 19.16
C MET C 154 -10.49 43.62 18.80
N ARG C 155 -10.85 43.61 17.52
CA ARG C 155 -12.17 44.05 17.11
C ARG C 155 -13.27 43.16 17.69
N LEU C 156 -12.98 41.87 17.89
CA LEU C 156 -14.01 40.93 18.34
C LEU C 156 -14.56 41.26 19.71
N PHE C 157 -13.85 42.06 20.51
CA PHE C 157 -14.30 42.33 21.88
C PHE C 157 -15.62 43.08 21.90
N THR C 158 -15.78 44.04 21.00
CA THR C 158 -17.01 44.85 20.98
C THR C 158 -18.23 44.00 20.68
N ILE C 159 -18.17 43.19 19.63
CA ILE C 159 -19.33 42.41 19.23
C ILE C 159 -19.59 41.28 20.23
N ALA C 160 -18.57 40.85 20.95
CA ALA C 160 -18.75 39.79 21.93
C ALA C 160 -19.44 40.33 23.18
N ASN C 161 -19.62 39.45 24.17
CA ASN C 161 -20.24 39.83 25.43
C ASN C 161 -19.41 40.89 26.13
N GLN C 162 -19.94 42.10 26.24
CA GLN C 162 -19.19 43.20 26.85
C GLN C 162 -19.31 43.16 28.37
N THR C 163 -18.98 42.02 28.95
CA THR C 163 -18.80 41.86 30.39
C THR C 163 -17.76 40.78 30.60
N LYS C 164 -17.11 40.83 31.75
CA LYS C 164 -16.04 39.90 32.14
C LYS C 164 -15.11 39.58 30.97
N LEU C 165 -14.52 40.64 30.41
CA LEU C 165 -13.59 40.49 29.29
C LEU C 165 -12.22 40.02 29.79
N PRO C 166 -11.47 39.32 28.95
CA PRO C 166 -10.07 39.03 29.29
C PRO C 166 -9.24 40.30 29.31
N ARG C 167 -8.16 40.25 30.09
CA ARG C 167 -7.23 41.36 30.18
C ARG C 167 -6.26 41.32 29.00
N VAL C 168 -5.81 42.50 28.57
CA VAL C 168 -4.86 42.63 27.47
C VAL C 168 -3.64 43.39 27.97
N VAL C 169 -2.46 42.93 27.55
CA VAL C 169 -1.19 43.57 27.91
C VAL C 169 -0.37 43.75 26.64
N GLY C 170 0.19 44.94 26.47
CA GLY C 170 0.91 45.30 25.27
C GLY C 170 2.41 45.44 25.54
N LEU C 171 3.20 44.76 24.71
CA LEU C 171 4.65 44.74 24.84
C LEU C 171 5.27 45.15 23.52
N THR C 172 6.22 46.09 23.57
CA THR C 172 6.95 46.48 22.38
C THR C 172 8.19 47.28 22.78
N GLY C 173 9.33 46.90 22.19
CA GLY C 173 10.55 47.67 22.40
C GLY C 173 10.47 49.06 21.82
N VAL C 174 9.81 49.20 20.67
CA VAL C 174 9.54 50.50 20.05
C VAL C 174 8.03 50.65 19.89
N LEU C 175 7.50 51.77 20.37
CA LEU C 175 6.05 51.94 20.42
C LEU C 175 5.45 52.30 19.07
N ILE C 176 6.19 53.00 18.21
CA ILE C 176 5.68 53.52 16.96
C ILE C 176 6.41 52.88 15.79
N LYS C 177 5.67 52.39 14.82
CA LYS C 177 6.21 51.90 13.56
C LYS C 177 5.75 52.84 12.44
N GLY C 178 6.71 53.44 11.75
CA GLY C 178 6.42 54.38 10.69
C GLY C 178 7.16 55.68 10.87
N ASN C 179 6.94 56.59 9.92
CA ASN C 179 7.61 57.88 9.89
C ASN C 179 6.70 59.04 10.28
N GLU C 180 5.43 58.79 10.59
CA GLU C 180 4.55 59.86 11.06
C GLU C 180 4.82 60.14 12.54
N ILE C 181 6.07 60.51 12.81
CA ILE C 181 6.54 60.73 14.17
C ILE C 181 6.24 62.14 14.68
N THR C 182 5.88 63.06 13.79
CA THR C 182 5.46 64.39 14.23
C THR C 182 4.17 64.29 15.02
N ASN C 183 4.13 64.97 16.17
CA ASN C 183 2.97 64.94 17.06
C ASN C 183 2.63 63.50 17.45
N VAL C 184 3.57 62.87 18.16
CA VAL C 184 3.44 61.46 18.53
C VAL C 184 2.25 61.22 19.44
N ALA C 185 1.73 62.27 20.09
CA ALA C 185 0.51 62.12 20.88
C ALA C 185 -0.67 61.69 20.01
N THR C 186 -0.68 62.10 18.74
CA THR C 186 -1.70 61.67 17.81
C THR C 186 -1.56 60.20 17.43
N LYS C 187 -0.40 59.59 17.67
CA LYS C 187 -0.17 58.19 17.37
C LYS C 187 -0.32 57.29 18.59
N LEU C 188 0.08 57.75 19.77
CA LEU C 188 -0.03 56.93 20.97
C LEU C 188 -1.48 56.58 21.28
N LYS C 189 -2.37 57.57 21.19
CA LYS C 189 -3.76 57.34 21.56
C LYS C 189 -4.44 56.34 20.62
N GLU C 190 -3.94 56.15 19.41
CA GLU C 190 -4.49 55.12 18.53
C GLU C 190 -4.33 53.75 19.16
N LEU C 191 -3.11 53.39 19.55
CA LEU C 191 -2.89 52.12 20.23
C LEU C 191 -3.55 52.10 21.59
N GLU C 192 -3.65 53.24 22.27
CA GLU C 192 -4.33 53.29 23.55
C GLU C 192 -5.79 52.88 23.43
N ILE C 193 -6.53 53.52 22.51
CA ILE C 193 -7.93 53.18 22.31
C ILE C 193 -8.09 51.83 21.65
N THR C 194 -7.05 51.32 20.97
CA THR C 194 -7.13 49.99 20.39
C THR C 194 -7.37 48.95 21.47
N TYR C 195 -6.61 49.02 22.57
CA TYR C 195 -6.78 48.10 23.69
C TYR C 195 -7.51 48.74 24.86
N ARG C 196 -8.00 49.97 24.69
CA ARG C 196 -8.68 50.76 25.72
C ARG C 196 -7.98 50.70 27.07
N GLY C 197 -6.66 50.60 27.04
CA GLY C 197 -5.87 50.60 28.25
C GLY C 197 -4.75 51.62 28.17
N ASN C 198 -4.44 52.21 29.32
CA ASN C 198 -3.45 53.27 29.39
C ASN C 198 -2.05 52.72 29.15
N ILE C 199 -1.22 53.54 28.49
CA ILE C 199 0.19 53.22 28.35
C ILE C 199 0.91 53.51 29.66
N ILE C 200 1.78 52.59 30.07
CA ILE C 200 2.52 52.73 31.31
C ILE C 200 4.01 52.47 31.05
N THR C 201 4.85 53.32 31.65
CA THR C 201 6.29 53.18 31.57
C THR C 201 6.87 53.41 32.96
N VAL C 202 8.04 52.81 33.21
CA VAL C 202 8.63 52.85 34.54
C VAL C 202 8.94 54.29 34.92
N SER C 203 8.50 54.70 36.10
CA SER C 203 8.78 56.05 36.57
C SER C 203 10.22 56.21 37.02
N ASP C 204 10.75 55.22 37.73
CA ASP C 204 12.12 55.29 38.25
C ASP C 204 13.09 54.74 37.20
N THR C 205 13.16 55.47 36.08
CA THR C 205 14.11 55.12 35.02
C THR C 205 15.54 55.26 35.50
N LYS C 206 15.82 56.29 36.29
CA LYS C 206 17.18 56.53 36.76
C LYS C 206 17.67 55.38 37.65
N GLU C 207 16.83 54.92 38.58
CA GLU C 207 17.25 53.87 39.50
C GLU C 207 17.34 52.52 38.80
N MET C 208 16.40 52.25 37.90
CA MET C 208 16.41 51.00 37.14
C MET C 208 17.32 51.05 35.92
N GLU C 209 18.04 52.16 35.71
CA GLU C 209 19.06 52.16 34.67
C GLU C 209 20.21 51.21 35.00
N ASN C 210 20.30 50.78 36.26
CA ASN C 210 21.23 49.70 36.60
C ASN C 210 20.86 48.42 35.87
N VAL C 211 19.58 48.04 35.90
CA VAL C 211 19.12 46.90 35.11
C VAL C 211 19.20 47.24 33.62
N MET C 212 18.92 48.49 33.26
CA MET C 212 19.02 48.93 31.88
C MET C 212 20.46 48.84 31.36
N LEU C 213 21.44 48.74 32.25
CA LEU C 213 22.81 48.48 31.82
C LEU C 213 22.90 47.17 31.04
N TYR C 214 22.00 46.23 31.31
CA TYR C 214 21.86 45.04 30.48
C TYR C 214 21.48 45.38 29.04
N ALA C 215 20.93 46.57 28.81
CA ALA C 215 20.60 47.09 27.49
C ALA C 215 21.23 48.45 27.29
N THR C 216 22.53 48.55 27.59
CA THR C 216 23.22 49.83 27.60
C THR C 216 23.19 50.49 26.22
N LYS C 217 23.09 51.81 26.22
CA LYS C 217 23.16 52.57 24.97
C LYS C 217 24.58 52.53 24.44
N PRO C 218 24.82 52.03 23.24
CA PRO C 218 26.18 52.06 22.68
C PRO C 218 26.54 53.46 22.18
N THR C 219 27.85 53.68 22.07
CA THR C 219 28.31 54.91 21.44
C THR C 219 27.90 54.92 19.96
N GLU C 220 27.69 56.11 19.43
CA GLU C 220 27.17 56.28 18.08
C GLU C 220 28.19 57.06 17.25
N VAL C 221 28.86 56.35 16.34
CA VAL C 221 29.83 56.96 15.43
C VAL C 221 29.34 56.75 14.00
N MET C 222 30.00 57.41 13.07
CA MET C 222 29.55 57.40 11.69
C MET C 222 30.76 57.58 10.77
N VAL C 223 30.71 56.90 9.62
CA VAL C 223 31.78 56.91 8.64
C VAL C 223 31.26 57.52 7.35
N SER C 224 31.99 58.50 6.82
CA SER C 224 31.58 59.24 5.64
C SER C 224 32.49 58.89 4.47
N PHE C 225 31.88 58.48 3.36
CA PHE C 225 32.61 58.04 2.18
C PHE C 225 32.18 58.85 0.96
N PRO C 226 33.08 59.04 -0.01
CA PRO C 226 32.70 59.73 -1.24
C PRO C 226 31.70 58.92 -2.05
N HIS C 227 30.85 59.63 -2.77
CA HIS C 227 29.83 59.03 -3.64
C HIS C 227 29.95 59.61 -5.05
N GLN C 228 31.18 59.61 -5.57
CA GLN C 228 31.42 60.14 -6.90
C GLN C 228 30.71 59.29 -7.95
N GLU C 229 30.11 59.96 -8.94
CA GLU C 229 29.32 59.28 -9.97
C GLU C 229 30.24 58.92 -11.15
N GLN C 230 31.03 57.87 -10.92
CA GLN C 230 31.94 57.35 -11.94
C GLN C 230 31.68 55.85 -12.08
N VAL C 231 31.48 55.41 -13.32
CA VAL C 231 31.20 54.01 -13.60
C VAL C 231 32.09 53.56 -14.76
N LEU C 232 32.35 52.26 -14.82
CA LEU C 232 33.31 51.72 -15.78
C LEU C 232 32.64 51.43 -17.12
N THR C 233 33.47 51.07 -18.11
CA THR C 233 32.97 50.85 -19.46
C THR C 233 32.20 49.54 -19.57
N VAL C 234 32.70 48.48 -18.92
CA VAL C 234 32.06 47.17 -19.04
C VAL C 234 30.64 47.18 -18.51
N THR C 235 30.33 48.04 -17.55
CA THR C 235 28.96 48.17 -17.08
C THR C 235 28.04 48.64 -18.20
N ARG C 236 28.48 49.64 -18.96
CA ARG C 236 27.71 50.11 -20.10
C ARG C 236 27.68 49.06 -21.21
N LEU C 237 28.74 48.27 -21.35
CA LEU C 237 28.73 47.18 -22.32
C LEU C 237 27.67 46.14 -21.98
N ILE C 238 27.51 45.83 -20.70
CA ILE C 238 26.60 44.75 -20.31
C ILE C 238 25.17 45.24 -20.15
N SER C 239 24.97 46.54 -19.86
CA SER C 239 23.61 47.03 -19.67
C SER C 239 22.78 46.95 -20.95
N ALA C 240 23.37 47.30 -22.09
CA ALA C 240 22.64 47.22 -23.35
C ALA C 240 22.25 45.78 -23.67
N GLU C 241 23.16 44.85 -23.43
CA GLU C 241 22.83 43.46 -23.67
C GLU C 241 21.78 42.95 -22.69
N ILE C 242 21.80 43.43 -21.44
CA ILE C 242 20.78 43.03 -20.46
C ILE C 242 19.41 43.50 -20.90
N GLU C 243 19.30 44.75 -21.36
CA GLU C 243 18.00 45.21 -21.84
C GLU C 243 17.59 44.50 -23.12
N LYS C 244 18.57 44.10 -23.95
CA LYS C 244 18.25 43.25 -25.09
C LYS C 244 17.63 41.94 -24.64
N PHE C 245 18.19 41.32 -23.61
CA PHE C 245 17.60 40.10 -23.08
C PHE C 245 16.22 40.36 -22.49
N TYR C 246 16.03 41.53 -21.87
CA TYR C 246 14.70 41.88 -21.37
C TYR C 246 13.68 41.88 -22.49
N VAL C 247 14.03 42.51 -23.61
CA VAL C 247 13.14 42.51 -24.77
C VAL C 247 12.91 41.08 -25.28
N SER C 248 13.98 40.30 -25.42
CA SER C 248 13.86 38.95 -25.94
C SER C 248 12.96 38.10 -25.05
N LEU C 249 13.08 38.25 -23.73
CA LEU C 249 12.19 37.59 -22.81
C LEU C 249 10.75 38.04 -23.00
N ASP C 250 10.54 39.34 -23.21
CA ASP C 250 9.21 39.82 -23.56
C ASP C 250 8.70 39.17 -24.83
N LEU C 251 9.60 38.68 -25.68
CA LEU C 251 9.23 37.97 -26.90
C LEU C 251 9.23 36.45 -26.74
N MET C 252 9.29 35.94 -25.52
CA MET C 252 9.27 34.50 -25.31
C MET C 252 7.89 33.92 -25.60
N ASN C 253 7.83 32.60 -25.80
CA ASN C 253 6.63 31.91 -26.22
C ASN C 253 6.22 30.82 -25.23
N ILE C 254 6.23 31.13 -23.94
CA ILE C 254 5.79 30.18 -22.92
C ILE C 254 4.29 29.95 -23.06
N GLY C 255 3.79 28.90 -22.42
CA GLY C 255 2.38 28.59 -22.47
C GLY C 255 1.53 29.65 -21.80
N VAL C 256 0.21 29.38 -21.79
CA VAL C 256 -0.73 30.34 -21.23
C VAL C 256 -0.49 30.51 -19.73
N GLN C 257 -0.80 31.70 -19.23
CA GLN C 257 -0.61 32.04 -17.83
C GLN C 257 -1.83 32.78 -17.31
N PRO C 258 -2.13 32.65 -16.02
CA PRO C 258 -3.37 33.24 -15.49
C PRO C 258 -3.39 34.76 -15.50
N ILE C 259 -4.50 35.33 -15.01
CA ILE C 259 -4.64 36.78 -14.96
C ILE C 259 -3.71 37.35 -13.89
N ARG C 260 -2.97 38.38 -14.26
CA ARG C 260 -2.04 39.04 -13.34
C ARG C 260 -1.94 40.50 -13.72
N ARG C 261 -2.18 41.38 -12.75
CA ARG C 261 -2.17 42.81 -13.00
C ARG C 261 -1.87 43.53 -11.69
N SER C 262 -2.01 44.85 -11.69
CA SER C 262 -1.60 45.66 -10.56
C SER C 262 -2.59 45.52 -9.41
N LYS C 263 -2.21 46.11 -8.27
CA LYS C 263 -3.01 45.96 -7.05
C LYS C 263 -4.39 46.57 -7.21
N SER C 264 -4.47 47.77 -7.79
CA SER C 264 -5.75 48.45 -8.01
C SER C 264 -6.41 48.04 -9.32
N LEU C 265 -6.01 46.88 -9.87
CA LEU C 265 -6.64 46.34 -11.08
C LEU C 265 -6.47 47.26 -12.27
N GLN C 266 -5.28 47.84 -12.40
CA GLN C 266 -4.91 48.66 -13.54
C GLN C 266 -4.34 47.72 -14.62
N CYS C 267 -3.64 48.29 -15.61
CA CYS C 267 -3.14 47.55 -16.76
C CYS C 267 -2.37 46.28 -16.37
N LEU C 268 -2.29 45.34 -17.31
CA LEU C 268 -1.82 44.00 -17.01
C LEU C 268 -0.33 44.00 -16.67
N ARG C 269 0.09 42.95 -15.98
CA ARG C 269 1.48 42.74 -15.60
C ARG C 269 1.90 41.36 -16.11
N ASP C 270 3.19 41.24 -16.45
CA ASP C 270 3.71 40.00 -16.98
C ASP C 270 3.57 38.88 -15.96
N PRO C 271 3.45 37.64 -16.41
CA PRO C 271 3.32 36.51 -15.48
C PRO C 271 4.57 36.33 -14.65
N SER C 272 4.39 35.63 -13.52
CA SER C 272 5.48 35.46 -12.55
C SER C 272 6.69 34.79 -13.18
N LYS C 273 6.47 33.74 -13.97
CA LYS C 273 7.57 33.01 -14.57
C LYS C 273 8.32 33.84 -15.61
N LYS C 274 7.78 34.97 -16.02
CA LYS C 274 8.48 35.90 -16.90
C LYS C 274 9.10 37.08 -16.15
N SER C 275 8.44 37.57 -15.10
CA SER C 275 8.92 38.75 -14.39
C SER C 275 9.90 38.44 -13.28
N PHE C 276 9.97 37.18 -12.84
CA PHE C 276 10.94 36.83 -11.79
C PHE C 276 12.37 37.06 -12.26
N VAL C 277 12.68 36.67 -13.50
CA VAL C 277 14.03 36.86 -14.02
C VAL C 277 14.32 38.35 -14.21
N LYS C 278 13.31 39.13 -14.62
CA LYS C 278 13.50 40.58 -14.71
C LYS C 278 13.83 41.17 -13.35
N GLN C 279 13.09 40.76 -12.32
CA GLN C 279 13.35 41.25 -10.98
C GLN C 279 14.74 40.86 -10.50
N LEU C 280 15.14 39.62 -10.76
CA LEU C 280 16.46 39.14 -10.36
C LEU C 280 17.57 39.94 -11.04
N PHE C 281 17.45 40.17 -12.34
CA PHE C 281 18.47 40.93 -13.05
C PHE C 281 18.47 42.38 -12.60
N ASN C 282 17.30 42.94 -12.29
CA ASN C 282 17.25 44.30 -11.76
C ASN C 282 18.00 44.41 -10.45
N ASP C 283 17.79 43.46 -9.55
CA ASP C 283 18.50 43.49 -8.27
C ASP C 283 20.00 43.26 -8.47
N PHE C 284 20.37 42.40 -9.41
CA PHE C 284 21.79 42.19 -9.70
C PHE C 284 22.44 43.48 -10.20
N LEU C 285 21.78 44.18 -11.11
CA LEU C 285 22.33 45.45 -11.59
C LEU C 285 22.40 46.48 -10.49
N TYR C 286 21.40 46.50 -9.60
CA TYR C 286 21.43 47.41 -8.46
C TYR C 286 22.65 47.13 -7.58
N GLN C 287 22.90 45.86 -7.27
CA GLN C 287 24.07 45.51 -6.49
C GLN C 287 25.36 45.91 -7.21
N MET C 288 25.44 45.65 -8.52
CA MET C 288 26.65 45.96 -9.26
C MET C 288 26.93 47.46 -9.23
N LYS C 289 25.91 48.28 -9.45
CA LYS C 289 26.09 49.73 -9.40
C LYS C 289 26.48 50.17 -8.00
N GLU C 290 25.84 49.61 -6.96
CA GLU C 290 26.04 50.11 -5.62
C GLU C 290 27.41 49.72 -5.05
N TYR C 291 27.67 48.42 -4.95
CA TYR C 291 28.77 47.96 -4.11
C TYR C 291 30.08 47.70 -4.85
N GLY C 292 30.06 47.49 -6.17
CA GLY C 292 31.28 47.44 -6.94
C GLY C 292 31.37 46.20 -7.81
N ILE C 293 32.44 46.15 -8.61
CA ILE C 293 32.60 45.09 -9.59
C ILE C 293 32.93 43.76 -8.91
N TYR C 294 33.80 43.79 -7.89
CA TYR C 294 34.11 42.56 -7.18
C TYR C 294 32.89 41.97 -6.50
N ALA C 295 31.95 42.83 -6.08
CA ALA C 295 30.68 42.35 -5.56
C ALA C 295 29.90 41.61 -6.64
N ALA C 296 29.82 42.19 -7.84
CA ALA C 296 29.14 41.52 -8.93
C ALA C 296 29.83 40.22 -9.31
N SER C 297 31.14 40.12 -9.04
CA SER C 297 31.86 38.89 -9.38
C SER C 297 31.36 37.69 -8.59
N ILE C 298 30.64 37.93 -7.50
CA ILE C 298 30.07 36.85 -6.70
C ILE C 298 28.56 36.82 -6.91
N ALA C 299 27.99 38.01 -7.12
CA ALA C 299 26.57 38.08 -7.44
C ALA C 299 26.24 37.27 -8.69
N ILE C 300 27.14 37.29 -9.68
CA ILE C 300 26.90 36.56 -10.92
C ILE C 300 26.94 35.05 -10.67
N ILE C 301 27.81 34.60 -9.77
CA ILE C 301 27.83 33.19 -9.40
C ILE C 301 26.52 32.82 -8.72
N SER C 302 26.00 33.74 -7.89
CA SER C 302 24.70 33.50 -7.26
C SER C 302 23.59 33.37 -8.31
N LEU C 303 23.61 34.23 -9.32
CA LEU C 303 22.61 34.13 -10.38
C LEU C 303 22.74 32.82 -11.13
N ILE C 304 23.97 32.39 -11.42
CA ILE C 304 24.17 31.09 -12.06
C ILE C 304 23.57 29.98 -11.21
N VAL C 305 23.90 29.94 -9.92
CA VAL C 305 23.47 28.83 -9.09
C VAL C 305 21.96 28.85 -8.84
N GLU C 306 21.32 30.01 -8.90
CA GLU C 306 19.87 30.04 -8.73
C GLU C 306 19.12 29.75 -10.02
N PHE C 307 19.64 30.22 -11.15
CA PHE C 307 19.03 29.87 -12.43
C PHE C 307 19.15 28.39 -12.72
N ASP C 308 20.25 27.76 -12.27
CA ASP C 308 20.34 26.31 -12.41
C ASP C 308 19.23 25.62 -11.60
N ILE C 309 18.96 26.12 -10.40
CA ILE C 309 17.88 25.54 -9.59
C ILE C 309 16.54 25.71 -10.28
N LYS C 310 16.28 26.91 -10.82
CA LYS C 310 15.00 27.14 -11.49
C LYS C 310 14.86 26.26 -12.73
N ARG C 311 15.96 26.08 -13.48
CA ARG C 311 15.93 25.19 -14.63
C ARG C 311 15.64 23.75 -14.20
N ARG C 312 16.28 23.31 -13.11
CA ARG C 312 16.04 21.96 -12.62
C ARG C 312 14.61 21.77 -12.14
N GLN C 313 13.98 22.83 -11.62
CA GLN C 313 12.64 22.76 -11.07
C GLN C 313 11.55 23.09 -12.09
N ALA C 314 11.91 23.31 -13.35
CA ALA C 314 10.93 23.70 -14.36
C ALA C 314 10.17 22.47 -14.85
N GLU C 315 8.86 22.62 -15.01
CA GLU C 315 8.01 21.52 -15.48
C GLU C 315 7.84 21.54 -16.99
N THR C 316 7.32 22.63 -17.54
CA THR C 316 7.15 22.75 -18.98
C THR C 316 8.50 22.93 -19.67
N LEU C 317 8.60 22.39 -20.88
CA LEU C 317 9.86 22.47 -21.61
C LEU C 317 10.13 23.87 -22.15
N SER C 318 9.08 24.69 -22.28
CA SER C 318 9.28 26.06 -22.76
C SER C 318 10.10 26.88 -21.76
N VAL C 319 9.86 26.67 -20.47
CA VAL C 319 10.60 27.40 -19.44
C VAL C 319 12.08 27.05 -19.47
N LYS C 320 12.40 25.79 -19.78
CA LYS C 320 13.78 25.33 -19.72
C LYS C 320 14.66 26.05 -20.72
N LEU C 321 14.16 26.29 -21.93
CA LEU C 321 14.98 26.97 -22.94
C LEU C 321 15.28 28.40 -22.53
N MET C 322 14.27 29.11 -22.01
CA MET C 322 14.49 30.48 -21.55
C MET C 322 15.48 30.51 -20.40
N HIS C 323 15.36 29.57 -19.45
CA HIS C 323 16.29 29.55 -18.34
C HIS C 323 17.70 29.17 -18.77
N ARG C 324 17.84 28.29 -19.77
CA ARG C 324 19.16 27.96 -20.29
C ARG C 324 19.79 29.17 -20.98
N THR C 325 18.99 29.92 -21.74
CA THR C 325 19.50 31.16 -22.33
C THR C 325 19.95 32.14 -21.25
N ALA C 326 19.16 32.27 -20.18
CA ALA C 326 19.55 33.15 -19.08
C ALA C 326 20.83 32.66 -18.42
N LEU C 327 20.99 31.34 -18.27
CA LEU C 327 22.21 30.81 -17.66
C LEU C 327 23.42 31.07 -18.53
N THR C 328 23.28 30.91 -19.85
CA THR C 328 24.39 31.24 -20.75
C THR C 328 24.73 32.72 -20.67
N LEU C 329 23.71 33.56 -20.54
CA LEU C 329 23.95 35.00 -20.38
C LEU C 329 24.72 35.29 -19.10
N CYS C 330 24.31 34.70 -17.98
CA CYS C 330 25.00 34.93 -16.73
C CYS C 330 26.42 34.37 -16.78
N GLU C 331 26.62 33.29 -17.53
CA GLU C 331 27.97 32.79 -17.75
C GLU C 331 28.83 33.80 -18.50
N LYS C 332 28.25 34.43 -19.53
CA LYS C 332 28.98 35.49 -20.24
C LYS C 332 29.32 36.65 -19.30
N ILE C 333 28.38 37.03 -18.44
CA ILE C 333 28.62 38.12 -17.49
C ILE C 333 29.76 37.76 -16.55
N ARG C 334 29.72 36.54 -16.00
CA ARG C 334 30.82 36.08 -15.15
C ARG C 334 32.14 36.09 -15.90
N HIS C 335 32.13 35.62 -17.15
CA HIS C 335 33.35 35.58 -17.94
C HIS C 335 33.94 36.97 -18.10
N LEU C 336 33.11 37.96 -18.41
CA LEU C 336 33.64 39.31 -18.62
C LEU C 336 34.07 39.96 -17.31
N LEU C 337 33.37 39.68 -16.20
CA LEU C 337 33.83 40.17 -14.90
C LEU C 337 35.21 39.63 -14.56
N VAL C 338 35.39 38.31 -14.68
CA VAL C 338 36.71 37.73 -14.39
C VAL C 338 37.73 38.20 -15.42
N GLN C 339 37.30 38.51 -16.64
CA GLN C 339 38.21 39.07 -17.63
C GLN C 339 38.74 40.42 -17.17
N LYS C 340 37.86 41.27 -16.62
CA LYS C 340 38.32 42.52 -16.03
C LYS C 340 39.27 42.27 -14.87
N LEU C 341 38.93 41.29 -14.02
CA LEU C 341 39.80 40.98 -12.89
C LEU C 341 41.19 40.57 -13.34
N GLN C 342 41.28 39.72 -14.37
CA GLN C 342 42.58 39.24 -14.84
C GLN C 342 43.32 40.28 -15.67
N ASP C 343 42.60 41.18 -16.34
CA ASP C 343 43.26 42.30 -16.99
C ASP C 343 43.88 43.24 -15.96
N MET C 344 43.26 43.35 -14.79
CA MET C 344 43.90 44.00 -13.67
C MET C 344 44.86 42.98 -13.03
N THR C 345 45.53 43.37 -11.94
CA THR C 345 46.38 42.48 -11.14
C THR C 345 47.63 42.04 -11.88
N TYR C 346 48.15 42.88 -12.78
CA TYR C 346 49.46 42.66 -13.38
C TYR C 346 50.58 43.29 -12.56
N ASP C 347 50.25 44.03 -11.50
CA ASP C 347 51.27 44.79 -10.78
C ASP C 347 52.15 43.90 -9.90
N ASP C 348 51.55 42.95 -9.19
CA ASP C 348 52.26 42.18 -8.19
C ASP C 348 52.00 40.69 -8.36
N ASP C 349 52.95 39.89 -7.87
CA ASP C 349 52.83 38.44 -7.87
C ASP C 349 52.48 37.84 -6.52
N ASP C 350 52.42 38.66 -5.48
CA ASP C 350 52.01 38.19 -4.15
C ASP C 350 50.51 37.92 -4.19
N ASP C 351 50.13 36.65 -4.35
CA ASP C 351 48.74 36.30 -4.64
C ASP C 351 47.81 36.74 -3.50
N ASN C 352 48.24 36.57 -2.25
CA ASN C 352 47.44 37.06 -1.13
C ASN C 352 47.32 38.58 -1.17
N VAL C 353 48.46 39.27 -1.30
CA VAL C 353 48.44 40.73 -1.37
C VAL C 353 47.76 41.18 -2.65
N ASN C 354 47.93 40.44 -3.75
CA ASN C 354 47.26 40.80 -4.99
C ASN C 354 45.75 40.72 -4.85
N THR C 355 45.24 39.65 -4.23
CA THR C 355 43.81 39.51 -4.01
C THR C 355 43.29 40.61 -3.09
N GLU C 356 44.01 40.89 -1.99
CA GLU C 356 43.56 41.94 -1.08
C GLU C 356 43.55 43.30 -1.78
N GLU C 357 44.57 43.57 -2.59
CA GLU C 357 44.65 44.88 -3.25
C GLU C 357 43.62 45.01 -4.37
N VAL C 358 43.30 43.92 -5.08
CA VAL C 358 42.26 44.03 -6.10
C VAL C 358 40.89 44.16 -5.44
N ILE C 359 40.69 43.52 -4.29
CA ILE C 359 39.45 43.74 -3.54
C ILE C 359 39.36 45.19 -3.09
N MET C 360 40.46 45.74 -2.60
CA MET C 360 40.47 47.14 -2.19
C MET C 360 40.22 48.08 -3.37
N ASN C 361 40.77 47.76 -4.53
CA ASN C 361 40.65 48.63 -5.69
C ASN C 361 39.26 48.59 -6.30
N PHE C 362 38.83 47.40 -6.74
CA PHE C 362 37.55 47.29 -7.44
C PHE C 362 36.35 47.56 -6.55
N SER C 363 36.54 47.51 -5.23
CA SER C 363 35.45 47.88 -4.34
C SER C 363 35.10 49.35 -4.50
N THR C 364 33.81 49.65 -4.42
CA THR C 364 33.38 51.03 -4.40
C THR C 364 33.91 51.70 -3.14
N PRO C 365 34.06 53.03 -3.17
CA PRO C 365 34.58 53.72 -1.98
C PRO C 365 33.81 53.41 -0.70
N LYS C 366 32.50 53.25 -0.79
CA LYS C 366 31.70 52.91 0.39
C LYS C 366 32.13 51.56 0.96
N VAL C 367 32.26 50.55 0.09
CA VAL C 367 32.66 49.23 0.56
C VAL C 367 34.12 49.22 0.98
N GLN C 368 34.97 50.03 0.34
CA GLN C 368 36.34 50.19 0.81
C GLN C 368 36.37 50.71 2.24
N ARG C 369 35.55 51.72 2.51
CA ARG C 369 35.48 52.27 3.86
C ARG C 369 34.95 51.24 4.83
N PHE C 370 33.97 50.45 4.41
CA PHE C 370 33.49 49.34 5.23
C PHE C 370 34.62 48.38 5.57
N LEU C 371 35.40 47.97 4.56
CA LEU C 371 36.46 47.00 4.77
C LEU C 371 37.48 47.52 5.78
N MET C 372 37.97 48.74 5.56
CA MET C 372 39.05 49.19 6.44
C MET C 372 38.52 49.67 7.79
N SER C 373 37.25 50.05 7.88
CA SER C 373 36.64 50.28 9.19
C SER C 373 36.57 48.99 9.98
N LEU C 374 36.19 47.88 9.33
CA LEU C 374 36.24 46.59 9.99
C LEU C 374 37.68 46.25 10.40
N LYS C 375 38.64 46.52 9.52
CA LYS C 375 40.03 46.20 9.81
C LYS C 375 40.54 46.96 11.03
N VAL C 376 40.20 48.25 11.14
CA VAL C 376 40.65 49.03 12.29
C VAL C 376 39.82 48.74 13.54
N SER C 377 38.59 48.25 13.39
CA SER C 377 37.79 47.93 14.56
C SER C 377 38.26 46.65 15.24
N PHE C 378 38.65 45.65 14.45
CA PHE C 378 39.07 44.35 14.98
C PHE C 378 40.57 44.30 15.21
N ALA C 379 41.36 44.54 14.16
CA ALA C 379 42.81 44.64 14.24
C ALA C 379 43.42 43.39 14.88
N ASP C 380 42.97 42.22 14.45
CA ASP C 380 43.50 40.93 14.92
C ASP C 380 43.35 40.77 16.42
N LYS C 381 42.20 41.18 16.96
CA LYS C 381 41.90 40.92 18.36
C LYS C 381 41.40 39.49 18.53
N ASP C 382 41.12 39.12 19.78
CA ASP C 382 40.69 37.76 20.07
C ASP C 382 39.30 37.50 19.48
N PRO C 383 39.03 36.26 19.06
CA PRO C 383 37.70 35.95 18.49
C PRO C 383 36.56 36.15 19.47
N LYS C 384 36.79 35.91 20.77
CA LYS C 384 35.70 36.06 21.73
C LYS C 384 35.31 37.51 21.95
N ASP C 385 36.22 38.46 21.68
CA ASP C 385 35.90 39.87 21.77
C ASP C 385 35.01 40.36 20.63
N ILE C 386 34.79 39.54 19.61
CA ILE C 386 34.04 39.93 18.43
C ILE C 386 32.68 39.25 18.48
N CYS C 387 31.62 40.05 18.54
CA CYS C 387 30.25 39.55 18.48
C CYS C 387 29.38 40.72 18.08
N CYS C 388 28.81 40.67 16.87
CA CYS C 388 28.17 41.85 16.30
C CYS C 388 27.11 41.45 15.28
N LEU C 389 26.27 42.41 14.94
CA LEU C 389 25.31 42.30 13.84
C LEU C 389 25.61 43.36 12.79
N VAL C 390 25.52 42.96 11.52
CA VAL C 390 25.67 43.88 10.39
C VAL C 390 24.37 43.83 9.60
N PHE C 391 23.74 44.99 9.42
CA PHE C 391 22.44 45.08 8.76
C PHE C 391 22.60 45.75 7.40
N VAL C 392 22.16 45.06 6.35
CA VAL C 392 22.04 45.67 5.03
C VAL C 392 20.59 45.50 4.58
N GLU C 393 20.27 45.96 3.38
CA GLU C 393 18.88 46.06 2.95
C GLU C 393 18.34 44.77 2.37
N ARG C 394 18.97 44.27 1.31
CA ARG C 394 18.38 43.22 0.49
C ARG C 394 19.05 41.87 0.74
N ARG C 395 18.33 40.81 0.37
CA ARG C 395 18.80 39.45 0.61
C ARG C 395 20.00 39.11 -0.25
N TYR C 396 19.91 39.38 -1.56
CA TYR C 396 21.07 39.15 -2.42
C TYR C 396 22.21 40.06 -2.04
N THR C 397 21.92 41.23 -1.47
CA THR C 397 22.96 42.05 -0.88
C THR C 397 23.69 41.30 0.22
N CYS C 398 22.94 40.63 1.10
CA CYS C 398 23.56 39.85 2.17
C CYS C 398 24.45 38.75 1.58
N LYS C 399 23.92 38.01 0.61
CA LYS C 399 24.69 36.89 0.05
C LYS C 399 25.97 37.40 -0.62
N CYS C 400 25.87 38.46 -1.42
CA CYS C 400 27.04 38.99 -2.11
C CYS C 400 28.05 39.57 -1.14
N ILE C 401 27.59 40.27 -0.10
CA ILE C 401 28.49 40.81 0.91
C ILE C 401 29.24 39.69 1.62
N TYR C 402 28.52 38.62 1.98
CA TYR C 402 29.17 37.45 2.57
C TYR C 402 30.21 36.86 1.63
N GLY C 403 29.85 36.70 0.35
CA GLY C 403 30.78 36.12 -0.61
C GLY C 403 32.05 36.93 -0.78
N LEU C 404 31.93 38.25 -0.75
CA LEU C 404 33.12 39.08 -0.85
C LEU C 404 33.90 39.11 0.46
N LEU C 405 33.21 39.03 1.60
CA LEU C 405 33.90 39.07 2.88
C LEU C 405 34.75 37.83 3.14
N LEU C 406 34.31 36.64 2.70
CA LEU C 406 35.20 35.48 2.83
C LEU C 406 36.52 35.71 2.08
N ASN C 407 36.45 36.21 0.85
CA ASN C 407 37.69 36.43 0.09
C ASN C 407 38.53 37.53 0.73
N TYR C 408 37.91 38.59 1.23
CA TYR C 408 38.68 39.65 1.87
C TYR C 408 39.38 39.13 3.12
N ILE C 409 38.67 38.35 3.94
CA ILE C 409 39.26 37.81 5.16
C ILE C 409 40.39 36.83 4.83
N GLN C 410 40.19 35.98 3.82
CA GLN C 410 41.23 35.05 3.41
C GLN C 410 42.44 35.77 2.86
N SER C 411 42.25 36.94 2.26
CA SER C 411 43.36 37.72 1.74
C SER C 411 44.13 38.48 2.82
N THR C 412 43.66 38.46 4.05
CA THR C 412 44.33 39.15 5.16
C THR C 412 44.66 38.16 6.27
N PRO C 413 45.94 37.88 6.53
CA PRO C 413 46.28 37.00 7.66
C PRO C 413 45.87 37.57 9.00
N GLU C 414 45.75 38.89 9.13
CA GLU C 414 45.39 39.50 10.40
C GLU C 414 43.94 39.23 10.79
N LEU C 415 43.08 38.91 9.83
CA LEU C 415 41.70 38.58 10.10
C LEU C 415 41.34 37.15 9.75
N ARG C 416 42.30 36.36 9.25
CA ARG C 416 42.00 35.02 8.77
C ARG C 416 41.50 34.11 9.88
N ASN C 417 42.12 34.18 11.05
CA ASN C 417 41.84 33.24 12.13
C ASN C 417 40.77 33.70 13.10
N VAL C 418 40.21 34.91 12.90
CA VAL C 418 39.34 35.52 13.89
C VAL C 418 37.92 35.75 13.37
N LEU C 419 37.75 36.11 12.11
CA LEU C 419 36.43 36.40 11.57
C LEU C 419 35.79 35.16 10.97
N THR C 420 34.53 34.91 11.34
CA THR C 420 33.71 33.84 10.79
C THR C 420 32.35 34.42 10.43
N PRO C 421 32.20 34.97 9.23
CA PRO C 421 30.95 35.66 8.86
C PRO C 421 29.81 34.67 8.62
N GLN C 422 28.60 35.23 8.59
CA GLN C 422 27.39 34.46 8.32
C GLN C 422 26.30 35.40 7.82
N PHE C 423 25.27 34.82 7.22
CA PHE C 423 24.15 35.60 6.70
C PHE C 423 22.87 34.79 6.78
N MET C 424 21.77 35.48 7.06
CA MET C 424 20.45 34.89 6.91
C MET C 424 19.44 36.00 6.67
N VAL C 425 18.29 35.63 6.10
CA VAL C 425 17.31 36.60 5.62
C VAL C 425 15.92 36.19 6.05
N GLY C 426 14.90 36.89 5.53
CA GLY C 426 13.53 36.65 5.91
C GLY C 426 12.88 35.43 5.28
N ARG C 427 11.59 35.55 4.95
CA ARG C 427 10.83 34.40 4.49
C ARG C 427 11.29 33.89 3.14
N ASN C 428 11.77 34.76 2.27
CA ASN C 428 12.22 34.36 0.94
C ASN C 428 13.53 33.59 1.10
N ASN C 429 13.39 32.30 1.39
CA ASN C 429 14.52 31.46 1.79
C ASN C 429 15.44 31.26 0.60
N ILE C 430 16.56 31.96 0.60
CA ILE C 430 17.59 31.80 -0.43
C ILE C 430 18.55 30.72 0.04
N SER C 431 19.09 29.99 -0.92
CA SER C 431 20.04 28.93 -0.61
C SER C 431 21.29 29.52 0.05
N PRO C 432 21.73 28.98 1.18
CA PRO C 432 22.93 29.50 1.84
C PRO C 432 24.25 29.01 1.26
N ASP C 433 24.24 28.44 0.06
CA ASP C 433 25.44 27.91 -0.57
C ASP C 433 25.70 28.64 -1.88
N PHE C 434 26.95 28.56 -2.35
CA PHE C 434 27.36 29.22 -3.59
C PHE C 434 27.73 28.22 -4.68
N GLU C 435 28.66 27.31 -4.41
CA GLU C 435 29.29 26.51 -5.45
C GLU C 435 28.58 25.19 -5.73
N SER C 436 27.47 24.90 -5.05
CA SER C 436 26.80 23.62 -5.18
C SER C 436 25.33 23.81 -5.52
N VAL C 437 24.77 22.81 -6.20
CA VAL C 437 23.36 22.77 -6.52
C VAL C 437 22.61 22.46 -5.22
N LEU C 438 21.28 22.61 -5.23
CA LEU C 438 20.50 22.49 -4.00
C LEU C 438 20.48 21.04 -3.55
N GLU C 439 21.36 20.71 -2.59
CA GLU C 439 21.38 19.39 -1.98
C GLU C 439 21.61 19.47 -0.48
N ARG C 440 21.61 20.66 0.10
CA ARG C 440 21.98 20.85 1.50
C ARG C 440 20.82 20.54 2.43
N LYS C 441 21.16 20.00 3.61
CA LYS C 441 20.19 19.75 4.68
C LYS C 441 20.87 20.16 5.99
N TRP C 442 20.70 21.43 6.36
CA TRP C 442 21.33 22.02 7.55
C TRP C 442 20.22 22.43 8.51
N GLN C 443 19.87 21.53 9.43
CA GLN C 443 18.73 21.75 10.31
C GLN C 443 18.97 22.94 11.24
N LYS C 444 20.18 23.07 11.79
CA LYS C 444 20.49 24.18 12.67
C LYS C 444 20.54 25.47 11.87
N SER C 445 19.58 26.37 12.11
CA SER C 445 19.56 27.64 11.40
C SER C 445 20.70 28.53 11.86
N ALA C 446 20.95 29.59 11.09
CA ALA C 446 22.09 30.46 11.36
C ALA C 446 22.00 31.13 12.73
N ILE C 447 20.78 31.31 13.24
CA ILE C 447 20.65 31.90 14.57
C ILE C 447 21.21 30.96 15.63
N GLN C 448 20.95 29.65 15.50
CA GLN C 448 21.52 28.69 16.44
C GLN C 448 23.04 28.63 16.30
N GLN C 449 23.54 28.70 15.06
CA GLN C 449 24.98 28.72 14.86
C GLN C 449 25.63 29.93 15.52
N PHE C 450 25.00 31.10 15.39
CA PHE C 450 25.52 32.29 16.05
C PHE C 450 25.44 32.16 17.56
N ARG C 451 24.36 31.56 18.08
CA ARG C 451 24.21 31.38 19.52
C ARG C 451 25.26 30.41 20.06
N ASP C 452 25.69 29.43 19.25
CA ASP C 452 26.74 28.52 19.66
C ASP C 452 28.11 29.17 19.72
N GLY C 453 28.26 30.37 19.15
CA GLY C 453 29.55 31.01 19.05
C GLY C 453 30.39 30.57 17.87
N ASN C 454 29.84 29.73 16.99
CA ASN C 454 30.59 29.29 15.82
C ASN C 454 30.92 30.46 14.91
N ALA C 455 29.96 31.37 14.72
CA ALA C 455 30.15 32.57 13.90
C ALA C 455 30.19 33.79 14.80
N ASN C 456 31.01 34.77 14.41
CA ASN C 456 31.19 35.99 15.18
C ASN C 456 30.65 37.24 14.48
N LEU C 457 30.82 37.35 13.16
CA LEU C 457 30.27 38.46 12.39
C LEU C 457 29.00 37.99 11.70
N MET C 458 27.91 38.72 11.91
CA MET C 458 26.61 38.33 11.37
C MET C 458 26.14 39.39 10.38
N ILE C 459 25.98 38.99 9.12
CA ILE C 459 25.34 39.81 8.11
C ILE C 459 23.87 39.42 8.07
N CYS C 460 22.99 40.41 7.97
CA CYS C 460 21.58 40.08 7.94
C CYS C 460 20.78 41.24 7.34
N SER C 461 19.60 40.91 6.82
CA SER C 461 18.64 41.90 6.37
C SER C 461 17.81 42.35 7.58
N SER C 462 16.70 43.02 7.32
CA SER C 462 15.83 43.47 8.40
C SER C 462 15.16 42.33 9.16
N VAL C 463 15.47 41.07 8.86
CA VAL C 463 14.85 39.94 9.55
C VAL C 463 15.21 39.95 11.03
N LEU C 464 16.44 40.36 11.35
CA LEU C 464 16.94 40.32 12.72
C LEU C 464 16.66 41.58 13.51
N GLU C 465 15.94 42.55 12.92
CA GLU C 465 15.74 43.82 13.62
C GLU C 465 14.75 43.68 14.77
N GLU C 466 13.80 42.76 14.67
CA GLU C 466 12.73 42.65 15.66
C GLU C 466 12.55 41.21 16.10
N GLY C 467 12.14 41.04 17.35
CA GLY C 467 11.72 39.74 17.88
C GLY C 467 12.77 38.73 18.29
N ILE C 468 13.71 38.41 17.40
CA ILE C 468 14.67 37.36 17.67
C ILE C 468 15.64 37.81 18.75
N ASP C 469 15.83 36.97 19.77
CA ASP C 469 16.72 37.28 20.88
C ASP C 469 18.11 36.71 20.59
N VAL C 470 19.13 37.56 20.72
CA VAL C 470 20.50 37.21 20.39
C VAL C 470 21.38 37.67 21.56
N GLN C 471 22.56 37.06 21.66
CA GLN C 471 23.55 37.51 22.63
C GLN C 471 23.79 39.00 22.50
N ALA C 472 24.13 39.64 23.62
CA ALA C 472 24.32 41.08 23.63
C ALA C 472 25.59 41.44 22.87
N CYS C 473 25.44 41.73 21.58
CA CYS C 473 26.59 41.90 20.71
C CYS C 473 27.35 43.19 21.02
N ASN C 474 28.64 43.17 20.73
CA ASN C 474 29.54 44.26 21.08
C ASN C 474 29.67 45.32 20.00
N HIS C 475 29.11 45.11 18.82
CA HIS C 475 29.19 46.11 17.76
C HIS C 475 27.95 46.03 16.89
N VAL C 476 27.68 47.12 16.19
CA VAL C 476 26.59 47.21 15.22
C VAL C 476 27.05 48.08 14.06
N PHE C 477 27.04 47.52 12.86
CA PHE C 477 27.43 48.24 11.65
C PHE C 477 26.25 48.26 10.68
N ILE C 478 25.68 49.43 10.46
CA ILE C 478 24.52 49.60 9.57
C ILE C 478 25.08 50.08 8.23
N LEU C 479 25.35 49.14 7.33
CA LEU C 479 25.94 49.49 6.04
C LEU C 479 24.99 50.34 5.20
N ASP C 480 23.71 49.98 5.18
CA ASP C 480 22.76 50.71 4.36
C ASP C 480 22.10 51.83 5.16
N PRO C 481 21.66 52.90 4.48
CA PRO C 481 21.16 54.06 5.22
C PRO C 481 19.95 53.73 6.08
N VAL C 482 19.91 54.37 7.25
CA VAL C 482 18.74 54.26 8.12
C VAL C 482 17.58 55.03 7.49
N LYS C 483 16.41 54.40 7.45
CA LYS C 483 15.25 54.97 6.79
C LYS C 483 13.99 55.05 7.63
N THR C 484 13.92 54.35 8.76
CA THR C 484 12.73 54.36 9.60
C THR C 484 13.11 54.51 11.06
N PHE C 485 12.18 55.05 11.84
CA PHE C 485 12.44 55.34 13.24
C PHE C 485 12.55 54.07 14.08
N ASN C 486 11.57 53.17 13.93
CA ASN C 486 11.56 51.95 14.74
C ASN C 486 12.78 51.09 14.45
N MET C 487 13.17 50.97 13.18
CA MET C 487 14.32 50.13 12.85
C MET C 487 15.60 50.71 13.44
N TYR C 488 15.75 52.03 13.40
CA TYR C 488 16.90 52.65 14.06
C TYR C 488 16.90 52.38 15.56
N VAL C 489 15.73 52.53 16.19
CA VAL C 489 15.63 52.32 17.64
C VAL C 489 16.03 50.91 18.00
N GLN C 490 15.55 49.93 17.23
CA GLN C 490 15.83 48.54 17.56
C GLN C 490 17.25 48.13 17.16
N SER C 491 17.78 48.68 16.07
CA SER C 491 19.16 48.39 15.69
C SER C 491 20.14 48.93 16.72
N LYS C 492 19.89 50.13 17.23
CA LYS C 492 20.71 50.62 18.33
C LYS C 492 20.49 49.79 19.59
N GLY C 493 19.37 49.07 19.67
CA GLY C 493 19.12 48.15 20.76
C GLY C 493 19.75 46.79 20.60
N ARG C 494 20.37 46.51 19.45
CA ARG C 494 21.06 45.25 19.24
C ARG C 494 22.52 45.29 19.69
N ALA C 495 23.04 46.46 20.04
CA ALA C 495 24.32 46.58 20.73
C ALA C 495 24.04 46.70 22.23
N ARG C 496 23.46 45.63 22.76
CA ARG C 496 22.87 45.62 24.10
C ARG C 496 23.91 45.72 25.21
N THR C 497 25.18 45.40 24.94
CA THR C 497 26.19 45.29 25.97
C THR C 497 26.90 46.63 26.20
N THR C 498 27.82 46.63 27.15
CA THR C 498 28.63 47.80 27.44
C THR C 498 29.71 47.98 26.37
N GLU C 499 30.29 49.19 26.34
CA GLU C 499 31.40 49.55 25.46
C GLU C 499 31.14 49.21 23.99
N ALA C 500 29.88 49.01 23.63
CA ALA C 500 29.54 48.66 22.26
C ALA C 500 29.68 49.88 21.34
N LYS C 501 29.90 49.62 20.06
CA LYS C 501 30.11 50.65 19.07
C LYS C 501 29.08 50.53 17.96
N PHE C 502 28.45 51.66 17.60
CA PHE C 502 27.47 51.72 16.53
C PHE C 502 28.06 52.51 15.39
N VAL C 503 28.23 51.86 14.23
CA VAL C 503 28.91 52.45 13.09
C VAL C 503 27.91 52.54 11.93
N LEU C 504 27.75 53.76 11.40
CA LEU C 504 26.89 54.01 10.26
C LEU C 504 27.70 54.57 9.11
N PHE C 505 27.49 54.04 7.91
CA PHE C 505 28.25 54.42 6.73
C PHE C 505 27.39 55.33 5.86
N THR C 506 27.88 56.54 5.59
CA THR C 506 27.11 57.56 4.90
C THR C 506 27.91 58.16 3.76
N ALA C 507 27.20 58.69 2.77
CA ALA C 507 27.82 59.35 1.64
C ALA C 507 28.33 60.73 2.02
N ASP C 508 29.42 61.15 1.38
CA ASP C 508 29.99 62.46 1.64
C ASP C 508 29.03 63.58 1.24
N LYS C 509 28.47 63.49 0.04
CA LYS C 509 27.60 64.53 -0.47
C LYS C 509 26.19 64.47 0.13
N GLU C 510 25.83 63.38 0.81
CA GLU C 510 24.55 63.25 1.47
C GLU C 510 24.69 63.18 2.99
N ARG C 511 25.80 63.68 3.52
CA ARG C 511 26.05 63.58 4.96
C ARG C 511 25.18 64.56 5.75
N GLU C 512 24.94 65.75 5.18
CA GLU C 512 24.18 66.76 5.91
C GLU C 512 22.73 66.32 6.11
N LYS C 513 22.08 65.82 5.06
CA LYS C 513 20.72 65.34 5.21
C LYS C 513 20.68 64.10 6.12
N THR C 514 21.72 63.28 6.08
CA THR C 514 21.77 62.12 6.97
C THR C 514 21.81 62.55 8.44
N ILE C 515 22.68 63.52 8.77
CA ILE C 515 22.75 63.97 10.15
C ILE C 515 21.47 64.69 10.56
N GLN C 516 20.84 65.39 9.61
CA GLN C 516 19.56 66.02 9.90
C GLN C 516 18.51 64.98 10.24
N GLN C 517 18.43 63.90 9.45
CA GLN C 517 17.46 62.85 9.71
C GLN C 517 17.75 62.14 11.03
N ILE C 518 19.02 61.88 11.32
CA ILE C 518 19.38 61.24 12.58
C ILE C 518 19.02 62.13 13.76
N TYR C 519 19.25 63.44 13.63
CA TYR C 519 18.87 64.37 14.69
C TYR C 519 17.36 64.38 14.89
N GLN C 520 16.60 64.35 13.79
CA GLN C 520 15.15 64.30 13.90
C GLN C 520 14.71 63.02 14.61
N TYR C 521 15.36 61.90 14.30
CA TYR C 521 15.04 60.65 14.98
C TYR C 521 15.35 60.76 16.47
N ARG C 522 16.47 61.41 16.82
CA ARG C 522 16.81 61.61 18.22
C ARG C 522 15.75 62.44 18.93
N LYS C 523 15.30 63.52 18.29
CA LYS C 523 14.25 64.34 18.89
C LYS C 523 12.97 63.54 19.07
N ALA C 524 12.60 62.73 18.07
CA ALA C 524 11.41 61.92 18.19
C ALA C 524 11.52 60.92 19.33
N HIS C 525 12.68 60.26 19.45
CA HIS C 525 12.86 59.27 20.50
C HIS C 525 12.87 59.92 21.88
N ASN C 526 13.32 61.17 21.96
CA ASN C 526 13.23 61.89 23.22
C ASN C 526 11.80 62.33 23.50
N ASP C 527 11.01 62.57 22.46
CA ASP C 527 9.65 63.07 22.63
C ASP C 527 8.60 61.97 22.80
N ILE C 528 8.95 60.71 22.53
CA ILE C 528 7.96 59.63 22.69
C ILE C 528 7.46 59.56 24.13
N ALA C 529 8.37 59.71 25.10
CA ALA C 529 7.98 59.64 26.50
C ALA C 529 7.32 60.92 26.99
N GLU C 530 7.31 61.98 26.18
CA GLU C 530 6.77 63.24 26.64
C GLU C 530 5.26 63.19 26.81
N TYR C 531 4.55 62.42 25.97
CA TYR C 531 3.10 62.32 26.15
C TYR C 531 2.76 61.64 27.46
N LEU C 532 3.47 60.55 27.80
CA LEU C 532 3.20 59.87 29.06
C LEU C 532 3.65 60.68 30.26
N LYS C 533 4.76 61.42 30.13
CA LYS C 533 5.22 62.25 31.24
C LYS C 533 4.28 63.42 31.47
N ASP C 534 3.75 64.00 30.40
CA ASP C 534 2.84 65.13 30.49
C ASP C 534 1.38 64.71 30.56
N ARG C 535 1.10 63.41 30.57
CA ARG C 535 -0.28 62.94 30.59
C ARG C 535 -0.97 63.34 31.90
N VAL C 536 -2.19 63.83 31.79
CA VAL C 536 -3.00 64.11 32.96
C VAL C 536 -3.43 62.79 33.59
N LEU C 537 -3.26 62.69 34.91
CA LEU C 537 -3.47 61.43 35.62
C LEU C 537 -4.96 61.10 35.61
N GLU C 538 -5.36 60.20 34.71
CA GLU C 538 -6.76 59.80 34.58
C GLU C 538 -6.82 58.42 33.97
N LYS C 539 -7.94 57.74 34.19
CA LYS C 539 -8.11 56.38 33.72
C LYS C 539 -8.29 56.36 32.20
N THR C 540 -8.43 55.14 31.66
CA THR C 540 -8.77 54.91 30.25
C THR C 540 -9.87 53.85 30.23
N GLU C 541 -11.13 54.29 30.29
CA GLU C 541 -12.25 53.36 30.39
C GLU C 541 -13.54 53.90 29.76
N PRO C 542 -14.08 55.03 30.23
CA PRO C 542 -15.46 55.37 29.85
C PRO C 542 -15.66 55.69 28.38
N GLU C 543 -14.59 55.97 27.63
CA GLU C 543 -14.72 56.42 26.24
C GLU C 543 -14.89 55.23 25.31
N LEU C 544 -16.03 54.54 25.47
CA LEU C 544 -16.38 53.46 24.54
C LEU C 544 -16.61 53.99 23.13
N TYR C 545 -17.05 55.25 23.02
CA TYR C 545 -17.28 55.84 21.71
C TYR C 545 -16.00 55.89 20.88
N GLU C 546 -14.84 56.04 21.52
CA GLU C 546 -13.58 56.00 20.80
C GLU C 546 -13.41 54.67 20.07
N ILE C 547 -13.57 53.57 20.80
CA ILE C 547 -13.45 52.24 20.21
C ILE C 547 -14.51 52.03 19.14
N LYS C 548 -15.75 52.45 19.43
CA LYS C 548 -16.84 52.26 18.48
C LYS C 548 -16.55 52.97 17.16
N GLY C 549 -16.12 54.23 17.23
CA GLY C 549 -15.79 54.95 16.01
C GLY C 549 -14.57 54.37 15.32
N HIS C 550 -13.60 53.87 16.09
CA HIS C 550 -12.37 53.36 15.50
C HIS C 550 -12.62 52.11 14.65
N PHE C 551 -13.54 51.24 15.08
CA PHE C 551 -13.77 49.99 14.37
C PHE C 551 -14.96 50.04 13.42
N GLN C 552 -15.88 50.99 13.58
CA GLN C 552 -17.02 51.09 12.68
C GLN C 552 -16.67 51.77 11.37
N ASP C 553 -15.45 52.31 11.25
CA ASP C 553 -15.04 52.94 10.00
C ASP C 553 -15.01 51.93 8.86
N ASP C 554 -14.59 50.70 9.14
CA ASP C 554 -14.46 49.67 8.11
C ASP C 554 -15.84 49.08 7.82
N ILE C 555 -15.87 47.98 7.07
CA ILE C 555 -17.12 47.32 6.71
C ILE C 555 -17.60 46.47 7.88
N ASP C 556 -18.89 46.55 8.17
CA ASP C 556 -19.45 45.83 9.30
C ASP C 556 -19.36 44.32 9.10
N PRO C 557 -19.14 43.56 10.16
CA PRO C 557 -19.01 42.12 10.05
C PRO C 557 -20.36 41.44 9.98
N PHE C 558 -20.33 40.11 9.97
CA PHE C 558 -21.53 39.28 9.88
C PHE C 558 -21.44 38.16 10.92
N THR C 559 -22.57 37.85 11.54
CA THR C 559 -22.65 36.80 12.56
C THR C 559 -23.92 36.01 12.37
N ASN C 560 -23.94 34.81 12.95
CA ASN C 560 -25.08 33.92 12.85
C ASN C 560 -25.16 33.10 14.14
N GLU C 561 -25.91 32.01 14.10
CA GLU C 561 -26.02 31.13 15.26
C GLU C 561 -24.67 30.52 15.61
N ASN C 562 -24.57 30.06 16.85
CA ASN C 562 -23.36 29.47 17.44
C ASN C 562 -22.22 30.46 17.57
N GLY C 563 -22.46 31.74 17.24
CA GLY C 563 -21.45 32.77 17.39
C GLY C 563 -20.45 32.86 16.25
N ALA C 564 -20.60 32.06 15.20
CA ALA C 564 -19.66 32.11 14.08
C ALA C 564 -19.73 33.48 13.41
N VAL C 565 -18.58 34.17 13.38
CA VAL C 565 -18.50 35.52 12.85
C VAL C 565 -17.48 35.53 11.72
N LEU C 566 -17.87 36.12 10.58
CA LEU C 566 -16.99 36.28 9.44
C LEU C 566 -16.39 37.68 9.47
N LEU C 567 -15.07 37.74 9.35
CA LEU C 567 -14.39 39.03 9.28
C LEU C 567 -14.39 39.52 7.83
N PRO C 568 -14.97 40.67 7.53
CA PRO C 568 -14.96 41.17 6.14
C PRO C 568 -13.57 41.33 5.57
N ASN C 569 -12.59 41.70 6.39
CA ASN C 569 -11.21 41.78 5.93
C ASN C 569 -10.62 40.40 5.64
N ASN C 570 -11.30 39.33 6.06
CA ASN C 570 -10.83 37.97 5.86
C ASN C 570 -11.54 37.26 4.70
N ALA C 571 -12.32 38.01 3.90
CA ALA C 571 -13.18 37.37 2.92
C ALA C 571 -12.39 36.86 1.71
N LEU C 572 -11.34 37.57 1.31
CA LEU C 572 -10.60 37.17 0.13
C LEU C 572 -9.95 35.81 0.32
N ALA C 573 -9.37 35.56 1.51
CA ALA C 573 -8.71 34.30 1.75
C ALA C 573 -9.69 33.13 1.68
N ILE C 574 -10.86 33.28 2.32
CA ILE C 574 -11.82 32.18 2.34
C ILE C 574 -12.41 31.97 0.96
N LEU C 575 -12.66 33.05 0.21
CA LEU C 575 -13.16 32.87 -1.16
C LEU C 575 -12.14 32.15 -2.03
N HIS C 576 -10.87 32.56 -1.94
CA HIS C 576 -9.85 31.90 -2.76
C HIS C 576 -9.71 30.43 -2.36
N ARG C 577 -9.75 30.13 -1.07
CA ARG C 577 -9.68 28.74 -0.64
C ARG C 577 -10.86 27.94 -1.15
N TYR C 578 -12.08 28.47 -1.03
CA TYR C 578 -13.26 27.76 -1.51
C TYR C 578 -13.25 27.62 -3.02
N CYS C 579 -12.86 28.66 -3.73
CA CYS C 579 -12.84 28.60 -5.19
C CYS C 579 -11.68 27.77 -5.71
N GLN C 580 -10.73 27.41 -4.87
CA GLN C 580 -9.63 26.52 -5.24
C GLN C 580 -9.97 25.05 -5.09
N THR C 581 -11.15 24.72 -4.56
CA THR C 581 -11.58 23.35 -4.41
C THR C 581 -12.36 22.83 -5.61
N ILE C 582 -12.64 23.68 -6.59
CA ILE C 582 -13.44 23.30 -7.75
C ILE C 582 -12.64 22.35 -8.64
N PRO C 583 -13.29 21.44 -9.37
CA PRO C 583 -12.56 20.61 -10.33
C PRO C 583 -12.10 21.42 -11.53
N THR C 584 -10.80 21.65 -11.65
CA THR C 584 -10.26 22.50 -12.70
C THR C 584 -10.30 21.78 -14.05
N ASP C 585 -10.38 22.57 -15.11
CA ASP C 585 -10.28 22.07 -16.47
C ASP C 585 -8.80 21.93 -16.85
N ALA C 586 -8.53 21.78 -18.14
CA ALA C 586 -7.14 21.75 -18.59
C ALA C 586 -6.41 23.03 -18.21
N PHE C 587 -7.06 24.18 -18.40
CA PHE C 587 -6.56 25.45 -17.89
C PHE C 587 -7.70 26.24 -17.26
N GLY C 588 -8.65 25.55 -16.63
CA GLY C 588 -9.69 26.23 -15.90
C GLY C 588 -9.12 27.00 -14.72
N PHE C 589 -9.71 28.16 -14.45
CA PHE C 589 -9.22 29.06 -13.42
C PHE C 589 -9.97 28.83 -12.13
N VAL C 590 -9.22 28.68 -11.04
CA VAL C 590 -9.79 28.37 -9.74
C VAL C 590 -9.87 29.63 -8.84
N ILE C 591 -9.92 30.80 -9.46
CA ILE C 591 -9.98 32.06 -8.71
C ILE C 591 -11.14 32.91 -9.24
N PRO C 592 -11.81 33.69 -8.39
CA PRO C 592 -12.78 34.66 -8.90
C PRO C 592 -12.09 35.69 -9.77
N TRP C 593 -12.81 36.17 -10.79
CA TRP C 593 -12.30 37.21 -11.67
C TRP C 593 -12.92 38.54 -11.28
N PHE C 594 -12.07 39.55 -11.06
CA PHE C 594 -12.49 40.86 -10.62
C PHE C 594 -12.38 41.84 -11.77
N HIS C 595 -13.45 42.59 -12.02
CA HIS C 595 -13.51 43.54 -13.12
C HIS C 595 -14.24 44.78 -12.65
N VAL C 596 -13.51 45.88 -12.47
CA VAL C 596 -14.13 47.12 -12.05
C VAL C 596 -15.01 47.66 -13.16
N LEU C 597 -16.22 48.08 -12.80
CA LEU C 597 -17.14 48.63 -13.78
C LEU C 597 -16.63 49.98 -14.29
N GLN C 598 -16.95 50.28 -15.54
CA GLN C 598 -16.51 51.53 -16.13
C GLN C 598 -17.25 52.70 -15.48
N GLU C 599 -16.92 53.91 -15.93
CA GLU C 599 -17.36 55.11 -15.23
C GLU C 599 -18.88 55.24 -15.23
N ASP C 600 -19.52 54.98 -16.37
CA ASP C 600 -20.95 55.18 -16.49
C ASP C 600 -21.76 53.90 -16.29
N GLU C 601 -21.13 52.81 -15.85
CA GLU C 601 -21.85 51.62 -15.42
C GLU C 601 -22.24 51.68 -13.95
N ARG C 602 -21.71 52.64 -13.20
CA ARG C 602 -22.06 52.75 -11.79
C ARG C 602 -23.52 53.10 -11.62
N ASP C 603 -24.01 54.04 -12.43
CA ASP C 603 -25.44 54.37 -12.45
C ASP C 603 -26.27 53.31 -13.15
N ARG C 604 -25.66 52.47 -13.98
CA ARG C 604 -26.39 51.39 -14.64
C ARG C 604 -26.94 50.38 -13.65
N ILE C 605 -26.31 50.24 -12.49
CA ILE C 605 -26.68 49.23 -11.50
C ILE C 605 -27.33 49.86 -10.27
N PHE C 606 -26.67 50.86 -9.68
CA PHE C 606 -27.13 51.44 -8.42
C PHE C 606 -27.66 52.87 -8.54
N GLY C 607 -27.46 53.53 -9.68
CA GLY C 607 -27.95 54.88 -9.87
C GLY C 607 -26.85 55.92 -9.77
N VAL C 608 -27.26 57.18 -10.00
CA VAL C 608 -26.34 58.29 -10.03
C VAL C 608 -25.73 58.61 -8.68
N SER C 609 -26.28 58.04 -7.59
CA SER C 609 -25.78 58.31 -6.26
C SER C 609 -24.37 57.79 -6.03
N ALA C 610 -23.85 56.94 -6.92
CA ALA C 610 -22.55 56.30 -6.76
C ALA C 610 -21.61 56.68 -7.90
N LYS C 611 -21.56 57.96 -8.25
CA LYS C 611 -20.63 58.40 -9.29
C LYS C 611 -19.18 58.21 -8.87
N GLY C 612 -18.83 58.72 -7.68
CA GLY C 612 -17.47 58.58 -7.20
C GLY C 612 -17.19 57.31 -6.43
N LYS C 613 -18.24 56.63 -5.96
CA LYS C 613 -18.08 55.38 -5.24
C LYS C 613 -17.86 54.25 -6.23
N HIS C 614 -16.70 53.60 -6.14
CA HIS C 614 -16.37 52.54 -7.08
C HIS C 614 -17.24 51.31 -6.84
N VAL C 615 -17.55 50.60 -7.93
CA VAL C 615 -18.29 49.34 -7.88
C VAL C 615 -17.59 48.34 -8.79
N ILE C 616 -17.42 47.11 -8.30
CA ILE C 616 -16.73 46.06 -9.04
C ILE C 616 -17.60 44.81 -9.02
N SER C 617 -17.52 44.03 -10.09
CA SER C 617 -18.20 42.75 -10.19
C SER C 617 -17.25 41.61 -9.88
N ILE C 618 -17.78 40.55 -9.28
CA ILE C 618 -17.03 39.33 -9.02
C ILE C 618 -17.55 38.26 -9.96
N ASN C 619 -16.66 37.70 -10.77
CA ASN C 619 -17.02 36.67 -11.74
C ASN C 619 -16.60 35.31 -11.19
N MET C 620 -17.56 34.41 -11.04
CA MET C 620 -17.30 33.08 -10.53
C MET C 620 -16.61 32.23 -11.60
N PRO C 621 -15.93 31.16 -11.20
CA PRO C 621 -15.28 30.29 -12.20
C PRO C 621 -16.30 29.54 -13.03
N VAL C 622 -15.79 28.87 -14.07
CA VAL C 622 -16.63 28.14 -15.01
C VAL C 622 -17.26 26.89 -14.40
N ASN C 623 -16.83 26.48 -13.21
CA ASN C 623 -17.37 25.29 -12.55
C ASN C 623 -17.86 25.59 -11.14
N CYS C 624 -18.19 26.84 -10.86
CA CYS C 624 -18.66 27.21 -9.53
C CYS C 624 -20.09 26.70 -9.30
N MET C 625 -20.51 26.74 -8.04
CA MET C 625 -21.89 26.40 -7.71
C MET C 625 -22.85 27.40 -8.35
N LEU C 626 -22.49 28.68 -8.33
CA LEU C 626 -23.20 29.71 -9.06
C LEU C 626 -22.35 30.18 -10.24
N ARG C 627 -22.91 30.11 -11.44
CA ARG C 627 -22.22 30.54 -12.64
C ARG C 627 -22.43 32.03 -12.93
N ASP C 628 -23.24 32.72 -12.13
CA ASP C 628 -23.53 34.13 -12.35
C ASP C 628 -22.41 34.99 -11.74
N THR C 629 -22.66 36.28 -11.63
CA THR C 629 -21.70 37.22 -11.06
C THR C 629 -22.38 38.08 -10.01
N ILE C 630 -21.58 38.54 -9.04
CA ILE C 630 -22.06 39.37 -7.95
C ILE C 630 -21.27 40.66 -7.94
N TYR C 631 -21.98 41.77 -7.73
CA TYR C 631 -21.41 43.10 -7.84
C TYR C 631 -21.19 43.70 -6.45
N SER C 632 -20.19 44.56 -6.34
CA SER C 632 -19.82 45.16 -5.07
C SER C 632 -20.76 46.31 -4.71
N ASP C 633 -20.77 46.65 -3.42
CA ASP C 633 -21.46 47.83 -2.96
C ASP C 633 -20.66 49.08 -3.34
N PRO C 634 -21.33 50.21 -3.54
CA PRO C 634 -20.60 51.45 -3.86
C PRO C 634 -19.70 51.87 -2.72
N MET C 635 -18.40 51.92 -2.99
CA MET C 635 -17.42 52.25 -1.98
C MET C 635 -16.42 53.26 -2.53
N ASP C 636 -15.82 54.03 -1.62
CA ASP C 636 -15.00 55.18 -2.01
C ASP C 636 -13.64 54.80 -2.56
N ASN C 637 -13.21 53.54 -2.44
CA ASN C 637 -11.91 53.15 -2.98
C ASN C 637 -12.01 51.73 -3.52
N VAL C 638 -11.06 51.40 -4.39
CA VAL C 638 -11.08 50.12 -5.09
C VAL C 638 -10.92 48.96 -4.10
N LYS C 639 -10.06 49.14 -3.09
CA LYS C 639 -9.80 48.04 -2.17
C LYS C 639 -10.99 47.77 -1.25
N THR C 640 -11.63 48.83 -0.75
CA THR C 640 -12.84 48.64 0.05
C THR C 640 -13.96 48.04 -0.79
N ALA C 641 -14.05 48.45 -2.06
CA ALA C 641 -15.02 47.83 -2.97
C ALA C 641 -14.73 46.34 -3.13
N LYS C 642 -13.46 45.98 -3.28
CA LYS C 642 -13.09 44.58 -3.43
C LYS C 642 -13.46 43.77 -2.19
N ILE C 643 -13.16 44.30 -1.01
CA ILE C 643 -13.45 43.55 0.22
C ILE C 643 -14.95 43.47 0.45
N SER C 644 -15.70 44.52 0.10
CA SER C 644 -17.15 44.47 0.23
C SER C 644 -17.75 43.44 -0.71
N ALA C 645 -17.25 43.38 -1.95
CA ALA C 645 -17.72 42.36 -2.89
C ALA C 645 -17.42 40.96 -2.38
N ALA C 646 -16.21 40.77 -1.85
CA ALA C 646 -15.84 39.47 -1.31
C ALA C 646 -16.72 39.08 -0.14
N PHE C 647 -17.01 40.04 0.74
CA PHE C 647 -17.87 39.75 1.89
C PHE C 647 -19.28 39.39 1.47
N LYS C 648 -19.83 40.13 0.50
CA LYS C 648 -21.17 39.82 0.02
C LYS C 648 -21.21 38.45 -0.66
N ALA C 649 -20.17 38.11 -1.42
CA ALA C 649 -20.10 36.79 -2.03
C ALA C 649 -20.04 35.71 -0.97
N CYS C 650 -19.26 35.92 0.09
CA CYS C 650 -19.23 34.95 1.18
C CYS C 650 -20.60 34.80 1.82
N LYS C 651 -21.28 35.94 2.04
CA LYS C 651 -22.60 35.89 2.68
C LYS C 651 -23.60 35.11 1.83
N VAL C 652 -23.62 35.35 0.52
CA VAL C 652 -24.58 34.64 -0.33
C VAL C 652 -24.21 33.17 -0.43
N LEU C 653 -22.92 32.85 -0.51
CA LEU C 653 -22.50 31.45 -0.57
C LEU C 653 -22.92 30.70 0.69
N TYR C 654 -22.76 31.33 1.86
CA TYR C 654 -23.19 30.68 3.09
C TYR C 654 -24.72 30.59 3.17
N SER C 655 -25.43 31.62 2.74
CA SER C 655 -26.88 31.59 2.79
C SER C 655 -27.47 30.60 1.81
N LEU C 656 -26.69 30.14 0.83
CA LEU C 656 -27.13 29.07 -0.05
C LEU C 656 -26.77 27.68 0.49
N GLY C 657 -26.18 27.61 1.68
CA GLY C 657 -25.92 26.34 2.31
C GLY C 657 -24.68 25.61 1.84
N GLU C 658 -23.90 26.20 0.94
CA GLU C 658 -22.70 25.52 0.46
C GLU C 658 -21.63 25.47 1.55
N LEU C 659 -21.36 26.60 2.19
CA LEU C 659 -20.35 26.67 3.24
C LEU C 659 -20.96 26.29 4.58
N ASN C 660 -20.23 25.50 5.36
CA ASN C 660 -20.72 25.05 6.65
C ASN C 660 -20.64 26.20 7.66
N GLU C 661 -20.98 25.88 8.92
CA GLU C 661 -20.95 26.88 9.97
C GLU C 661 -19.54 27.39 10.22
N ARG C 662 -18.53 26.53 10.06
CA ARG C 662 -17.14 26.96 10.18
C ARG C 662 -16.71 27.86 9.02
N PHE C 663 -17.52 27.97 7.97
CA PHE C 663 -17.26 28.71 6.74
C PHE C 663 -16.15 28.09 5.91
N VAL C 664 -15.51 27.04 6.39
CA VAL C 664 -14.47 26.32 5.65
C VAL C 664 -15.14 25.59 4.49
N PRO C 665 -14.47 25.43 3.35
CA PRO C 665 -15.05 24.62 2.28
C PRO C 665 -15.27 23.18 2.72
N LYS C 666 -16.34 22.58 2.21
CA LYS C 666 -16.69 21.21 2.57
C LYS C 666 -15.81 20.20 1.85
N THR C 667 -15.81 18.97 2.35
CA THR C 667 -14.87 17.94 1.93
C THR C 667 -15.60 16.82 1.18
N LEU C 668 -14.83 15.78 0.86
CA LEU C 668 -15.34 14.59 0.18
C LEU C 668 -15.29 13.40 1.12
N LYS C 669 -16.26 12.50 0.97
CA LYS C 669 -16.43 11.40 1.91
C LYS C 669 -15.69 10.13 1.46
N GLU C 670 -16.05 9.59 0.29
CA GLU C 670 -15.52 8.31 -0.14
C GLU C 670 -15.38 8.29 -1.65
N ARG C 671 -14.39 7.51 -2.12
CA ARG C 671 -14.18 7.32 -3.55
C ARG C 671 -14.18 5.86 -3.97
N VAL C 672 -13.66 4.95 -3.16
CA VAL C 672 -13.57 3.55 -3.54
C VAL C 672 -14.95 2.91 -3.71
N ALA C 673 -15.97 3.44 -3.05
CA ALA C 673 -17.32 2.89 -3.16
C ALA C 673 -17.97 3.16 -4.52
N SER C 674 -17.25 3.81 -5.44
CA SER C 674 -17.78 4.00 -6.79
C SER C 674 -18.01 2.66 -7.48
N ILE C 675 -17.19 1.65 -7.17
CA ILE C 675 -17.31 0.34 -7.78
C ILE C 675 -17.70 -0.74 -6.77
N ALA C 676 -17.50 -0.50 -5.47
CA ALA C 676 -17.78 -1.49 -4.45
C ALA C 676 -19.26 -1.89 -4.38
N ASP C 677 -20.13 -1.27 -5.17
CA ASP C 677 -21.53 -1.66 -5.24
C ASP C 677 -21.86 -2.53 -6.44
N VAL C 678 -21.14 -2.37 -7.54
CA VAL C 678 -21.44 -3.11 -8.75
C VAL C 678 -20.63 -4.41 -8.85
N HIS C 679 -19.60 -4.58 -8.03
CA HIS C 679 -18.77 -5.77 -8.06
C HIS C 679 -19.00 -6.72 -6.91
N PHE C 680 -19.46 -6.23 -5.75
CA PHE C 680 -19.58 -7.03 -4.54
C PHE C 680 -21.00 -6.95 -3.98
N GLU C 681 -21.99 -7.12 -4.86
CA GLU C 681 -23.39 -7.06 -4.46
C GLU C 681 -23.96 -8.41 -4.05
N HIS C 682 -23.32 -9.51 -4.45
CA HIS C 682 -23.85 -10.84 -4.14
C HIS C 682 -23.45 -11.32 -2.76
N TRP C 683 -22.65 -10.56 -2.02
CA TRP C 683 -22.26 -10.96 -0.68
C TRP C 683 -23.40 -10.79 0.32
N ASN C 684 -24.30 -9.82 0.07
CA ASN C 684 -25.31 -9.47 1.05
C ASN C 684 -26.29 -10.61 1.29
N LYS C 685 -26.65 -11.36 0.25
CA LYS C 685 -27.52 -12.51 0.43
C LYS C 685 -26.84 -13.63 1.20
N TYR C 686 -25.53 -13.55 1.40
CA TYR C 686 -24.80 -14.49 2.24
C TYR C 686 -24.44 -13.90 3.60
N GLY C 687 -24.90 -12.69 3.90
CA GLY C 687 -24.59 -12.05 5.17
C GLY C 687 -23.28 -11.30 5.20
N ASP C 688 -22.69 -10.99 4.06
CA ASP C 688 -21.41 -10.30 4.00
C ASP C 688 -21.57 -9.02 3.19
N SER C 689 -20.60 -8.12 3.35
CA SER C 689 -20.61 -6.84 2.65
C SER C 689 -19.18 -6.44 2.34
N VAL C 690 -19.02 -5.29 1.67
CA VAL C 690 -17.70 -4.82 1.30
C VAL C 690 -16.86 -4.50 2.53
N THR C 691 -17.47 -3.89 3.54
CA THR C 691 -16.76 -3.44 4.74
C THR C 691 -16.74 -4.49 5.84
N ALA C 692 -17.31 -5.68 5.61
CA ALA C 692 -17.40 -6.71 6.63
C ALA C 692 -16.29 -7.73 6.43
N THR C 693 -15.60 -8.06 7.53
CA THR C 693 -14.56 -9.07 7.53
C THR C 693 -14.70 -9.93 8.77
N VAL C 694 -14.18 -11.16 8.68
CA VAL C 694 -14.27 -12.13 9.77
C VAL C 694 -12.86 -12.59 10.11
N ASN C 695 -12.53 -12.58 11.41
CA ASN C 695 -11.20 -12.97 11.86
C ASN C 695 -11.23 -13.81 13.13
N LYS C 696 -12.33 -14.48 13.43
CA LYS C 696 -12.46 -15.20 14.69
C LYS C 696 -13.18 -16.53 14.50
N ALA C 697 -12.80 -17.51 15.32
CA ALA C 697 -13.47 -18.81 15.43
C ALA C 697 -13.53 -19.56 14.10
N ASP C 698 -12.66 -19.22 13.15
CA ASP C 698 -12.69 -19.78 11.81
C ASP C 698 -14.08 -19.65 11.18
N LYS C 699 -14.83 -18.63 11.61
CA LYS C 699 -16.12 -18.35 10.98
C LYS C 699 -15.89 -17.84 9.57
N SER C 700 -16.78 -18.22 8.66
CA SER C 700 -16.61 -17.97 7.23
C SER C 700 -15.30 -18.55 6.71
N LYS C 701 -14.87 -19.66 7.29
CA LYS C 701 -13.69 -20.41 6.83
C LYS C 701 -13.98 -21.89 6.61
N ASP C 702 -14.94 -22.45 7.35
CA ASP C 702 -15.37 -23.83 7.16
C ASP C 702 -16.90 -23.84 7.15
N ARG C 703 -17.47 -24.35 6.07
CA ARG C 703 -18.92 -24.31 5.87
C ARG C 703 -19.43 -25.67 5.46
N THR C 704 -20.57 -26.06 6.03
CA THR C 704 -21.18 -27.37 5.80
C THR C 704 -22.03 -27.32 4.55
N TYR C 705 -21.75 -28.22 3.61
CA TYR C 705 -22.43 -28.25 2.32
C TYR C 705 -23.04 -29.62 2.07
N LYS C 706 -24.12 -29.64 1.29
CA LYS C 706 -24.76 -30.86 0.85
C LYS C 706 -24.33 -31.18 -0.58
N THR C 707 -24.43 -32.45 -0.95
CA THR C 707 -24.04 -32.93 -2.27
C THR C 707 -25.24 -33.48 -3.01
N GLU C 708 -25.23 -33.32 -4.33
CA GLU C 708 -26.26 -33.86 -5.20
C GLU C 708 -25.65 -34.91 -6.12
N CYS C 709 -26.39 -35.98 -6.35
CA CYS C 709 -25.91 -37.03 -7.24
C CYS C 709 -25.77 -36.48 -8.66
N PRO C 710 -24.91 -37.08 -9.48
CA PRO C 710 -24.74 -36.60 -10.85
C PRO C 710 -26.03 -36.74 -11.65
N LEU C 711 -26.13 -35.93 -12.71
CA LEU C 711 -27.35 -35.85 -13.50
C LEU C 711 -27.69 -37.16 -14.18
N GLU C 712 -26.73 -38.08 -14.30
CA GLU C 712 -26.95 -39.35 -14.97
C GLU C 712 -27.16 -40.50 -14.01
N PHE C 713 -27.21 -40.23 -12.71
CA PHE C 713 -27.51 -41.25 -11.72
C PHE C 713 -28.82 -41.00 -10.98
N TYR C 714 -29.42 -39.82 -11.13
CA TYR C 714 -30.68 -39.54 -10.48
C TYR C 714 -31.81 -40.28 -11.19
N ASP C 715 -32.68 -40.94 -10.41
CA ASP C 715 -33.80 -41.72 -10.94
C ASP C 715 -33.33 -42.78 -11.92
N ALA C 716 -32.19 -43.41 -11.62
CA ALA C 716 -31.62 -44.43 -12.48
C ALA C 716 -32.05 -45.84 -12.12
N LEU C 717 -32.86 -46.01 -11.08
CA LEU C 717 -33.29 -47.34 -10.68
C LEU C 717 -34.26 -47.90 -11.71
N PRO C 718 -33.96 -49.04 -12.32
CA PRO C 718 -34.83 -49.57 -13.37
C PRO C 718 -36.18 -50.02 -12.82
N ARG C 719 -37.17 -50.02 -13.71
CA ARG C 719 -38.52 -50.47 -13.40
C ARG C 719 -38.93 -51.53 -14.41
N VAL C 720 -40.17 -52.00 -14.29
CA VAL C 720 -40.68 -53.05 -15.17
C VAL C 720 -41.13 -52.43 -16.48
N GLY C 721 -40.67 -53.01 -17.59
CA GLY C 721 -41.07 -52.54 -18.91
C GLY C 721 -40.28 -51.35 -19.42
N GLU C 722 -38.95 -51.43 -19.30
CA GLU C 722 -38.08 -50.36 -19.77
C GLU C 722 -36.86 -50.99 -20.45
N ILE C 723 -36.21 -50.20 -21.29
CA ILE C 723 -34.98 -50.63 -21.96
C ILE C 723 -33.82 -50.24 -21.04
N CYS C 724 -33.34 -51.23 -20.28
CA CYS C 724 -32.23 -51.01 -19.36
C CYS C 724 -30.91 -51.19 -20.09
N TYR C 725 -29.90 -50.45 -19.63
CA TYR C 725 -28.60 -50.40 -20.30
C TYR C 725 -27.54 -50.95 -19.37
N ALA C 726 -26.70 -51.85 -19.90
CA ALA C 726 -25.68 -52.53 -19.11
C ALA C 726 -24.31 -52.21 -19.68
N TYR C 727 -23.46 -51.61 -18.85
CA TYR C 727 -22.08 -51.27 -19.22
C TYR C 727 -21.15 -52.21 -18.46
N GLU C 728 -20.45 -53.08 -19.18
CA GLU C 728 -19.51 -53.97 -18.56
C GLU C 728 -18.21 -53.22 -18.23
N ILE C 729 -17.37 -53.86 -17.41
CA ILE C 729 -16.14 -53.27 -16.91
C ILE C 729 -14.98 -54.13 -17.37
N PHE C 730 -13.97 -53.50 -17.95
CA PHE C 730 -12.74 -54.17 -18.36
C PHE C 730 -11.63 -53.80 -17.39
N LEU C 731 -10.90 -54.82 -16.92
CA LEU C 731 -9.77 -54.62 -16.01
C LEU C 731 -8.54 -55.23 -16.67
N GLU C 732 -7.68 -54.37 -17.23
CA GLU C 732 -6.54 -54.81 -18.02
C GLU C 732 -5.31 -54.91 -17.14
N PRO C 733 -4.71 -56.09 -16.99
CA PRO C 733 -3.52 -56.21 -16.14
C PRO C 733 -2.31 -55.57 -16.80
N GLN C 734 -1.61 -54.73 -16.03
CA GLN C 734 -0.38 -54.09 -16.48
C GLN C 734 0.87 -54.82 -16.01
N PHE C 735 0.84 -55.35 -14.78
CA PHE C 735 1.99 -56.06 -14.24
C PHE C 735 2.20 -57.39 -14.98
N GLU C 736 3.47 -57.79 -15.06
CA GLU C 736 3.83 -59.01 -15.75
C GLU C 736 3.35 -60.23 -14.96
N SER C 737 3.17 -61.34 -15.68
CA SER C 737 2.71 -62.59 -15.07
C SER C 737 3.91 -63.29 -14.43
N CYS C 738 4.05 -63.15 -13.11
CA CYS C 738 5.06 -63.84 -12.33
C CYS C 738 4.37 -64.82 -11.39
N GLU C 739 5.18 -65.58 -10.65
CA GLU C 739 4.64 -66.56 -9.71
C GLU C 739 3.73 -65.89 -8.70
N TYR C 740 4.08 -64.68 -8.27
CA TYR C 740 3.25 -63.94 -7.33
C TYR C 740 2.01 -63.34 -7.98
N THR C 741 2.01 -63.16 -9.30
CA THR C 741 0.93 -62.46 -9.99
C THR C 741 0.12 -63.38 -10.89
N GLU C 742 0.23 -64.69 -10.71
CA GLU C 742 -0.49 -65.61 -11.58
C GLU C 742 -2.00 -65.43 -11.46
N HIS C 743 -2.51 -65.47 -10.23
CA HIS C 743 -3.95 -65.39 -10.02
C HIS C 743 -4.49 -64.01 -10.38
N MET C 744 -3.84 -62.95 -9.88
CA MET C 744 -4.33 -61.59 -10.13
C MET C 744 -4.26 -61.22 -11.60
N TYR C 745 -3.56 -61.99 -12.41
CA TYR C 745 -3.52 -61.78 -13.86
C TYR C 745 -4.57 -62.63 -14.55
N LEU C 746 -4.52 -63.94 -14.34
CA LEU C 746 -5.40 -64.85 -15.05
C LEU C 746 -6.87 -64.61 -14.68
N ASN C 747 -7.17 -64.59 -13.38
CA ASN C 747 -8.55 -64.42 -12.96
C ASN C 747 -9.07 -63.00 -13.16
N LEU C 748 -8.20 -62.05 -13.48
CA LEU C 748 -8.64 -60.71 -13.83
C LEU C 748 -8.76 -60.50 -15.34
N GLN C 749 -8.16 -61.37 -16.15
CA GLN C 749 -8.38 -61.35 -17.58
C GLN C 749 -9.56 -62.20 -18.02
N THR C 750 -10.29 -62.79 -17.08
CA THR C 750 -11.37 -63.70 -17.44
C THR C 750 -12.54 -62.93 -18.07
N PRO C 751 -13.29 -63.57 -18.96
CA PRO C 751 -14.41 -62.89 -19.61
C PRO C 751 -15.49 -62.42 -18.65
N ARG C 752 -15.74 -63.15 -17.56
CA ARG C 752 -16.81 -62.79 -16.65
C ARG C 752 -16.54 -61.44 -15.99
N ASN C 753 -17.57 -60.60 -15.97
CA ASN C 753 -17.47 -59.25 -15.42
C ASN C 753 -18.75 -58.92 -14.66
N TYR C 754 -18.71 -57.81 -13.93
CA TYR C 754 -19.88 -57.23 -13.30
C TYR C 754 -20.18 -55.88 -13.93
N ALA C 755 -21.46 -55.65 -14.22
CA ALA C 755 -21.88 -54.48 -15.00
C ALA C 755 -22.92 -53.70 -14.21
N ILE C 756 -23.30 -52.55 -14.78
CA ILE C 756 -24.23 -51.62 -14.16
C ILE C 756 -25.45 -51.46 -15.05
N LEU C 757 -26.63 -51.57 -14.45
CA LEU C 757 -27.89 -51.40 -15.18
C LEU C 757 -28.41 -49.99 -14.94
N LEU C 758 -28.64 -49.25 -16.03
CA LEU C 758 -29.02 -47.86 -15.96
C LEU C 758 -30.22 -47.59 -16.85
N ARG C 759 -31.10 -46.71 -16.39
CA ARG C 759 -32.18 -46.17 -17.20
C ARG C 759 -31.74 -45.00 -18.06
N ASN C 760 -30.49 -44.57 -17.93
CA ASN C 760 -30.01 -43.34 -18.54
C ASN C 760 -28.87 -43.64 -19.49
N LYS C 761 -28.26 -42.57 -19.99
CA LYS C 761 -27.08 -42.66 -20.83
C LYS C 761 -25.84 -42.27 -20.05
N LEU C 762 -24.71 -42.83 -20.47
CA LEU C 762 -23.41 -42.50 -19.92
C LEU C 762 -22.49 -42.08 -21.05
N PRO C 763 -21.60 -41.12 -20.81
CA PRO C 763 -20.65 -40.70 -21.83
C PRO C 763 -19.52 -41.72 -21.95
N ARG C 764 -18.55 -41.40 -22.79
CA ARG C 764 -17.35 -42.21 -22.91
C ARG C 764 -16.37 -41.79 -21.81
N LEU C 765 -16.14 -42.68 -20.86
CA LEU C 765 -15.26 -42.40 -19.72
C LEU C 765 -13.88 -42.99 -20.02
N ALA C 766 -12.84 -42.18 -19.83
CA ALA C 766 -11.50 -42.58 -20.17
C ALA C 766 -10.96 -43.63 -19.19
N GLU C 767 -9.92 -44.34 -19.62
CA GLU C 767 -9.27 -45.32 -18.77
C GLU C 767 -8.57 -44.62 -17.61
N MET C 768 -8.65 -45.25 -16.44
CA MET C 768 -8.00 -44.73 -15.24
C MET C 768 -7.20 -45.85 -14.59
N PRO C 769 -6.09 -45.51 -13.93
CA PRO C 769 -5.29 -46.54 -13.26
C PRO C 769 -5.79 -46.82 -11.85
N LEU C 770 -5.59 -48.07 -11.44
CA LEU C 770 -6.04 -48.55 -10.15
C LEU C 770 -4.94 -49.41 -9.55
N PHE C 771 -4.36 -48.95 -8.44
CA PHE C 771 -3.17 -49.56 -7.87
C PHE C 771 -3.56 -50.55 -6.78
N SER C 772 -3.22 -51.82 -6.98
CA SER C 772 -3.47 -52.88 -6.02
C SER C 772 -2.13 -53.47 -5.57
N ASN C 773 -2.20 -54.47 -4.71
CA ASN C 773 -0.99 -55.02 -4.12
C ASN C 773 -0.06 -55.61 -5.18
N GLN C 774 -0.61 -56.33 -6.15
CA GLN C 774 0.20 -56.88 -7.22
C GLN C 774 0.74 -55.81 -8.16
N GLY C 775 0.04 -54.68 -8.29
CA GLY C 775 0.47 -53.63 -9.18
C GLY C 775 -0.63 -52.64 -9.51
N LYS C 776 -0.73 -52.26 -10.79
CA LYS C 776 -1.71 -51.29 -11.24
C LYS C 776 -2.68 -51.94 -12.22
N LEU C 777 -3.95 -51.54 -12.14
CA LEU C 777 -5.00 -52.04 -13.00
C LEU C 777 -5.63 -50.88 -13.76
N HIS C 778 -5.79 -51.05 -15.07
CA HIS C 778 -6.45 -50.07 -15.90
C HIS C 778 -7.88 -50.51 -16.16
N VAL C 779 -8.83 -49.61 -15.88
CA VAL C 779 -10.25 -49.92 -15.96
C VAL C 779 -10.89 -49.03 -17.03
N ARG C 780 -11.65 -49.65 -17.92
CA ARG C 780 -12.43 -48.92 -18.91
C ARG C 780 -13.85 -49.49 -18.93
N VAL C 781 -14.82 -48.62 -19.15
CA VAL C 781 -16.23 -48.99 -19.18
C VAL C 781 -16.66 -49.16 -20.62
N ALA C 782 -17.57 -50.10 -20.86
CA ALA C 782 -18.05 -50.36 -22.22
C ALA C 782 -18.71 -49.12 -22.80
N ASN C 783 -18.33 -48.78 -24.03
CA ASN C 783 -18.86 -47.59 -24.67
C ASN C 783 -20.33 -47.76 -25.04
N ALA C 784 -20.71 -48.93 -25.55
CA ALA C 784 -22.07 -49.19 -26.00
C ALA C 784 -22.76 -50.13 -25.03
N PRO C 785 -23.80 -49.69 -24.33
CA PRO C 785 -24.50 -50.58 -23.40
C PRO C 785 -25.33 -51.61 -24.15
N LEU C 786 -25.63 -52.70 -23.44
CA LEU C 786 -26.48 -53.76 -23.98
C LEU C 786 -27.90 -53.55 -23.47
N GLU C 787 -28.84 -53.40 -24.41
CA GLU C 787 -30.22 -53.10 -24.06
C GLU C 787 -30.90 -54.34 -23.52
N VAL C 788 -31.42 -54.25 -22.30
CA VAL C 788 -32.18 -55.32 -21.68
C VAL C 788 -33.45 -54.73 -21.10
N ILE C 789 -34.43 -55.60 -20.85
CA ILE C 789 -35.73 -55.19 -20.35
C ILE C 789 -36.08 -56.04 -19.13
N ILE C 790 -36.55 -55.38 -18.07
CA ILE C 790 -37.06 -56.09 -16.89
C ILE C 790 -38.40 -56.69 -17.29
N GLN C 791 -38.42 -58.00 -17.53
CA GLN C 791 -39.61 -58.68 -18.02
C GLN C 791 -40.46 -59.25 -16.90
N ASN C 792 -40.07 -59.06 -15.64
CA ASN C 792 -40.88 -59.52 -14.52
C ASN C 792 -40.45 -58.76 -13.27
N SER C 793 -41.42 -58.51 -12.39
CA SER C 793 -41.12 -57.85 -11.13
C SER C 793 -40.21 -58.69 -10.26
N GLU C 794 -40.42 -60.02 -10.26
CA GLU C 794 -39.58 -60.89 -9.45
C GLU C 794 -38.14 -60.89 -9.91
N GLN C 795 -37.90 -60.73 -11.22
CA GLN C 795 -36.53 -60.64 -11.71
C GLN C 795 -35.83 -59.40 -11.17
N LEU C 796 -36.54 -58.26 -11.17
CA LEU C 796 -35.99 -57.04 -10.59
C LEU C 796 -35.74 -57.22 -9.09
N GLU C 797 -36.68 -57.87 -8.39
CA GLU C 797 -36.50 -58.10 -6.97
C GLU C 797 -35.29 -58.96 -6.69
N LEU C 798 -35.08 -60.02 -7.49
CA LEU C 798 -33.91 -60.87 -7.31
C LEU C 798 -32.62 -60.11 -7.59
N LEU C 799 -32.61 -59.28 -8.64
CA LEU C 799 -31.42 -58.48 -8.93
C LEU C 799 -31.11 -57.53 -7.78
N HIS C 800 -32.15 -56.89 -7.22
CA HIS C 800 -31.92 -55.93 -6.15
C HIS C 800 -31.47 -56.62 -4.86
N GLN C 801 -32.05 -57.79 -4.56
CA GLN C 801 -31.60 -58.57 -3.42
C GLN C 801 -30.15 -59.00 -3.60
N PHE C 802 -29.78 -59.39 -4.83
CA PHE C 802 -28.40 -59.75 -5.11
C PHE C 802 -27.46 -58.57 -4.87
N HIS C 803 -27.83 -57.40 -5.36
CA HIS C 803 -27.02 -56.20 -5.12
C HIS C 803 -26.83 -55.96 -3.62
N GLY C 804 -27.95 -55.99 -2.88
CA GLY C 804 -27.88 -55.77 -1.44
C GLY C 804 -27.01 -56.79 -0.73
N MET C 805 -27.13 -58.07 -1.10
CA MET C 805 -26.37 -59.09 -0.38
C MET C 805 -24.91 -59.10 -0.80
N VAL C 806 -24.61 -58.76 -2.04
CA VAL C 806 -23.23 -58.48 -2.44
C VAL C 806 -22.61 -57.46 -1.50
N PHE C 807 -23.21 -56.27 -1.42
CA PHE C 807 -22.63 -55.25 -0.55
C PHE C 807 -22.66 -55.66 0.91
N ARG C 808 -23.60 -56.52 1.31
CA ARG C 808 -23.70 -56.89 2.71
C ARG C 808 -22.61 -57.88 3.12
N ASP C 809 -22.25 -58.80 2.23
CA ASP C 809 -21.36 -59.91 2.60
C ASP C 809 -20.03 -59.90 1.85
N ILE C 810 -20.05 -59.85 0.52
CA ILE C 810 -18.83 -60.14 -0.22
C ILE C 810 -17.76 -59.07 0.02
N LEU C 811 -18.15 -57.87 0.44
CA LEU C 811 -17.21 -56.83 0.78
C LEU C 811 -17.32 -56.36 2.22
N LYS C 812 -18.35 -56.79 2.95
CA LYS C 812 -18.58 -56.43 4.35
C LYS C 812 -18.70 -54.93 4.54
N ILE C 813 -19.03 -54.19 3.48
CA ILE C 813 -19.20 -52.74 3.55
C ILE C 813 -20.66 -52.51 3.89
N TRP C 814 -20.97 -52.56 5.17
CA TRP C 814 -22.37 -52.58 5.61
C TRP C 814 -22.44 -52.04 7.03
N HIS C 815 -23.64 -51.63 7.42
CA HIS C 815 -23.93 -51.16 8.76
C HIS C 815 -25.29 -51.70 9.20
N PRO C 816 -25.48 -51.91 10.50
CA PRO C 816 -26.74 -52.52 10.96
C PRO C 816 -27.98 -51.70 10.65
N PHE C 817 -27.88 -50.38 10.61
CA PHE C 817 -29.04 -49.51 10.42
C PHE C 817 -29.36 -49.25 8.96
N PHE C 818 -28.63 -49.86 8.02
CA PHE C 818 -28.90 -49.66 6.62
C PHE C 818 -30.16 -50.38 6.19
N VAL C 819 -30.77 -49.88 5.11
CA VAL C 819 -32.00 -50.46 4.56
C VAL C 819 -31.87 -50.51 3.04
N LEU C 820 -32.29 -51.63 2.45
CA LEU C 820 -32.27 -51.78 1.01
C LEU C 820 -33.21 -50.76 0.37
N ASP C 821 -32.65 -49.91 -0.49
CA ASP C 821 -33.34 -48.73 -1.01
C ASP C 821 -33.87 -48.98 -2.41
N ARG C 822 -35.15 -48.71 -2.62
CA ARG C 822 -35.74 -48.70 -3.95
C ARG C 822 -36.57 -47.45 -4.22
N ARG C 823 -36.69 -46.54 -3.24
CA ARG C 823 -37.57 -45.38 -3.35
C ARG C 823 -36.79 -44.12 -3.71
N SER C 824 -35.81 -43.75 -2.90
CA SER C 824 -35.03 -42.55 -3.15
C SER C 824 -34.21 -42.72 -4.43
N LYS C 825 -34.01 -41.61 -5.14
CA LYS C 825 -33.36 -41.65 -6.46
C LYS C 825 -31.98 -41.01 -6.46
N GLU C 826 -31.45 -40.63 -5.31
CA GLU C 826 -30.14 -40.00 -5.25
C GLU C 826 -29.05 -41.07 -5.30
N ASN C 827 -28.30 -41.10 -6.40
CA ASN C 827 -27.23 -42.07 -6.61
C ASN C 827 -27.74 -43.50 -6.44
N SER C 828 -28.91 -43.77 -7.03
CA SER C 828 -29.54 -45.09 -6.92
C SER C 828 -29.41 -45.82 -8.25
N TYR C 829 -28.89 -47.03 -8.20
CA TYR C 829 -28.71 -47.87 -9.38
C TYR C 829 -28.38 -49.29 -8.91
N LEU C 830 -28.10 -50.16 -9.86
CA LEU C 830 -27.86 -51.57 -9.58
C LEU C 830 -26.60 -52.04 -10.27
N VAL C 831 -25.97 -53.07 -9.70
CA VAL C 831 -24.81 -53.73 -10.29
C VAL C 831 -25.16 -55.20 -10.51
N VAL C 832 -24.90 -55.69 -11.71
CA VAL C 832 -25.34 -57.04 -12.11
C VAL C 832 -24.28 -57.70 -12.94
N PRO C 833 -23.94 -58.94 -12.61
CA PRO C 833 -23.01 -59.71 -13.44
C PRO C 833 -23.62 -60.13 -14.77
N LEU C 834 -22.76 -60.30 -15.74
CA LEU C 834 -23.16 -60.66 -17.10
C LEU C 834 -22.32 -61.82 -17.62
N ILE C 835 -22.99 -62.78 -18.27
CA ILE C 835 -22.35 -64.00 -18.75
C ILE C 835 -22.85 -64.31 -20.16
N LEU C 836 -22.09 -65.14 -20.86
CA LEU C 836 -22.44 -65.50 -22.23
C LEU C 836 -23.68 -66.40 -22.24
N GLY C 837 -24.76 -65.91 -22.83
CA GLY C 837 -25.98 -66.68 -22.94
C GLY C 837 -26.32 -67.08 -24.35
N ALA C 838 -26.02 -66.21 -25.31
CA ALA C 838 -26.26 -66.50 -26.73
C ALA C 838 -25.23 -65.73 -27.55
N GLY C 839 -24.16 -66.42 -27.94
CA GLY C 839 -23.12 -65.78 -28.71
C GLY C 839 -22.19 -64.94 -27.85
N GLU C 840 -21.45 -64.05 -28.53
CA GLU C 840 -20.47 -63.23 -27.84
C GLU C 840 -21.13 -62.24 -26.87
N GLN C 841 -22.36 -61.83 -27.16
CA GLN C 841 -23.06 -60.89 -26.29
C GLN C 841 -23.40 -61.57 -24.97
N LYS C 842 -23.27 -60.83 -23.88
CA LYS C 842 -23.44 -61.38 -22.55
C LYS C 842 -24.81 -61.02 -22.00
N CYS C 843 -25.56 -62.02 -21.56
CA CYS C 843 -26.86 -61.82 -20.96
C CYS C 843 -26.74 -61.93 -19.44
N PHE C 844 -27.88 -61.90 -18.78
CA PHE C 844 -27.90 -61.98 -17.32
C PHE C 844 -27.47 -63.36 -16.85
N ASP C 845 -26.55 -63.40 -15.88
CA ASP C 845 -26.15 -64.66 -15.27
C ASP C 845 -27.14 -65.01 -14.16
N TRP C 846 -28.35 -65.38 -14.59
CA TRP C 846 -29.45 -65.62 -13.66
C TRP C 846 -29.15 -66.77 -12.71
N GLU C 847 -28.19 -67.63 -13.04
CA GLU C 847 -27.78 -68.68 -12.12
C GLU C 847 -27.30 -68.08 -10.80
N LEU C 848 -26.48 -67.03 -10.86
CA LEU C 848 -25.94 -66.42 -9.65
C LEU C 848 -27.04 -65.80 -8.80
N MET C 849 -27.93 -65.02 -9.41
CA MET C 849 -28.93 -64.31 -8.63
C MET C 849 -29.99 -65.26 -8.08
N THR C 850 -30.27 -66.35 -8.78
CA THR C 850 -31.23 -67.33 -8.28
C THR C 850 -30.63 -68.20 -7.18
N ASN C 851 -29.33 -68.11 -6.93
CA ASN C 851 -28.69 -68.89 -5.89
C ASN C 851 -28.29 -68.04 -4.69
N PHE C 852 -27.59 -66.93 -4.92
CA PHE C 852 -27.00 -66.16 -3.84
C PHE C 852 -27.93 -65.07 -3.31
N ARG C 853 -29.17 -65.44 -3.00
CA ARG C 853 -30.02 -64.56 -2.21
C ARG C 853 -29.56 -64.53 -0.77
N ARG C 854 -29.23 -65.70 -0.22
CA ARG C 854 -28.56 -65.82 1.07
C ARG C 854 -27.23 -66.52 0.85
N LEU C 855 -26.15 -65.84 1.19
CA LEU C 855 -24.82 -66.40 0.99
C LEU C 855 -24.66 -67.67 1.83
N PRO C 856 -24.00 -68.71 1.29
CA PRO C 856 -23.81 -69.94 2.06
C PRO C 856 -23.19 -69.70 3.43
N GLN C 857 -23.97 -69.99 4.48
CA GLN C 857 -23.51 -69.75 5.85
C GLN C 857 -22.56 -70.85 6.27
N SER C 858 -21.31 -70.47 6.57
CA SER C 858 -20.31 -71.44 6.98
C SER C 858 -20.70 -72.07 8.31
N HIS C 859 -20.57 -73.39 8.40
CA HIS C 859 -20.97 -74.12 9.59
C HIS C 859 -20.06 -75.33 9.77
N GLY C 860 -20.01 -75.83 11.00
CA GLY C 860 -19.19 -76.99 11.30
C GLY C 860 -19.88 -78.29 10.94
N SER C 861 -19.10 -79.22 10.41
CA SER C 861 -19.60 -80.52 9.99
C SER C 861 -18.97 -81.61 10.86
N ASN C 862 -19.80 -82.53 11.33
CA ASN C 862 -19.35 -83.61 12.18
C ASN C 862 -18.96 -84.84 11.36
N VAL C 863 -18.35 -85.82 12.03
CA VAL C 863 -17.96 -87.04 11.35
C VAL C 863 -19.19 -87.79 10.83
N GLN C 864 -20.27 -87.79 11.61
CA GLN C 864 -21.51 -88.41 11.14
C GLN C 864 -22.05 -87.69 9.91
N GLN C 865 -22.02 -86.36 9.92
CA GLN C 865 -22.44 -85.60 8.75
C GLN C 865 -21.51 -85.86 7.57
N ARG C 866 -20.19 -85.86 7.83
CA ARG C 866 -19.25 -86.13 6.75
C ARG C 866 -19.33 -87.59 6.28
N GLU C 867 -19.70 -88.51 7.17
CA GLU C 867 -19.98 -89.87 6.73
C GLU C 867 -21.18 -89.91 5.80
N GLN C 868 -22.22 -89.12 6.11
CA GLN C 868 -23.37 -89.02 5.22
C GLN C 868 -23.13 -88.05 4.08
N GLN C 869 -22.09 -87.23 4.16
CA GLN C 869 -21.80 -86.28 3.10
C GLN C 869 -21.19 -87.00 1.90
N PRO C 870 -21.67 -86.77 0.69
CA PRO C 870 -21.06 -87.40 -0.48
C PRO C 870 -19.66 -86.86 -0.75
N ALA C 871 -18.88 -87.67 -1.46
CA ALA C 871 -17.50 -87.30 -1.77
C ALA C 871 -17.47 -86.16 -2.78
N PRO C 872 -16.82 -85.04 -2.48
CA PRO C 872 -16.79 -83.93 -3.45
C PRO C 872 -15.87 -84.23 -4.61
N ARG C 873 -16.31 -83.84 -5.81
CA ARG C 873 -15.51 -84.04 -7.00
C ARG C 873 -14.37 -83.02 -7.06
N PRO C 874 -13.30 -83.33 -7.80
CA PRO C 874 -12.22 -82.34 -7.96
C PRO C 874 -12.67 -81.05 -8.61
N GLU C 875 -13.63 -81.11 -9.53
CA GLU C 875 -14.14 -79.92 -10.19
C GLU C 875 -15.00 -79.07 -9.29
N ASP C 876 -15.45 -79.59 -8.15
CA ASP C 876 -16.29 -78.85 -7.23
C ASP C 876 -15.56 -77.72 -6.53
N PHE C 877 -14.22 -77.65 -6.64
CA PHE C 877 -13.45 -76.64 -5.96
C PHE C 877 -12.59 -75.80 -6.90
N GLU C 878 -12.43 -76.20 -8.15
CA GLU C 878 -11.60 -75.46 -9.09
C GLU C 878 -12.29 -74.14 -9.44
N GLY C 879 -11.70 -73.03 -8.99
CA GLY C 879 -12.28 -71.72 -9.20
C GLY C 879 -13.32 -71.29 -8.18
N LYS C 880 -13.66 -72.17 -7.24
CA LYS C 880 -14.66 -71.85 -6.23
C LYS C 880 -14.01 -71.12 -5.06
N ILE C 881 -14.83 -70.73 -4.09
CA ILE C 881 -14.37 -70.06 -2.87
C ILE C 881 -14.68 -70.97 -1.69
N VAL C 882 -13.71 -71.12 -0.79
CA VAL C 882 -13.85 -71.98 0.38
C VAL C 882 -13.39 -71.21 1.61
N THR C 883 -13.60 -71.83 2.77
CA THR C 883 -13.10 -71.31 4.03
C THR C 883 -13.17 -72.42 5.07
N GLN C 884 -12.28 -72.36 6.06
CA GLN C 884 -12.22 -73.37 7.09
C GLN C 884 -13.26 -73.09 8.17
N TRP C 885 -14.07 -74.11 8.49
CA TRP C 885 -15.10 -73.96 9.52
C TRP C 885 -14.62 -74.35 10.91
N TYR C 886 -13.61 -75.21 11.01
CA TYR C 886 -13.10 -75.59 12.33
C TYR C 886 -12.45 -74.39 13.03
N ALA C 887 -11.73 -73.57 12.30
CA ALA C 887 -11.16 -72.36 12.86
C ALA C 887 -12.26 -71.33 13.11
N ASN C 888 -11.99 -70.44 14.06
CA ASN C 888 -12.92 -69.35 14.35
C ASN C 888 -12.97 -68.32 13.24
N TYR C 889 -12.08 -68.40 12.26
CA TYR C 889 -11.98 -67.41 11.20
C TYR C 889 -13.01 -67.68 10.12
N ASP C 890 -13.86 -66.70 9.85
CA ASP C 890 -14.84 -66.77 8.78
C ASP C 890 -14.33 -66.16 7.48
N LYS C 891 -13.04 -65.81 7.43
CA LYS C 891 -12.50 -65.11 6.27
C LYS C 891 -12.55 -66.00 5.04
N PRO C 892 -12.98 -65.48 3.90
CA PRO C 892 -13.02 -66.30 2.67
C PRO C 892 -11.61 -66.62 2.19
N MET C 893 -11.50 -67.74 1.49
CA MET C 893 -10.20 -68.27 1.08
C MET C 893 -10.34 -68.73 -0.36
N LEU C 894 -9.41 -68.33 -1.22
CA LEU C 894 -9.51 -68.61 -2.66
C LEU C 894 -8.74 -69.87 -3.01
N VAL C 895 -9.37 -70.74 -3.80
CA VAL C 895 -8.72 -71.95 -4.29
C VAL C 895 -7.78 -71.59 -5.43
N THR C 896 -6.51 -71.99 -5.31
CA THR C 896 -5.49 -71.67 -6.31
C THR C 896 -5.19 -72.84 -7.22
N LYS C 897 -4.77 -73.98 -6.66
CA LYS C 897 -4.41 -75.15 -7.44
C LYS C 897 -5.17 -76.37 -6.93
N VAL C 898 -5.62 -77.20 -7.86
CA VAL C 898 -6.34 -78.43 -7.55
C VAL C 898 -5.32 -79.54 -7.34
N HIS C 899 -5.69 -80.52 -6.51
CA HIS C 899 -4.85 -81.69 -6.25
C HIS C 899 -5.60 -82.95 -6.67
N ARG C 900 -5.20 -83.52 -7.80
CA ARG C 900 -5.70 -84.81 -8.25
C ARG C 900 -4.70 -85.93 -8.05
N GLU C 901 -3.44 -85.61 -7.76
CA GLU C 901 -2.35 -86.58 -7.69
C GLU C 901 -1.76 -86.69 -6.29
N LEU C 902 -2.47 -86.24 -5.27
CA LEU C 902 -1.92 -86.15 -3.92
C LEU C 902 -2.88 -86.81 -2.93
N THR C 903 -2.29 -87.36 -1.87
CA THR C 903 -3.04 -88.08 -0.84
C THR C 903 -2.88 -87.39 0.52
N PRO C 904 -3.86 -87.51 1.42
CA PRO C 904 -3.76 -86.82 2.71
C PRO C 904 -2.52 -87.19 3.49
N LEU C 905 -2.02 -88.42 3.34
CA LEU C 905 -0.68 -88.77 3.79
C LEU C 905 0.31 -88.24 2.74
N SER C 906 0.49 -86.91 2.78
CA SER C 906 1.18 -86.20 1.72
C SER C 906 2.70 -86.35 1.89
N TYR C 907 3.44 -85.58 1.09
CA TYR C 907 4.89 -85.68 1.05
C TYR C 907 5.53 -84.72 2.04
N MET C 908 6.84 -84.57 1.93
CA MET C 908 7.62 -83.74 2.83
C MET C 908 7.46 -82.25 2.48
N GLU C 909 7.73 -81.41 3.47
CA GLU C 909 7.68 -79.97 3.29
C GLU C 909 8.83 -79.33 4.07
N LYS C 910 9.04 -78.04 3.83
CA LYS C 910 10.16 -77.34 4.45
C LYS C 910 10.03 -77.29 5.96
N ASN C 911 8.82 -77.01 6.47
CA ASN C 911 8.61 -76.93 7.91
C ASN C 911 8.32 -78.31 8.49
N GLN C 912 7.27 -78.97 8.01
CA GLN C 912 6.90 -80.30 8.50
C GLN C 912 7.65 -81.36 7.68
N GLN C 913 8.97 -81.34 7.84
CA GLN C 913 9.82 -82.32 7.17
C GLN C 913 9.53 -83.72 7.71
N ASP C 914 9.45 -84.69 6.80
CA ASP C 914 9.08 -86.07 7.13
C ASP C 914 7.76 -86.09 7.89
N LYS C 915 6.79 -85.32 7.40
CA LYS C 915 5.46 -85.25 8.00
C LYS C 915 4.43 -85.12 6.90
N THR C 916 3.24 -85.65 7.16
CA THR C 916 2.13 -85.56 6.23
C THR C 916 1.12 -84.54 6.74
N TYR C 917 0.29 -84.05 5.81
CA TYR C 917 -0.73 -83.08 6.20
C TYR C 917 -1.75 -83.69 7.15
N TYR C 918 -1.99 -85.00 7.05
CA TYR C 918 -2.89 -85.66 8.00
C TYR C 918 -2.32 -85.61 9.42
N GLU C 919 -1.03 -85.92 9.57
CA GLU C 919 -0.42 -85.83 10.89
C GLU C 919 -0.44 -84.40 11.42
N PHE C 920 -0.16 -83.44 10.53
CA PHE C 920 -0.16 -82.04 10.96
C PHE C 920 -1.55 -81.60 11.42
N THR C 921 -2.59 -81.97 10.68
CA THR C 921 -3.93 -81.55 11.08
C THR C 921 -4.40 -82.29 12.33
N MET C 922 -4.01 -83.54 12.51
CA MET C 922 -4.34 -84.22 13.76
C MET C 922 -3.63 -83.57 14.94
N SER C 923 -2.40 -83.12 14.75
CA SER C 923 -1.66 -82.49 15.83
C SER C 923 -2.21 -81.10 16.14
N LYS C 924 -2.62 -80.35 15.12
CA LYS C 924 -3.03 -78.96 15.32
C LYS C 924 -4.50 -78.82 15.69
N TYR C 925 -5.41 -79.45 14.95
CA TYR C 925 -6.84 -79.28 15.16
C TYR C 925 -7.52 -80.62 15.40
N GLY C 926 -6.78 -81.60 15.90
CA GLY C 926 -7.37 -82.90 16.20
C GLY C 926 -8.43 -82.86 17.28
N ASN C 927 -8.50 -81.76 18.04
CA ASN C 927 -9.50 -81.64 19.08
C ASN C 927 -10.91 -81.65 18.49
N ARG C 928 -11.11 -80.97 17.36
CA ARG C 928 -12.43 -80.89 16.73
C ARG C 928 -12.48 -81.67 15.41
N ILE C 929 -11.74 -82.77 15.33
CA ILE C 929 -11.93 -83.74 14.25
C ILE C 929 -11.67 -85.15 14.79
N GLY C 930 -12.71 -85.96 14.82
CA GLY C 930 -12.53 -87.35 15.26
C GLY C 930 -11.68 -88.15 14.29
N ASP C 931 -11.94 -88.01 13.00
CA ASP C 931 -11.20 -88.70 11.95
C ASP C 931 -11.68 -88.16 10.60
N VAL C 932 -10.79 -88.22 9.61
CA VAL C 932 -11.11 -87.83 8.25
C VAL C 932 -11.73 -89.03 7.55
N VAL C 933 -13.06 -89.01 7.41
CA VAL C 933 -13.74 -90.13 6.78
C VAL C 933 -13.44 -90.19 5.29
N HIS C 934 -13.36 -89.05 4.63
CA HIS C 934 -12.98 -88.98 3.22
C HIS C 934 -11.50 -88.64 3.08
N LYS C 935 -10.67 -89.58 3.53
CA LYS C 935 -9.22 -89.37 3.61
C LYS C 935 -8.51 -89.95 2.40
N ASP C 936 -8.78 -89.39 1.22
CA ASP C 936 -8.11 -89.83 0.02
C ASP C 936 -8.34 -88.85 -1.12
N LYS C 937 -7.45 -88.91 -2.10
CA LYS C 937 -7.61 -88.49 -3.49
C LYS C 937 -7.88 -86.99 -3.67
N PHE C 938 -7.91 -86.20 -2.60
CA PHE C 938 -8.25 -84.79 -2.80
C PHE C 938 -7.83 -83.95 -1.61
N MET C 939 -6.90 -83.02 -1.82
CA MET C 939 -6.77 -81.79 -1.06
C MET C 939 -6.82 -80.63 -2.04
N ILE C 940 -6.58 -79.42 -1.53
CA ILE C 940 -6.65 -78.20 -2.34
C ILE C 940 -5.47 -77.30 -1.98
N GLU C 941 -4.89 -76.68 -3.01
CA GLU C 941 -3.89 -75.63 -2.83
C GLU C 941 -4.57 -74.28 -2.95
N VAL C 942 -4.49 -73.48 -1.90
CA VAL C 942 -5.27 -72.26 -1.79
C VAL C 942 -4.35 -71.08 -1.45
N ARG C 943 -4.84 -69.88 -1.75
CA ARG C 943 -4.17 -68.64 -1.42
C ARG C 943 -5.21 -67.61 -1.00
N ASP C 944 -4.87 -66.82 0.02
CA ASP C 944 -5.80 -65.82 0.53
C ASP C 944 -5.83 -64.60 -0.37
N LEU C 945 -6.85 -63.76 -0.15
CA LEU C 945 -7.09 -62.57 -0.96
C LEU C 945 -7.06 -61.33 -0.06
N THR C 946 -6.73 -60.20 -0.68
CA THR C 946 -6.53 -58.96 0.05
C THR C 946 -7.85 -58.42 0.62
N GLU C 947 -7.72 -57.60 1.66
CA GLU C 947 -8.86 -56.94 2.30
C GLU C 947 -8.95 -55.46 1.99
N GLN C 948 -7.85 -54.83 1.60
CA GLN C 948 -7.85 -53.40 1.27
C GLN C 948 -8.87 -53.11 0.18
N LEU C 949 -9.58 -52.00 0.32
CA LEU C 949 -10.59 -51.57 -0.63
C LEU C 949 -10.25 -50.29 -1.36
N THR C 950 -9.80 -49.26 -0.65
CA THR C 950 -9.42 -47.99 -1.27
C THR C 950 -8.08 -48.18 -1.95
N PHE C 951 -8.12 -48.58 -3.22
CA PHE C 951 -6.92 -48.88 -4.00
C PHE C 951 -6.44 -47.64 -4.75
N TYR C 952 -6.25 -46.55 -4.00
CA TYR C 952 -5.86 -45.28 -4.59
C TYR C 952 -4.38 -44.98 -4.45
N VAL C 953 -3.74 -45.37 -3.34
CA VAL C 953 -2.34 -45.03 -3.12
C VAL C 953 -1.47 -45.67 -4.18
N HIS C 954 -0.50 -44.91 -4.70
CA HIS C 954 0.30 -45.37 -5.81
C HIS C 954 1.31 -46.43 -5.40
N ASN C 955 1.95 -46.26 -4.25
CA ASN C 955 3.08 -47.09 -3.85
C ASN C 955 2.70 -48.29 -3.01
N ARG C 956 1.42 -48.47 -2.68
CA ARG C 956 1.03 -49.61 -1.86
C ARG C 956 1.31 -50.94 -2.55
N GLY C 957 1.29 -50.99 -3.88
CA GLY C 957 1.50 -52.19 -4.63
C GLY C 957 2.94 -52.56 -4.87
N LYS C 958 3.87 -52.05 -4.07
CA LYS C 958 5.27 -52.39 -4.25
C LYS C 958 5.50 -53.88 -3.98
N PHE C 959 6.58 -54.42 -4.55
CA PHE C 959 6.89 -55.83 -4.45
C PHE C 959 8.39 -56.07 -4.23
N ASN C 960 9.17 -55.01 -4.00
CA ASN C 960 10.61 -55.18 -3.85
C ASN C 960 10.95 -56.04 -2.63
N ALA C 961 10.27 -55.81 -1.50
CA ALA C 961 10.50 -56.61 -0.31
C ALA C 961 9.49 -57.74 -0.16
N LYS C 962 8.44 -57.75 -0.97
CA LYS C 962 7.52 -58.88 -1.03
C LYS C 962 7.98 -59.95 -2.01
N SER C 963 9.09 -59.73 -2.71
CA SER C 963 9.67 -60.73 -3.59
C SER C 963 10.25 -61.92 -2.83
N LYS C 964 10.37 -61.82 -1.52
CA LYS C 964 10.96 -62.89 -0.72
C LYS C 964 10.09 -64.13 -0.74
N ALA C 965 10.61 -65.21 -0.17
CA ALA C 965 9.90 -66.49 -0.16
C ALA C 965 8.62 -66.40 0.66
N LYS C 966 7.55 -66.98 0.12
CA LYS C 966 6.28 -67.07 0.81
C LYS C 966 5.82 -68.52 0.82
N MET C 967 5.20 -68.93 1.92
CA MET C 967 4.84 -70.33 2.12
C MET C 967 3.77 -70.76 1.12
N LYS C 968 3.82 -72.05 0.76
CA LYS C 968 2.80 -72.68 -0.06
C LYS C 968 1.82 -73.40 0.86
N VAL C 969 0.55 -73.02 0.78
CA VAL C 969 -0.46 -73.44 1.74
C VAL C 969 -1.41 -74.42 1.08
N ILE C 970 -1.62 -75.56 1.71
CA ILE C 970 -2.50 -76.62 1.20
C ILE C 970 -3.45 -77.03 2.32
N LEU C 971 -4.75 -77.14 1.99
CA LEU C 971 -5.78 -77.48 2.96
C LEU C 971 -6.50 -78.77 2.54
N ILE C 972 -7.09 -79.42 3.53
CA ILE C 972 -7.92 -80.60 3.33
C ILE C 972 -9.35 -80.14 3.03
N PRO C 973 -9.99 -80.69 2.00
CA PRO C 973 -11.29 -80.13 1.56
C PRO C 973 -12.42 -80.30 2.56
N GLU C 974 -12.60 -81.51 3.10
CA GLU C 974 -13.79 -81.78 3.90
C GLU C 974 -13.81 -80.98 5.20
N LEU C 975 -12.66 -80.47 5.65
CA LEU C 975 -12.63 -79.65 6.85
C LEU C 975 -12.80 -78.16 6.56
N CYS C 976 -12.80 -77.75 5.30
CA CYS C 976 -13.03 -76.36 4.95
C CYS C 976 -14.35 -76.23 4.20
N PHE C 977 -15.21 -75.34 4.70
CA PHE C 977 -16.51 -75.13 4.09
C PHE C 977 -16.36 -74.51 2.70
N ASN C 978 -17.26 -74.87 1.79
CA ASN C 978 -17.16 -74.48 0.39
C ASN C 978 -18.30 -73.55 0.02
N PHE C 979 -18.00 -72.59 -0.86
CA PHE C 979 -18.99 -71.73 -1.48
C PHE C 979 -19.05 -72.05 -2.97
N ASN C 980 -20.27 -72.12 -3.51
CA ASN C 980 -20.44 -72.31 -4.94
C ASN C 980 -20.06 -71.08 -5.74
N PHE C 981 -19.83 -69.94 -5.08
CA PHE C 981 -19.49 -68.72 -5.78
C PHE C 981 -18.11 -68.86 -6.44
N PRO C 982 -17.92 -68.30 -7.62
CA PRO C 982 -16.60 -68.36 -8.26
C PRO C 982 -15.70 -67.22 -7.83
N GLY C 983 -14.48 -67.54 -7.40
CA GLY C 983 -13.52 -66.50 -7.06
C GLY C 983 -13.14 -65.63 -8.25
N ASP C 984 -13.38 -66.12 -9.47
CA ASP C 984 -13.15 -65.32 -10.66
C ASP C 984 -13.89 -63.99 -10.58
N LEU C 985 -15.20 -64.04 -10.29
CA LEU C 985 -15.96 -62.81 -10.16
C LEU C 985 -15.66 -62.10 -8.84
N TRP C 986 -15.29 -62.85 -7.80
CA TRP C 986 -14.99 -62.25 -6.51
C TRP C 986 -13.80 -61.30 -6.60
N LEU C 987 -12.76 -61.71 -7.34
CA LEU C 987 -11.56 -60.89 -7.45
C LEU C 987 -11.87 -59.54 -8.09
N LYS C 988 -12.69 -59.55 -9.15
CA LYS C 988 -13.10 -58.29 -9.76
C LYS C 988 -14.03 -57.51 -8.85
N LEU C 989 -14.91 -58.21 -8.13
CA LEU C 989 -15.89 -57.53 -7.29
C LEU C 989 -15.27 -56.89 -6.06
N ILE C 990 -14.04 -57.27 -5.71
CA ILE C 990 -13.33 -56.55 -4.65
C ILE C 990 -13.11 -55.09 -5.02
N PHE C 991 -12.72 -54.83 -6.27
CA PHE C 991 -12.34 -53.49 -6.69
C PHE C 991 -13.53 -52.56 -6.90
N LEU C 992 -14.75 -52.96 -6.54
CA LEU C 992 -15.93 -52.19 -6.93
C LEU C 992 -15.97 -50.79 -6.34
N PRO C 993 -15.87 -50.59 -5.02
CA PRO C 993 -16.05 -49.22 -4.49
C PRO C 993 -15.08 -48.21 -5.06
N SER C 994 -13.84 -48.64 -5.34
CA SER C 994 -12.90 -47.75 -6.00
C SER C 994 -13.32 -47.42 -7.43
N ILE C 995 -14.08 -48.29 -8.08
CA ILE C 995 -14.64 -47.96 -9.39
C ILE C 995 -15.78 -46.97 -9.25
N LEU C 996 -16.65 -47.19 -8.27
CA LEU C 996 -17.83 -46.33 -8.13
C LEU C 996 -17.44 -44.92 -7.73
N ASN C 997 -16.45 -44.77 -6.84
CA ASN C 997 -16.12 -43.42 -6.40
C ASN C 997 -15.27 -42.66 -7.40
N ARG C 998 -14.86 -43.29 -8.49
CA ARG C 998 -14.37 -42.54 -9.64
C ARG C 998 -15.44 -42.33 -10.71
N MET C 999 -16.38 -43.25 -10.86
CA MET C 999 -17.50 -43.03 -11.77
C MET C 999 -18.30 -41.80 -11.34
N TYR C 1000 -18.56 -41.68 -10.04
CA TYR C 1000 -19.27 -40.53 -9.49
C TYR C 1000 -18.68 -39.22 -9.99
N PHE C 1001 -17.42 -38.97 -9.65
CA PHE C 1001 -16.82 -37.69 -9.97
C PHE C 1001 -16.44 -37.56 -11.43
N LEU C 1002 -16.28 -38.68 -12.15
CA LEU C 1002 -16.11 -38.57 -13.60
C LEU C 1002 -17.38 -38.09 -14.28
N LEU C 1003 -18.54 -38.58 -13.83
CA LEU C 1003 -19.79 -38.06 -14.38
C LEU C 1003 -19.98 -36.59 -14.02
N HIS C 1004 -19.64 -36.23 -12.78
CA HIS C 1004 -19.68 -34.81 -12.41
C HIS C 1004 -18.77 -33.96 -13.30
N ALA C 1005 -17.55 -34.45 -13.54
CA ALA C 1005 -16.61 -33.72 -14.37
C ALA C 1005 -17.10 -33.62 -15.81
N GLU C 1006 -17.74 -34.67 -16.32
CA GLU C 1006 -18.33 -34.60 -17.66
C GLU C 1006 -19.43 -33.56 -17.72
N ALA C 1007 -20.26 -33.49 -16.69
CA ALA C 1007 -21.31 -32.47 -16.67
C ALA C 1007 -20.71 -31.07 -16.68
N LEU C 1008 -19.68 -30.83 -15.86
CA LEU C 1008 -19.04 -29.52 -15.83
C LEU C 1008 -18.37 -29.21 -17.16
N ARG C 1009 -17.73 -30.20 -17.77
CA ARG C 1009 -17.09 -30.00 -19.07
C ARG C 1009 -18.12 -29.61 -20.12
N LYS C 1010 -19.27 -30.29 -20.13
CA LYS C 1010 -20.33 -29.93 -21.07
C LYS C 1010 -20.84 -28.52 -20.81
N ARG C 1011 -21.01 -28.15 -19.54
CA ARG C 1011 -21.49 -26.80 -19.23
C ARG C 1011 -20.51 -25.74 -19.73
N PHE C 1012 -19.21 -25.94 -19.48
CA PHE C 1012 -18.23 -24.93 -19.85
C PHE C 1012 -17.80 -25.01 -21.30
N ASN C 1013 -18.23 -26.04 -22.03
CA ASN C 1013 -18.14 -26.01 -23.49
C ASN C 1013 -19.39 -25.43 -24.13
N THR C 1014 -20.51 -25.45 -23.42
CA THR C 1014 -21.75 -24.88 -23.94
C THR C 1014 -21.80 -23.37 -23.75
N TYR C 1015 -21.41 -22.89 -22.57
CA TYR C 1015 -21.45 -21.45 -22.33
C TYR C 1015 -20.49 -20.70 -23.24
N LEU C 1016 -19.33 -21.30 -23.55
CA LEU C 1016 -18.37 -20.68 -24.45
C LEU C 1016 -18.55 -21.11 -25.90
N ASN C 1017 -19.74 -21.63 -26.23
CA ASN C 1017 -20.14 -22.09 -27.56
C ASN C 1017 -19.06 -22.86 -28.32
N LEU C 1018 -18.35 -23.76 -27.65
CA LEU C 1018 -17.53 -24.76 -28.33
C LEU C 1018 -18.33 -26.05 -28.46
N HIS C 1019 -18.92 -26.26 -29.64
CA HIS C 1019 -19.58 -27.50 -30.01
C HIS C 1019 -19.02 -28.02 -31.32
N LEU C 1020 -17.70 -28.01 -31.45
CA LEU C 1020 -17.05 -28.29 -32.73
C LEU C 1020 -16.85 -29.80 -32.90
N LEU C 1021 -16.08 -30.18 -33.92
CA LEU C 1021 -15.88 -31.59 -34.24
C LEU C 1021 -15.26 -32.39 -33.09
N PRO C 1022 -14.18 -31.93 -32.43
CA PRO C 1022 -13.54 -32.78 -31.42
C PRO C 1022 -14.29 -32.83 -30.09
N PHE C 1023 -15.57 -32.44 -30.09
CA PHE C 1023 -16.32 -32.38 -28.84
C PHE C 1023 -17.66 -33.11 -28.91
N ASN C 1024 -17.94 -33.85 -29.97
CA ASN C 1024 -19.07 -34.76 -29.94
C ASN C 1024 -18.69 -36.19 -30.31
N GLY C 1025 -17.83 -36.36 -31.31
CA GLY C 1025 -17.32 -37.67 -31.64
C GLY C 1025 -15.93 -37.85 -31.06
N THR C 1026 -15.73 -37.31 -29.87
CA THR C 1026 -14.42 -37.24 -29.24
C THR C 1026 -14.05 -38.57 -28.59
N ASP C 1027 -12.75 -38.79 -28.47
CA ASP C 1027 -12.19 -39.92 -27.73
C ASP C 1027 -11.29 -39.33 -26.64
N TYR C 1028 -11.56 -39.72 -25.40
CA TYR C 1028 -10.91 -39.10 -24.25
C TYR C 1028 -9.62 -39.85 -23.91
N MET C 1029 -8.52 -39.11 -23.84
CA MET C 1029 -7.25 -39.69 -23.44
C MET C 1029 -7.36 -40.20 -22.01
N PRO C 1030 -6.67 -41.30 -21.68
CA PRO C 1030 -6.83 -41.90 -20.35
C PRO C 1030 -6.31 -41.00 -19.23
N ARG C 1031 -6.46 -41.47 -18.00
CA ARG C 1031 -6.09 -40.68 -16.84
C ARG C 1031 -4.59 -40.42 -16.84
N PRO C 1032 -4.15 -39.19 -16.63
CA PRO C 1032 -2.72 -38.93 -16.44
C PRO C 1032 -2.31 -39.08 -14.99
N LEU C 1033 -1.00 -39.10 -14.78
CA LEU C 1033 -0.41 -39.17 -13.44
C LEU C 1033 0.22 -37.83 -13.11
N GLU C 1034 -0.20 -37.24 -12.00
CA GLU C 1034 0.40 -36.00 -11.50
C GLU C 1034 1.64 -36.38 -10.72
N ILE C 1035 2.76 -36.50 -11.42
CA ILE C 1035 3.99 -36.99 -10.81
C ILE C 1035 4.49 -36.01 -9.75
N ASP C 1036 4.30 -34.72 -9.97
CA ASP C 1036 4.78 -33.72 -9.02
C ASP C 1036 3.91 -33.62 -7.77
N TYR C 1037 2.99 -34.55 -7.55
CA TYR C 1037 2.26 -34.64 -6.30
C TYR C 1037 3.10 -35.22 -5.17
N SER C 1038 4.40 -35.42 -5.42
CA SER C 1038 5.39 -35.98 -4.50
C SER C 1038 5.19 -37.47 -4.25
N LEU C 1039 4.15 -38.08 -4.81
CA LEU C 1039 3.95 -39.53 -4.70
C LEU C 1039 4.72 -40.18 -5.85
N LYS C 1040 6.04 -40.27 -5.66
CA LYS C 1040 6.98 -40.69 -6.69
C LYS C 1040 6.81 -39.87 -7.97
N GLY C 1169 18.77 -14.17 -29.78
CA GLY C 1169 18.16 -15.40 -30.21
C GLY C 1169 16.65 -15.39 -30.15
N LYS C 1170 16.02 -16.24 -30.95
CA LYS C 1170 14.56 -16.34 -30.98
C LYS C 1170 14.07 -17.04 -29.72
N VAL C 1171 12.74 -17.22 -29.64
CA VAL C 1171 12.10 -17.83 -28.49
C VAL C 1171 11.18 -18.93 -28.97
N LYS C 1172 10.97 -19.92 -28.11
CA LYS C 1172 9.91 -20.89 -28.30
C LYS C 1172 8.59 -20.23 -27.89
N PRO C 1173 7.63 -20.07 -28.81
CA PRO C 1173 6.39 -19.36 -28.46
C PRO C 1173 5.65 -20.06 -27.33
N LEU C 1174 5.06 -19.26 -26.46
CA LEU C 1174 4.31 -19.80 -25.32
C LEU C 1174 3.08 -20.55 -25.80
N LEU C 1175 2.85 -21.72 -25.22
CA LEU C 1175 1.69 -22.53 -25.57
C LEU C 1175 0.41 -22.02 -24.91
N ILE C 1176 0.53 -21.22 -23.84
CA ILE C 1176 -0.67 -20.72 -23.16
C ILE C 1176 -1.36 -19.67 -24.03
N LEU C 1177 -0.60 -18.91 -24.82
CA LEU C 1177 -1.17 -17.85 -25.64
C LEU C 1177 -1.29 -18.21 -27.11
N GLN C 1178 -0.56 -19.23 -27.57
CA GLN C 1178 -0.65 -19.61 -28.98
C GLN C 1178 -2.07 -20.00 -29.37
N LYS C 1179 -2.88 -20.43 -28.41
CA LYS C 1179 -4.30 -20.68 -28.64
C LYS C 1179 -5.14 -19.46 -28.28
N THR C 1180 -4.74 -18.30 -28.78
CA THR C 1180 -5.55 -17.08 -28.65
C THR C 1180 -5.75 -16.39 -29.98
N VAL C 1181 -4.74 -16.37 -30.84
CA VAL C 1181 -4.87 -15.81 -32.18
C VAL C 1181 -5.16 -16.87 -33.23
N SER C 1182 -5.17 -18.14 -32.83
CA SER C 1182 -5.48 -19.24 -33.73
C SER C 1182 -6.45 -20.19 -33.05
N LYS C 1183 -7.23 -20.91 -33.85
CA LYS C 1183 -8.21 -21.84 -33.32
C LYS C 1183 -7.78 -23.30 -33.46
N GLU C 1184 -6.84 -23.60 -34.36
CA GLU C 1184 -6.39 -24.98 -34.53
C GLU C 1184 -5.63 -25.47 -33.30
N HIS C 1185 -4.99 -24.57 -32.57
CA HIS C 1185 -4.18 -24.94 -31.43
C HIS C 1185 -4.98 -25.12 -30.15
N ILE C 1186 -6.30 -24.91 -30.19
CA ILE C 1186 -7.12 -25.14 -29.01
C ILE C 1186 -7.23 -26.65 -28.79
N THR C 1187 -6.49 -27.16 -27.82
CA THR C 1187 -6.59 -28.58 -27.49
C THR C 1187 -7.91 -28.84 -26.78
N PRO C 1188 -8.63 -29.90 -27.14
CA PRO C 1188 -9.89 -30.20 -26.45
C PRO C 1188 -9.67 -30.41 -24.96
N ALA C 1189 -10.60 -29.90 -24.16
CA ALA C 1189 -10.50 -29.96 -22.70
C ALA C 1189 -10.71 -31.40 -22.25
N GLU C 1190 -9.61 -32.09 -21.95
CA GLU C 1190 -9.69 -33.47 -21.52
C GLU C 1190 -10.46 -33.57 -20.20
N GLN C 1191 -11.28 -34.62 -20.09
CA GLN C 1191 -12.07 -34.83 -18.88
C GLN C 1191 -11.16 -35.08 -17.68
N GLY C 1192 -9.97 -35.61 -17.91
CA GLY C 1192 -9.03 -35.81 -16.81
C GLY C 1192 -8.60 -34.49 -16.18
N GLU C 1193 -8.41 -33.46 -16.99
CA GLU C 1193 -8.06 -32.15 -16.45
C GLU C 1193 -9.16 -31.62 -15.53
N PHE C 1194 -10.41 -31.74 -15.97
CA PHE C 1194 -11.52 -31.29 -15.12
C PHE C 1194 -11.62 -32.13 -13.86
N LEU C 1195 -11.42 -33.44 -13.97
CA LEU C 1195 -11.44 -34.29 -12.79
C LEU C 1195 -10.36 -33.89 -11.81
N ALA C 1196 -9.18 -33.53 -12.32
CA ALA C 1196 -8.14 -32.99 -11.46
C ALA C 1196 -8.61 -31.70 -10.79
N ALA C 1197 -9.26 -30.82 -11.55
CA ALA C 1197 -9.81 -29.60 -10.97
C ALA C 1197 -10.87 -29.89 -9.92
N ILE C 1198 -11.47 -31.09 -9.95
CA ILE C 1198 -12.48 -31.44 -8.95
C ILE C 1198 -11.82 -31.94 -7.67
N THR C 1199 -10.87 -32.87 -7.79
CA THR C 1199 -10.32 -33.53 -6.61
C THR C 1199 -9.44 -32.58 -5.83
N ALA C 1200 -9.69 -32.46 -4.54
CA ALA C 1200 -8.84 -31.68 -3.66
C ALA C 1200 -7.66 -32.53 -3.19
N SER C 1201 -6.78 -31.93 -2.39
CA SER C 1201 -5.59 -32.64 -1.92
C SER C 1201 -5.95 -33.76 -0.95
N SER C 1202 -6.96 -33.54 -0.11
CA SER C 1202 -7.33 -34.49 0.93
C SER C 1202 -7.76 -35.85 0.37
N ALA C 1203 -8.27 -35.90 -0.85
CA ALA C 1203 -8.72 -37.18 -1.40
C ALA C 1203 -7.56 -38.12 -1.70
N ALA C 1204 -6.35 -37.58 -1.87
CA ALA C 1204 -5.14 -38.38 -2.03
C ALA C 1204 -5.25 -39.37 -3.19
N ASP C 1205 -5.41 -38.82 -4.39
CA ASP C 1205 -5.34 -39.59 -5.62
C ASP C 1205 -4.07 -39.18 -6.36
N VAL C 1206 -3.75 -39.93 -7.42
CA VAL C 1206 -2.51 -39.68 -8.17
C VAL C 1206 -2.52 -38.32 -8.86
N PHE C 1207 -3.65 -37.64 -8.90
CA PHE C 1207 -3.81 -36.35 -9.56
C PHE C 1207 -4.50 -35.37 -8.62
N ASP C 1208 -4.22 -34.08 -8.83
CA ASP C 1208 -4.70 -33.04 -7.93
C ASP C 1208 -4.87 -31.72 -8.68
N MET C 1209 -5.45 -30.75 -7.99
CA MET C 1209 -5.67 -29.42 -8.54
C MET C 1209 -4.55 -28.44 -8.23
N GLU C 1210 -3.59 -28.83 -7.40
CA GLU C 1210 -2.67 -27.86 -6.82
C GLU C 1210 -1.72 -27.29 -7.85
N ARG C 1211 -1.35 -28.07 -8.86
CA ARG C 1211 -0.46 -27.55 -9.89
C ARG C 1211 -1.15 -26.50 -10.75
N LEU C 1212 -2.39 -26.77 -11.17
CA LEU C 1212 -3.15 -25.80 -11.95
C LEU C 1212 -3.57 -24.60 -11.12
N GLU C 1213 -3.56 -24.74 -9.78
CA GLU C 1213 -3.86 -23.63 -8.89
C GLU C 1213 -3.03 -22.39 -9.20
N ILE C 1214 -1.71 -22.55 -9.34
CA ILE C 1214 -0.83 -21.39 -9.46
C ILE C 1214 -1.12 -20.64 -10.77
N LEU C 1215 -1.26 -21.39 -11.87
CA LEU C 1215 -1.54 -20.76 -13.15
C LEU C 1215 -2.90 -20.08 -13.14
N GLY C 1216 -3.91 -20.72 -12.54
CA GLY C 1216 -5.21 -20.10 -12.46
C GLY C 1216 -5.19 -18.81 -11.68
N ASN C 1217 -4.50 -18.80 -10.53
CA ASN C 1217 -4.42 -17.58 -9.72
C ASN C 1217 -3.66 -16.49 -10.46
N SER C 1218 -2.59 -16.85 -11.17
CA SER C 1218 -1.85 -15.85 -11.92
C SER C 1218 -2.71 -15.22 -13.01
N PHE C 1219 -3.47 -16.03 -13.73
CA PHE C 1219 -4.36 -15.47 -14.75
C PHE C 1219 -5.44 -14.60 -14.11
N LEU C 1220 -5.97 -15.02 -12.97
CA LEU C 1220 -6.95 -14.20 -12.27
C LEU C 1220 -6.38 -12.85 -11.92
N LYS C 1221 -5.15 -12.82 -11.41
CA LYS C 1221 -4.51 -11.55 -11.05
C LYS C 1221 -4.33 -10.67 -12.27
N LEU C 1222 -3.79 -11.22 -13.36
CA LEU C 1222 -3.57 -10.42 -14.55
C LEU C 1222 -4.89 -9.86 -15.07
N SER C 1223 -5.91 -10.71 -15.17
CA SER C 1223 -7.19 -10.28 -15.72
C SER C 1223 -7.82 -9.20 -14.85
N ALA C 1224 -7.78 -9.38 -13.52
CA ALA C 1224 -8.39 -8.39 -12.64
C ALA C 1224 -7.68 -7.05 -12.74
N THR C 1225 -6.35 -7.06 -12.73
CA THR C 1225 -5.62 -5.80 -12.82
C THR C 1225 -5.88 -5.11 -14.15
N LEU C 1226 -5.86 -5.86 -15.25
CA LEU C 1226 -6.10 -5.24 -16.55
C LEU C 1226 -7.53 -4.70 -16.66
N TYR C 1227 -8.50 -5.46 -16.17
CA TYR C 1227 -9.89 -5.02 -16.25
C TYR C 1227 -10.12 -3.75 -15.45
N LEU C 1228 -9.60 -3.70 -14.22
CA LEU C 1228 -9.75 -2.49 -13.41
C LEU C 1228 -9.00 -1.31 -14.01
N ALA C 1229 -7.78 -1.56 -14.52
CA ALA C 1229 -7.01 -0.47 -15.11
C ALA C 1229 -7.57 -0.02 -16.45
N SER C 1230 -8.48 -0.79 -17.04
CA SER C 1230 -9.12 -0.35 -18.27
C SER C 1230 -10.43 0.38 -18.00
N LYS C 1231 -11.23 -0.09 -17.05
CA LYS C 1231 -12.51 0.57 -16.80
C LYS C 1231 -12.37 1.89 -16.06
N TYR C 1232 -11.31 2.08 -15.29
CA TYR C 1232 -11.18 3.20 -14.36
C TYR C 1232 -9.88 3.96 -14.60
N SER C 1233 -9.63 4.31 -15.87
CA SER C 1233 -8.43 5.05 -16.25
C SER C 1233 -8.32 6.43 -15.60
N ASP C 1234 -9.29 6.84 -14.79
CA ASP C 1234 -9.23 8.07 -14.02
C ASP C 1234 -9.01 7.83 -12.53
N TRP C 1235 -8.36 6.72 -12.18
CA TRP C 1235 -8.05 6.38 -10.80
C TRP C 1235 -6.55 6.14 -10.67
N ASN C 1236 -6.07 6.16 -9.43
CA ASN C 1236 -4.67 5.89 -9.15
C ASN C 1236 -4.45 4.41 -8.87
N GLU C 1237 -3.21 3.96 -9.03
CA GLU C 1237 -2.89 2.55 -8.84
C GLU C 1237 -3.14 2.11 -7.40
N GLY C 1238 -3.11 3.04 -6.45
CA GLY C 1238 -3.40 2.68 -5.07
C GLY C 1238 -4.83 2.19 -4.90
N THR C 1239 -5.79 2.93 -5.47
CA THR C 1239 -7.18 2.51 -5.39
C THR C 1239 -7.41 1.24 -6.21
N LEU C 1240 -6.76 1.15 -7.38
CA LEU C 1240 -6.87 -0.06 -8.17
C LEU C 1240 -6.43 -1.29 -7.39
N THR C 1241 -5.29 -1.19 -6.71
CA THR C 1241 -4.80 -2.31 -5.91
C THR C 1241 -5.72 -2.60 -4.74
N GLU C 1242 -6.17 -1.55 -4.02
CA GLU C 1242 -6.99 -1.79 -2.85
C GLU C 1242 -8.41 -2.23 -3.20
N VAL C 1243 -8.80 -2.15 -4.46
CA VAL C 1243 -10.07 -2.76 -4.88
C VAL C 1243 -9.86 -4.16 -5.45
N LYS C 1244 -8.84 -4.35 -6.29
CA LYS C 1244 -8.58 -5.69 -6.80
C LYS C 1244 -8.14 -6.65 -5.70
N SER C 1245 -7.73 -6.12 -4.54
CA SER C 1245 -7.49 -6.99 -3.40
C SER C 1245 -8.78 -7.69 -2.98
N LYS C 1246 -9.86 -6.93 -2.78
CA LYS C 1246 -11.13 -7.53 -2.39
C LYS C 1246 -11.77 -8.28 -3.54
N LEU C 1247 -11.53 -7.84 -4.78
CA LEU C 1247 -12.06 -8.58 -5.93
C LEU C 1247 -11.46 -9.97 -6.02
N VAL C 1248 -10.15 -10.10 -5.75
CA VAL C 1248 -9.45 -11.37 -5.90
C VAL C 1248 -9.34 -12.11 -4.56
N SER C 1249 -9.77 -11.50 -3.46
CA SER C 1249 -9.64 -12.12 -2.15
C SER C 1249 -10.41 -13.43 -2.09
N ASN C 1250 -9.93 -14.33 -1.23
CA ASN C 1250 -10.57 -15.64 -1.09
C ASN C 1250 -12.00 -15.51 -0.61
N ARG C 1251 -12.32 -14.43 0.10
CA ARG C 1251 -13.71 -14.19 0.50
C ARG C 1251 -14.59 -13.95 -0.71
N ASN C 1252 -14.07 -13.29 -1.74
CA ASN C 1252 -14.85 -13.06 -2.95
C ASN C 1252 -15.02 -14.33 -3.75
N LEU C 1253 -13.95 -15.11 -3.93
CA LEU C 1253 -14.03 -16.31 -4.73
C LEU C 1253 -14.98 -17.32 -4.09
N LEU C 1254 -14.95 -17.44 -2.77
CA LEU C 1254 -15.85 -18.37 -2.09
C LEU C 1254 -17.31 -18.04 -2.39
N PHE C 1255 -17.71 -16.79 -2.18
CA PHE C 1255 -19.10 -16.42 -2.38
C PHE C 1255 -19.49 -16.49 -3.85
N CYS C 1256 -18.57 -16.13 -4.74
CA CYS C 1256 -18.82 -16.25 -6.16
C CYS C 1256 -19.12 -17.69 -6.55
N LEU C 1257 -18.31 -18.63 -6.06
CA LEU C 1257 -18.50 -20.02 -6.46
C LEU C 1257 -19.70 -20.63 -5.75
N ILE C 1258 -20.04 -20.15 -4.55
CA ILE C 1258 -21.29 -20.54 -3.92
C ILE C 1258 -22.47 -20.10 -4.77
N ASP C 1259 -22.43 -18.87 -5.27
CA ASP C 1259 -23.44 -18.42 -6.23
C ASP C 1259 -23.46 -19.33 -7.44
N ALA C 1260 -22.29 -19.81 -7.87
CA ALA C 1260 -22.24 -20.78 -8.95
C ALA C 1260 -22.77 -22.15 -8.55
N ASP C 1261 -23.08 -22.35 -7.26
CA ASP C 1261 -23.63 -23.60 -6.71
C ASP C 1261 -22.82 -24.83 -7.12
N ILE C 1262 -21.54 -24.63 -7.43
CA ILE C 1262 -20.66 -25.74 -7.78
C ILE C 1262 -20.46 -26.74 -6.65
N PRO C 1263 -20.26 -26.31 -5.35
CA PRO C 1263 -19.69 -27.23 -4.35
C PRO C 1263 -20.29 -28.64 -4.28
N LYS C 1264 -21.44 -28.85 -4.91
CA LYS C 1264 -22.02 -30.18 -4.96
C LYS C 1264 -21.18 -31.16 -5.78
N THR C 1265 -20.19 -30.68 -6.52
CA THR C 1265 -19.39 -31.52 -7.41
C THR C 1265 -17.89 -31.36 -7.15
N LEU C 1266 -17.49 -31.42 -5.89
CA LEU C 1266 -16.07 -31.39 -5.55
C LEU C 1266 -15.68 -32.65 -4.78
N ASN C 1267 -14.43 -33.07 -4.96
CA ASN C 1267 -13.91 -34.29 -4.34
C ASN C 1267 -12.87 -33.90 -3.29
N THR C 1268 -13.23 -34.08 -2.02
CA THR C 1268 -12.34 -33.76 -0.90
C THR C 1268 -12.01 -34.97 -0.05
N ILE C 1269 -13.02 -35.73 0.38
CA ILE C 1269 -12.81 -36.76 1.39
C ILE C 1269 -11.92 -37.88 0.86
N GLN C 1270 -11.31 -38.62 1.79
CA GLN C 1270 -10.29 -39.62 1.50
C GLN C 1270 -10.89 -40.94 0.99
N PHE C 1271 -12.22 -41.00 0.79
CA PHE C 1271 -12.91 -42.23 0.41
C PHE C 1271 -12.69 -43.32 1.46
N THR C 1272 -13.25 -43.07 2.63
CA THR C 1272 -13.33 -44.11 3.65
C THR C 1272 -14.59 -44.93 3.39
N PRO C 1273 -14.47 -46.08 2.72
CA PRO C 1273 -15.67 -46.80 2.29
C PRO C 1273 -16.34 -47.54 3.44
N ARG C 1274 -15.53 -48.08 4.34
CA ARG C 1274 -16.04 -48.90 5.42
C ARG C 1274 -16.96 -48.14 6.36
N TYR C 1275 -16.87 -46.82 6.39
CA TYR C 1275 -17.57 -46.03 7.41
C TYR C 1275 -18.44 -44.93 6.84
N THR C 1276 -18.02 -44.27 5.75
CA THR C 1276 -18.72 -43.08 5.28
C THR C 1276 -19.28 -43.18 3.87
N TRP C 1277 -18.71 -44.01 2.99
CA TRP C 1277 -19.18 -44.10 1.62
C TRP C 1277 -20.49 -44.89 1.61
N LEU C 1278 -21.60 -44.18 1.50
CA LEU C 1278 -22.89 -44.84 1.48
C LEU C 1278 -23.03 -45.69 0.22
N PRO C 1279 -23.55 -46.91 0.34
CA PRO C 1279 -23.80 -47.71 -0.85
C PRO C 1279 -24.82 -47.04 -1.74
N PRO C 1280 -24.73 -47.22 -3.05
CA PRO C 1280 -25.66 -46.55 -3.97
C PRO C 1280 -27.12 -46.90 -3.73
N GLY C 1281 -27.46 -48.19 -3.77
CA GLY C 1281 -28.85 -48.60 -3.71
C GLY C 1281 -29.35 -48.92 -2.31
N ILE C 1282 -28.65 -48.44 -1.29
CA ILE C 1282 -28.98 -48.74 0.10
C ILE C 1282 -28.83 -47.48 0.93
N SER C 1283 -29.80 -47.24 1.81
CA SER C 1283 -29.76 -46.08 2.70
C SER C 1283 -30.58 -46.40 3.95
N LEU C 1284 -30.37 -45.59 4.98
CA LEU C 1284 -31.07 -45.77 6.25
C LEU C 1284 -32.57 -45.50 6.07
N PRO C 1285 -33.41 -45.97 7.01
CA PRO C 1285 -34.85 -46.01 6.75
C PRO C 1285 -35.44 -44.64 6.43
N HIS C 1286 -36.47 -44.65 5.57
CA HIS C 1286 -37.03 -43.40 5.06
C HIS C 1286 -37.66 -42.57 6.17
N ASN C 1287 -38.34 -43.22 7.12
CA ASN C 1287 -38.92 -42.47 8.24
C ASN C 1287 -37.85 -41.76 9.04
N VAL C 1288 -36.69 -42.39 9.19
CA VAL C 1288 -35.57 -41.74 9.87
C VAL C 1288 -35.14 -40.49 9.11
N LEU C 1289 -34.97 -40.62 7.79
CA LEU C 1289 -34.67 -39.46 6.96
C LEU C 1289 -35.67 -38.34 7.19
N ALA C 1290 -36.95 -38.67 7.11
CA ALA C 1290 -37.99 -37.66 7.27
C ALA C 1290 -37.86 -36.95 8.61
N LEU C 1291 -38.02 -37.68 9.71
CA LEU C 1291 -38.14 -37.03 11.00
C LEU C 1291 -36.79 -36.60 11.58
N TRP C 1292 -35.67 -36.87 10.90
CA TRP C 1292 -34.39 -36.34 11.34
C TRP C 1292 -33.88 -35.22 10.45
N ARG C 1293 -34.37 -35.10 9.21
CA ARG C 1293 -33.94 -34.06 8.29
C ARG C 1293 -34.93 -32.92 8.14
N GLU C 1294 -36.23 -33.16 8.39
CA GLU C 1294 -37.18 -32.06 8.35
C GLU C 1294 -37.33 -31.34 9.68
N ASN C 1295 -36.72 -31.85 10.74
CA ASN C 1295 -36.90 -31.29 12.07
C ASN C 1295 -35.66 -30.51 12.50
N PRO C 1296 -35.73 -29.18 12.60
CA PRO C 1296 -34.56 -28.42 13.07
C PRO C 1296 -34.16 -28.75 14.49
N GLU C 1297 -35.12 -29.11 15.35
CA GLU C 1297 -34.79 -29.38 16.75
C GLU C 1297 -33.99 -30.66 16.90
N PHE C 1298 -34.14 -31.61 15.98
CA PHE C 1298 -33.39 -32.86 16.00
C PHE C 1298 -32.41 -32.94 14.84
N ALA C 1299 -31.90 -31.80 14.38
CA ALA C 1299 -31.05 -31.78 13.20
C ALA C 1299 -29.77 -32.57 13.41
N LYS C 1300 -29.04 -32.27 14.47
CA LYS C 1300 -27.77 -32.93 14.78
C LYS C 1300 -27.70 -33.29 16.25
N ILE C 1301 -28.77 -33.87 16.79
CA ILE C 1301 -28.81 -34.26 18.19
C ILE C 1301 -28.56 -35.76 18.30
N ILE C 1302 -28.97 -36.51 17.28
CA ILE C 1302 -28.78 -37.95 17.27
C ILE C 1302 -27.35 -38.26 16.84
N GLY C 1303 -26.63 -38.99 17.68
CA GLY C 1303 -25.25 -39.34 17.39
C GLY C 1303 -25.12 -40.72 16.76
N PRO C 1304 -23.92 -41.04 16.29
CA PRO C 1304 -23.71 -42.37 15.69
C PRO C 1304 -23.92 -43.51 16.66
N HIS C 1305 -23.73 -43.26 17.97
CA HIS C 1305 -24.00 -44.30 18.96
C HIS C 1305 -25.47 -44.70 18.96
N ASN C 1306 -26.37 -43.74 18.79
CA ASN C 1306 -27.79 -44.07 18.65
C ASN C 1306 -28.07 -44.78 17.33
N LEU C 1307 -27.42 -44.33 16.25
CA LEU C 1307 -27.67 -44.92 14.93
C LEU C 1307 -27.26 -46.38 14.88
N ARG C 1308 -26.10 -46.72 15.45
CA ARG C 1308 -25.60 -48.08 15.37
C ARG C 1308 -26.47 -49.08 16.12
N ASP C 1309 -27.37 -48.60 16.98
CA ASP C 1309 -28.24 -49.51 17.72
C ASP C 1309 -29.46 -49.94 16.93
N LEU C 1310 -29.65 -49.43 15.71
CA LEU C 1310 -30.80 -49.78 14.89
C LEU C 1310 -30.53 -51.06 14.09
N ALA C 1311 -30.33 -52.16 14.82
CA ALA C 1311 -30.14 -53.47 14.22
C ALA C 1311 -31.51 -54.05 13.90
N LEU C 1312 -32.09 -53.55 12.81
CA LEU C 1312 -33.44 -53.93 12.43
C LEU C 1312 -33.48 -55.36 11.90
N GLY C 1313 -34.69 -55.87 11.72
CA GLY C 1313 -34.85 -57.18 11.11
C GLY C 1313 -34.53 -57.18 9.63
N ASP C 1314 -34.24 -58.37 9.11
CA ASP C 1314 -33.92 -58.50 7.70
C ASP C 1314 -35.11 -58.09 6.83
N GLU C 1315 -36.32 -58.53 7.20
CA GLU C 1315 -37.50 -58.04 6.51
C GLU C 1315 -37.76 -56.57 6.83
N GLU C 1316 -37.30 -56.11 7.98
CA GLU C 1316 -37.45 -54.70 8.35
C GLU C 1316 -36.42 -53.81 7.67
N SER C 1317 -35.44 -54.39 6.97
CA SER C 1317 -34.39 -53.61 6.33
C SER C 1317 -34.17 -53.95 4.87
N LEU C 1318 -34.72 -55.06 4.36
CA LEU C 1318 -34.49 -55.44 2.98
C LEU C 1318 -35.74 -55.46 2.12
N VAL C 1319 -36.93 -55.46 2.72
CA VAL C 1319 -38.16 -55.40 1.93
C VAL C 1319 -39.05 -54.26 2.41
N LYS C 1320 -39.33 -54.21 3.72
CA LYS C 1320 -40.29 -53.25 4.24
C LYS C 1320 -39.83 -51.81 4.03
N GLY C 1321 -38.56 -51.54 4.28
CA GLY C 1321 -37.99 -50.24 3.98
C GLY C 1321 -38.09 -49.21 5.09
N ASN C 1322 -38.63 -49.55 6.25
CA ASN C 1322 -38.74 -48.59 7.35
C ASN C 1322 -38.50 -49.32 8.67
N CYS C 1323 -38.63 -48.57 9.77
CA CYS C 1323 -38.32 -49.06 11.10
C CYS C 1323 -39.57 -49.60 11.78
N SER C 1324 -39.35 -50.53 12.71
CA SER C 1324 -40.43 -51.06 13.52
C SER C 1324 -40.68 -50.14 14.72
N ASP C 1325 -41.74 -50.45 15.48
CA ASP C 1325 -42.11 -49.60 16.61
C ASP C 1325 -41.02 -49.58 17.68
N ILE C 1326 -40.43 -50.72 17.98
CA ILE C 1326 -39.36 -50.77 18.98
C ILE C 1326 -38.16 -49.96 18.50
N ASN C 1327 -37.75 -50.17 17.24
CA ASN C 1327 -36.68 -49.36 16.67
C ASN C 1327 -37.10 -47.90 16.56
N TYR C 1328 -38.38 -47.64 16.32
CA TYR C 1328 -38.88 -46.26 16.29
C TYR C 1328 -38.63 -45.57 17.62
N ASN C 1329 -39.05 -46.20 18.72
CA ASN C 1329 -38.81 -45.62 20.04
C ASN C 1329 -37.32 -45.50 20.32
N ARG C 1330 -36.55 -46.49 19.87
CA ARG C 1330 -35.10 -46.45 20.10
C ARG C 1330 -34.48 -45.21 19.46
N PHE C 1331 -34.73 -44.98 18.17
CA PHE C 1331 -34.03 -43.88 17.53
C PHE C 1331 -34.73 -42.54 17.74
N VAL C 1332 -35.94 -42.53 18.31
CA VAL C 1332 -36.52 -41.27 18.73
C VAL C 1332 -36.09 -40.90 20.15
N GLU C 1333 -35.67 -41.88 20.96
CA GLU C 1333 -35.11 -41.58 22.27
C GLU C 1333 -33.59 -41.49 22.26
N GLY C 1334 -32.95 -41.81 21.13
CA GLY C 1334 -31.50 -41.66 21.06
C GLY C 1334 -31.04 -40.23 21.32
N CYS C 1335 -31.69 -39.26 20.66
CA CYS C 1335 -31.32 -37.86 20.88
C CYS C 1335 -31.60 -37.44 22.31
N ARG C 1336 -32.71 -37.88 22.87
CA ARG C 1336 -33.04 -37.53 24.25
C ARG C 1336 -32.01 -38.10 25.21
N ALA C 1337 -31.57 -39.33 24.98
CA ALA C 1337 -30.52 -39.92 25.80
C ALA C 1337 -29.21 -39.17 25.63
N ASN C 1338 -28.94 -38.65 24.43
CA ASN C 1338 -27.80 -37.77 24.25
C ASN C 1338 -27.95 -36.51 25.09
N GLY C 1339 -29.17 -35.99 25.21
CA GLY C 1339 -29.45 -34.81 25.99
C GLY C 1339 -29.52 -35.03 27.49
N GLN C 1340 -29.42 -36.28 27.95
CA GLN C 1340 -29.43 -36.59 29.37
C GLN C 1340 -28.13 -37.25 29.82
N SER C 1341 -27.07 -37.17 29.00
CA SER C 1341 -25.79 -37.78 29.30
C SER C 1341 -24.68 -36.77 29.02
N PHE C 1342 -23.44 -37.20 29.21
CA PHE C 1342 -22.30 -36.35 28.89
C PHE C 1342 -22.09 -36.19 27.39
N TYR C 1343 -22.82 -36.95 26.58
CA TYR C 1343 -22.82 -36.73 25.13
C TYR C 1343 -23.52 -35.43 24.73
N ALA C 1344 -24.22 -34.79 25.66
CA ALA C 1344 -24.91 -33.54 25.34
C ALA C 1344 -23.93 -32.47 24.89
N GLY C 1345 -24.24 -31.83 23.77
CA GLY C 1345 -23.38 -30.81 23.20
C GLY C 1345 -22.24 -31.34 22.36
N ALA C 1346 -22.07 -32.66 22.26
CA ALA C 1346 -21.00 -33.21 21.45
C ALA C 1346 -21.29 -33.03 19.96
N ASP C 1347 -20.23 -32.82 19.19
CA ASP C 1347 -20.37 -32.63 17.76
C ASP C 1347 -20.81 -33.94 17.10
N PHE C 1348 -21.92 -33.90 16.39
CA PHE C 1348 -22.42 -35.04 15.63
C PHE C 1348 -22.51 -34.69 14.15
N SER C 1349 -21.53 -33.93 13.67
CA SER C 1349 -21.44 -33.57 12.26
C SER C 1349 -20.17 -34.05 11.59
N SER C 1350 -19.11 -34.34 12.34
CA SER C 1350 -17.86 -34.79 11.74
C SER C 1350 -18.01 -36.24 11.27
N GLU C 1351 -18.04 -36.41 9.94
CA GLU C 1351 -18.13 -37.73 9.28
C GLU C 1351 -19.19 -38.64 9.91
N VAL C 1352 -20.23 -38.04 10.48
CA VAL C 1352 -21.37 -38.80 10.99
C VAL C 1352 -22.65 -38.15 10.50
N ASN C 1353 -22.52 -37.24 9.52
CA ASN C 1353 -23.66 -36.63 8.86
C ASN C 1353 -23.72 -36.99 7.37
N PHE C 1354 -22.96 -38.01 6.96
CA PHE C 1354 -22.96 -38.46 5.57
C PHE C 1354 -24.28 -39.10 5.17
N CYS C 1355 -25.16 -39.40 6.12
CA CYS C 1355 -26.43 -40.03 5.79
C CYS C 1355 -27.28 -39.12 4.92
N VAL C 1356 -27.27 -37.82 5.20
CA VAL C 1356 -28.04 -36.86 4.41
C VAL C 1356 -27.18 -36.38 3.25
N GLY C 1357 -25.92 -36.80 3.22
CA GLY C 1357 -25.01 -36.40 2.16
C GLY C 1357 -24.30 -35.10 2.39
N LEU C 1358 -24.39 -34.52 3.57
CA LEU C 1358 -23.67 -33.28 3.87
C LEU C 1358 -22.17 -33.51 3.87
N VAL C 1359 -21.43 -32.48 3.50
CA VAL C 1359 -19.97 -32.50 3.53
C VAL C 1359 -19.48 -31.16 4.06
N THR C 1360 -18.45 -31.19 4.89
CA THR C 1360 -17.86 -29.99 5.47
C THR C 1360 -16.57 -29.67 4.73
N ILE C 1361 -16.53 -28.53 4.07
CA ILE C 1361 -15.39 -28.14 3.24
C ILE C 1361 -14.89 -26.77 3.66
N PRO C 1362 -13.58 -26.56 3.77
CA PRO C 1362 -13.07 -25.22 4.10
C PRO C 1362 -12.97 -24.34 2.86
N ASN C 1363 -12.88 -23.03 3.12
CA ASN C 1363 -12.94 -22.04 2.04
C ASN C 1363 -11.76 -22.16 1.09
N LYS C 1364 -10.57 -22.44 1.62
CA LYS C 1364 -9.38 -22.54 0.77
C LYS C 1364 -9.56 -23.55 -0.34
N VAL C 1365 -10.13 -24.72 -0.03
CA VAL C 1365 -10.41 -25.72 -1.05
C VAL C 1365 -11.28 -25.14 -2.15
N ILE C 1366 -12.37 -24.49 -1.78
CA ILE C 1366 -13.35 -24.03 -2.75
C ILE C 1366 -12.75 -22.97 -3.67
N ALA C 1367 -12.06 -21.99 -3.07
CA ALA C 1367 -11.42 -20.97 -3.88
C ALA C 1367 -10.38 -21.58 -4.81
N ASP C 1368 -9.59 -22.53 -4.28
CA ASP C 1368 -8.59 -23.18 -5.10
C ASP C 1368 -9.21 -23.91 -6.27
N THR C 1369 -10.38 -24.53 -6.08
CA THR C 1369 -11.05 -25.16 -7.21
C THR C 1369 -11.57 -24.12 -8.20
N LEU C 1370 -11.98 -22.94 -7.70
CA LEU C 1370 -12.40 -21.89 -8.62
C LEU C 1370 -11.27 -21.54 -9.59
N GLU C 1371 -10.13 -21.10 -9.06
CA GLU C 1371 -9.10 -20.80 -10.06
C GLU C 1371 -8.40 -22.05 -10.60
N ALA C 1372 -8.69 -23.24 -10.09
CA ALA C 1372 -8.24 -24.44 -10.77
C ALA C 1372 -9.03 -24.67 -12.05
N LEU C 1373 -10.35 -24.45 -11.99
CA LEU C 1373 -11.15 -24.44 -13.20
C LEU C 1373 -10.66 -23.36 -14.15
N LEU C 1374 -10.34 -22.19 -13.61
CA LEU C 1374 -9.75 -21.14 -14.42
C LEU C 1374 -8.48 -21.62 -15.12
N GLY C 1375 -7.61 -22.33 -14.38
CA GLY C 1375 -6.38 -22.82 -14.97
C GLY C 1375 -6.60 -23.85 -16.05
N VAL C 1376 -7.55 -24.77 -15.84
CA VAL C 1376 -7.86 -25.76 -16.86
C VAL C 1376 -8.36 -25.06 -18.13
N ILE C 1377 -9.27 -24.10 -17.96
CA ILE C 1377 -9.84 -23.40 -19.11
C ILE C 1377 -8.77 -22.62 -19.85
N VAL C 1378 -7.91 -21.91 -19.12
CA VAL C 1378 -6.88 -21.14 -19.81
C VAL C 1378 -5.87 -22.06 -20.49
N LYS C 1379 -5.56 -23.21 -19.89
CA LYS C 1379 -4.58 -24.11 -20.50
C LYS C 1379 -5.12 -24.72 -21.79
N ASN C 1380 -6.37 -25.16 -21.80
CA ASN C 1380 -6.87 -25.84 -22.98
C ASN C 1380 -7.46 -24.90 -24.03
N TYR C 1381 -8.00 -23.75 -23.62
CA TYR C 1381 -8.75 -22.89 -24.53
C TYR C 1381 -8.12 -21.53 -24.76
N GLY C 1382 -7.00 -21.22 -24.11
CA GLY C 1382 -6.31 -19.97 -24.34
C GLY C 1382 -6.80 -18.84 -23.45
N LEU C 1383 -6.06 -17.73 -23.51
CA LEU C 1383 -6.35 -16.59 -22.66
C LEU C 1383 -7.72 -15.99 -22.96
N GLN C 1384 -8.05 -15.85 -24.25
CA GLN C 1384 -9.27 -15.16 -24.63
C GLN C 1384 -10.50 -15.87 -24.09
N HIS C 1385 -10.60 -17.18 -24.31
CA HIS C 1385 -11.75 -17.92 -23.83
C HIS C 1385 -11.80 -17.92 -22.30
N ALA C 1386 -10.63 -17.97 -21.65
CA ALA C 1386 -10.61 -17.93 -20.20
C ALA C 1386 -11.18 -16.61 -19.68
N PHE C 1387 -10.79 -15.49 -20.29
CA PHE C 1387 -11.31 -14.20 -19.84
C PHE C 1387 -12.80 -14.09 -20.16
N LYS C 1388 -13.23 -14.66 -21.29
CA LYS C 1388 -14.66 -14.70 -21.58
C LYS C 1388 -15.41 -15.48 -20.52
N MET C 1389 -14.82 -16.57 -20.03
CA MET C 1389 -15.46 -17.38 -19.01
C MET C 1389 -15.49 -16.65 -17.68
N LEU C 1390 -14.46 -15.88 -17.37
CA LEU C 1390 -14.44 -15.12 -16.12
C LEU C 1390 -15.65 -14.19 -16.03
N GLU C 1391 -16.21 -13.80 -17.17
CA GLU C 1391 -17.46 -13.04 -17.18
C GLU C 1391 -18.60 -13.86 -16.59
N TYR C 1392 -18.59 -15.17 -16.80
CA TYR C 1392 -19.69 -16.03 -16.33
C TYR C 1392 -19.80 -16.02 -14.81
N PHE C 1393 -18.69 -15.84 -14.12
CA PHE C 1393 -18.70 -15.85 -12.66
C PHE C 1393 -19.07 -14.49 -12.06
N LYS C 1394 -19.63 -13.59 -12.87
CA LYS C 1394 -20.06 -12.25 -12.44
C LYS C 1394 -19.02 -11.56 -11.56
N ILE C 1395 -17.75 -11.83 -11.81
CA ILE C 1395 -16.68 -11.07 -11.16
C ILE C 1395 -16.26 -9.89 -12.03
N CYS C 1396 -15.99 -10.13 -13.30
CA CYS C 1396 -15.68 -9.08 -14.27
C CYS C 1396 -17.01 -8.60 -14.85
N ARG C 1397 -17.59 -7.58 -14.23
CA ARG C 1397 -18.90 -7.10 -14.66
C ARG C 1397 -18.81 -6.47 -16.04
N ALA C 1398 -19.83 -6.74 -16.86
CA ALA C 1398 -19.86 -6.23 -18.22
C ALA C 1398 -20.19 -4.74 -18.23
N ASP C 1399 -19.59 -4.03 -19.17
CA ASP C 1399 -19.86 -2.61 -19.35
C ASP C 1399 -21.16 -2.40 -20.12
N ILE C 1400 -21.88 -1.34 -19.74
CA ILE C 1400 -23.18 -1.09 -20.34
C ILE C 1400 -23.05 -0.66 -21.80
N ASP C 1401 -22.05 0.17 -22.11
CA ASP C 1401 -21.90 0.67 -23.48
C ASP C 1401 -21.59 -0.47 -24.44
N LYS C 1402 -20.71 -1.38 -24.04
CA LYS C 1402 -20.33 -2.53 -24.84
C LYS C 1402 -20.03 -3.60 -23.80
N PRO C 1403 -20.68 -4.77 -23.87
CA PRO C 1403 -20.57 -5.75 -22.78
C PRO C 1403 -19.14 -6.02 -22.32
N LEU C 1404 -18.29 -6.49 -23.23
CA LEU C 1404 -16.90 -6.76 -22.90
C LEU C 1404 -16.19 -7.14 -24.19
N THR C 1405 -14.87 -7.00 -24.19
CA THR C 1405 -14.05 -7.29 -25.36
C THR C 1405 -13.00 -8.31 -24.96
N GLN C 1406 -12.08 -8.58 -25.87
CA GLN C 1406 -11.00 -9.52 -25.60
C GLN C 1406 -10.11 -9.01 -24.48
N LEU C 1407 -9.32 -9.92 -23.92
CA LEU C 1407 -8.31 -9.50 -22.96
C LEU C 1407 -7.29 -8.57 -23.60
N LEU C 1408 -6.84 -8.92 -24.81
CA LEU C 1408 -6.14 -7.96 -25.64
C LEU C 1408 -7.14 -7.03 -26.30
N ASN C 1409 -6.63 -5.97 -26.94
CA ASN C 1409 -7.42 -4.93 -27.59
C ASN C 1409 -8.47 -4.33 -26.66
N LEU C 1410 -8.34 -4.58 -25.36
CA LEU C 1410 -9.19 -3.94 -24.36
C LEU C 1410 -8.67 -2.53 -24.18
N GLU C 1411 -9.27 -1.57 -24.89
CA GLU C 1411 -8.71 -0.23 -25.00
C GLU C 1411 -8.62 0.45 -23.64
N LEU C 1412 -7.41 0.67 -23.17
CA LEU C 1412 -7.17 1.35 -21.90
C LEU C 1412 -6.07 2.38 -22.07
N GLY C 1413 -6.14 3.42 -21.28
CA GLY C 1413 -5.18 4.51 -21.34
C GLY C 1413 -5.84 5.82 -20.94
N GLY C 1414 -5.07 6.88 -21.06
CA GLY C 1414 -5.57 8.20 -20.72
C GLY C 1414 -4.49 9.20 -20.36
N LYS C 1415 -4.74 10.00 -19.33
CA LYS C 1415 -3.82 11.04 -18.90
C LYS C 1415 -2.81 10.56 -17.85
N LYS C 1416 -2.84 9.26 -17.52
CA LYS C 1416 -1.84 8.70 -16.62
C LYS C 1416 -1.06 7.53 -17.23
N MET C 1417 -1.49 6.97 -18.34
CA MET C 1417 -0.75 5.94 -19.05
C MET C 1417 -0.07 6.46 -20.30
N ARG C 1418 -0.14 7.76 -20.56
CA ARG C 1418 0.37 8.34 -21.79
C ARG C 1418 0.85 9.76 -21.53
N ALA C 1419 1.95 10.13 -22.17
CA ALA C 1419 2.47 11.48 -22.06
C ALA C 1419 1.50 12.47 -22.70
N ASN C 1420 1.29 13.61 -22.04
CA ASN C 1420 0.35 14.63 -22.50
C ASN C 1420 0.99 15.69 -23.37
N VAL C 1421 2.05 15.35 -24.10
CA VAL C 1421 2.76 16.29 -24.96
C VAL C 1421 2.83 15.71 -26.36
N ASN C 1422 3.04 16.61 -27.33
CA ASN C 1422 3.11 16.21 -28.73
C ASN C 1422 4.50 15.64 -29.04
N THR C 1423 4.72 15.32 -30.32
CA THR C 1423 5.97 14.69 -30.72
C THR C 1423 7.16 15.65 -30.61
N THR C 1424 6.92 16.96 -30.75
CA THR C 1424 8.03 17.91 -30.71
C THR C 1424 8.68 17.94 -29.33
N GLU C 1425 7.87 17.90 -28.27
CA GLU C 1425 8.40 17.97 -26.91
C GLU C 1425 9.03 16.66 -26.45
N ILE C 1426 8.89 15.58 -27.21
CA ILE C 1426 9.38 14.28 -26.76
C ILE C 1426 10.90 14.26 -26.71
N ASP C 1427 11.54 14.73 -27.78
CA ASP C 1427 13.00 14.67 -27.85
C ASP C 1427 13.65 15.50 -26.75
N GLY C 1428 12.98 16.55 -26.29
CA GLY C 1428 13.50 17.33 -25.18
C GLY C 1428 13.51 16.57 -23.86
N PHE C 1429 12.64 15.57 -23.73
CA PHE C 1429 12.69 14.67 -22.58
C PHE C 1429 13.39 13.35 -22.89
N LEU C 1430 13.47 12.99 -24.16
CA LEU C 1430 14.21 11.80 -24.60
C LEU C 1430 15.45 12.27 -25.35
N ILE C 1431 16.53 12.49 -24.60
CA ILE C 1431 17.80 12.86 -25.23
C ILE C 1431 18.27 11.76 -26.16
N ASN C 1432 18.19 10.51 -25.69
CA ASN C 1432 18.53 9.35 -26.51
C ASN C 1432 17.38 8.37 -26.48
N HIS C 1433 16.98 7.91 -27.66
CA HIS C 1433 15.97 6.86 -27.81
C HIS C 1433 16.48 5.67 -28.60
N TYR C 1434 17.25 5.92 -29.68
CA TYR C 1434 17.77 4.82 -30.46
C TYR C 1434 18.78 4.00 -29.68
N TYR C 1435 19.46 4.60 -28.71
CA TYR C 1435 20.39 3.84 -27.89
C TYR C 1435 19.68 2.88 -26.95
N LEU C 1436 18.52 3.27 -26.41
CA LEU C 1436 17.66 2.31 -25.71
C LEU C 1436 17.10 1.27 -26.67
N GLU C 1437 16.79 1.67 -27.90
CA GLU C 1437 16.27 0.74 -28.90
C GLU C 1437 17.29 -0.33 -29.25
N LYS C 1438 18.57 0.05 -29.30
CA LYS C 1438 19.61 -0.87 -29.74
C LYS C 1438 19.73 -2.08 -28.83
N ASN C 1439 19.20 -2.00 -27.61
CA ASN C 1439 19.17 -3.14 -26.70
C ASN C 1439 17.77 -3.69 -26.48
N LEU C 1440 16.76 -2.83 -26.32
CA LEU C 1440 15.41 -3.33 -26.07
C LEU C 1440 14.89 -4.11 -27.27
N GLY C 1441 15.08 -3.59 -28.47
CA GLY C 1441 14.69 -4.28 -29.69
C GLY C 1441 13.28 -4.04 -30.18
N TYR C 1442 12.54 -3.14 -29.55
CA TYR C 1442 11.14 -2.87 -29.92
C TYR C 1442 11.01 -1.40 -30.30
N THR C 1443 11.04 -1.12 -31.61
CA THR C 1443 10.94 0.25 -32.10
C THR C 1443 9.57 0.82 -31.76
N PHE C 1444 9.53 1.75 -30.82
CA PHE C 1444 8.26 2.32 -30.38
C PHE C 1444 7.64 3.15 -31.49
N LYS C 1445 6.37 2.89 -31.79
CA LYS C 1445 5.61 3.70 -32.72
C LYS C 1445 4.96 4.90 -32.04
N ASP C 1446 4.99 4.97 -30.72
CA ASP C 1446 4.47 6.10 -29.97
C ASP C 1446 5.28 6.22 -28.69
N ARG C 1447 6.15 7.23 -28.63
CA ARG C 1447 7.10 7.38 -27.54
C ARG C 1447 6.45 7.89 -26.25
N ARG C 1448 5.17 8.23 -26.28
CA ARG C 1448 4.51 8.74 -25.09
C ARG C 1448 4.51 7.71 -23.97
N TYR C 1449 4.27 6.45 -24.31
CA TYR C 1449 4.33 5.39 -23.30
C TYR C 1449 5.73 5.28 -22.71
N LEU C 1450 6.76 5.35 -23.55
CA LEU C 1450 8.13 5.27 -23.06
C LEU C 1450 8.43 6.42 -22.10
N LEU C 1451 8.07 7.64 -22.49
CA LEU C 1451 8.33 8.79 -21.62
C LEU C 1451 7.59 8.65 -20.30
N GLN C 1452 6.33 8.21 -20.35
CA GLN C 1452 5.57 8.03 -19.11
C GLN C 1452 6.15 6.91 -18.26
N ALA C 1453 6.79 5.93 -18.89
CA ALA C 1453 7.42 4.84 -18.14
C ALA C 1453 8.72 5.29 -17.47
N LEU C 1454 9.46 6.20 -18.10
CA LEU C 1454 10.73 6.64 -17.55
C LEU C 1454 10.61 7.86 -16.64
N THR C 1455 9.39 8.34 -16.38
CA THR C 1455 9.19 9.56 -15.60
C THR C 1455 9.01 9.20 -14.13
N HIS C 1456 10.01 9.53 -13.32
CA HIS C 1456 10.00 9.32 -11.88
C HIS C 1456 9.07 10.33 -11.20
N PRO C 1457 8.46 9.97 -10.07
CA PRO C 1457 7.60 10.93 -9.36
C PRO C 1457 8.31 12.21 -8.97
N SER C 1458 9.58 12.15 -8.57
CA SER C 1458 10.32 13.35 -8.18
C SER C 1458 10.53 14.29 -9.36
N TYR C 1459 10.50 13.78 -10.58
CA TYR C 1459 10.76 14.61 -11.75
C TYR C 1459 9.65 15.66 -11.86
N PRO C 1460 9.97 16.90 -12.20
CA PRO C 1460 9.00 17.99 -12.02
C PRO C 1460 7.72 17.86 -12.82
N THR C 1461 7.73 17.09 -13.92
CA THR C 1461 6.55 17.02 -14.78
C THR C 1461 5.38 16.27 -14.13
N ASN C 1462 5.59 15.63 -12.98
CA ASN C 1462 4.54 14.80 -12.39
C ASN C 1462 3.30 15.61 -12.03
N ARG C 1463 3.46 16.90 -11.74
CA ARG C 1463 2.31 17.73 -11.39
C ARG C 1463 1.37 17.94 -12.57
N ILE C 1464 1.85 17.75 -13.79
CA ILE C 1464 1.04 17.98 -14.99
C ILE C 1464 0.93 16.76 -15.88
N THR C 1465 1.88 15.83 -15.83
CA THR C 1465 1.88 14.66 -16.71
C THR C 1465 1.74 13.35 -15.98
N GLY C 1466 2.21 13.24 -14.74
CA GLY C 1466 2.10 12.02 -13.97
C GLY C 1466 3.44 11.34 -13.76
N SER C 1467 3.36 10.12 -13.28
CA SER C 1467 4.53 9.32 -12.95
C SER C 1467 4.33 7.91 -13.48
N TYR C 1468 5.40 7.11 -13.44
CA TYR C 1468 5.37 5.75 -13.96
C TYR C 1468 4.62 4.77 -13.06
N GLN C 1469 3.93 5.26 -12.04
CA GLN C 1469 3.31 4.36 -11.07
C GLN C 1469 2.20 3.53 -11.72
N GLU C 1470 1.31 4.18 -12.47
CA GLU C 1470 0.22 3.47 -13.12
C GLU C 1470 0.74 2.44 -14.11
N LEU C 1471 1.88 2.72 -14.72
CA LEU C 1471 2.47 1.76 -15.65
C LEU C 1471 3.14 0.59 -14.92
N GLU C 1472 3.84 0.86 -13.81
CA GLU C 1472 4.46 -0.25 -13.10
C GLU C 1472 3.39 -1.19 -12.57
N PHE C 1473 2.23 -0.65 -12.19
CA PHE C 1473 1.19 -1.51 -11.63
C PHE C 1473 0.75 -2.59 -12.61
N ILE C 1474 0.58 -2.23 -13.89
CA ILE C 1474 0.13 -3.24 -14.85
C ILE C 1474 1.31 -4.04 -15.41
N GLY C 1475 2.50 -3.45 -15.52
CA GLY C 1475 3.65 -4.22 -15.93
C GLY C 1475 4.01 -5.31 -14.93
N ASN C 1476 3.77 -5.04 -13.65
CA ASN C 1476 3.95 -6.07 -12.62
C ASN C 1476 3.14 -7.31 -12.94
N ALA C 1477 1.83 -7.13 -13.19
CA ALA C 1477 0.97 -8.26 -13.50
C ALA C 1477 1.38 -8.93 -14.81
N ILE C 1478 1.77 -8.13 -15.81
CA ILE C 1478 2.14 -8.70 -17.10
C ILE C 1478 3.35 -9.62 -16.95
N LEU C 1479 4.42 -9.12 -16.31
CA LEU C 1479 5.60 -9.93 -16.12
C LEU C 1479 5.32 -11.13 -15.22
N ASP C 1480 4.53 -10.91 -14.16
CA ASP C 1480 4.17 -12.01 -13.27
C ASP C 1480 3.52 -13.14 -14.03
N PHE C 1481 2.49 -12.83 -14.81
CA PHE C 1481 1.78 -13.90 -15.51
C PHE C 1481 2.64 -14.54 -16.58
N LEU C 1482 3.41 -13.75 -17.32
CA LEU C 1482 4.24 -14.35 -18.36
C LEU C 1482 5.27 -15.31 -17.77
N ILE C 1483 5.93 -14.90 -16.69
CA ILE C 1483 6.91 -15.77 -16.05
C ILE C 1483 6.24 -17.01 -15.47
N SER C 1484 5.08 -16.82 -14.82
CA SER C 1484 4.39 -17.95 -14.23
C SER C 1484 3.98 -18.96 -15.29
N ALA C 1485 3.45 -18.49 -16.43
CA ALA C 1485 3.06 -19.39 -17.49
C ALA C 1485 4.27 -20.11 -18.07
N TYR C 1486 5.38 -19.39 -18.28
CA TYR C 1486 6.56 -20.04 -18.84
C TYR C 1486 7.10 -21.12 -17.91
N ILE C 1487 7.17 -20.84 -16.61
CA ILE C 1487 7.69 -21.85 -15.69
C ILE C 1487 6.71 -23.00 -15.52
N PHE C 1488 5.40 -22.73 -15.67
CA PHE C 1488 4.42 -23.81 -15.62
C PHE C 1488 4.57 -24.75 -16.81
N GLU C 1489 4.62 -24.20 -18.02
CA GLU C 1489 4.56 -25.05 -19.21
C GLU C 1489 5.87 -25.81 -19.44
N ASN C 1490 7.01 -25.17 -19.15
CA ASN C 1490 8.29 -25.77 -19.48
C ASN C 1490 8.81 -26.72 -18.41
N ASN C 1491 8.12 -26.85 -17.28
CA ASN C 1491 8.54 -27.72 -16.19
C ASN C 1491 7.31 -28.48 -15.70
N THR C 1492 7.15 -29.72 -16.19
CA THR C 1492 5.89 -30.45 -16.01
C THR C 1492 5.80 -31.19 -14.68
N LYS C 1493 6.89 -31.33 -13.93
CA LYS C 1493 6.90 -32.15 -12.73
C LYS C 1493 7.52 -31.39 -11.56
N MET C 1494 7.10 -30.15 -11.35
CA MET C 1494 7.55 -29.37 -10.21
C MET C 1494 6.36 -28.89 -9.41
N ASN C 1495 6.39 -29.16 -8.10
CA ASN C 1495 5.30 -28.79 -7.23
C ASN C 1495 5.27 -27.27 -7.02
N PRO C 1496 4.14 -26.72 -6.56
CA PRO C 1496 4.09 -25.28 -6.27
C PRO C 1496 5.06 -24.83 -5.20
N GLY C 1497 5.55 -25.75 -4.36
CA GLY C 1497 6.52 -25.35 -3.35
C GLY C 1497 7.77 -24.73 -3.95
N ALA C 1498 8.20 -25.25 -5.11
CA ALA C 1498 9.32 -24.68 -5.83
C ALA C 1498 8.92 -23.75 -6.95
N LEU C 1499 7.67 -23.85 -7.43
CA LEU C 1499 7.22 -22.97 -8.51
C LEU C 1499 7.16 -21.52 -8.06
N THR C 1500 6.50 -21.27 -6.92
CA THR C 1500 6.42 -19.92 -6.40
C THR C 1500 7.79 -19.41 -6.00
N ASP C 1501 8.64 -20.28 -5.45
CA ASP C 1501 9.99 -19.88 -5.11
C ASP C 1501 10.75 -19.45 -6.35
N LEU C 1502 10.64 -20.21 -7.44
CA LEU C 1502 11.35 -19.87 -8.66
C LEU C 1502 10.84 -18.56 -9.25
N ARG C 1503 9.52 -18.37 -9.30
CA ARG C 1503 9.03 -17.14 -9.90
C ARG C 1503 9.35 -15.93 -9.02
N SER C 1504 9.27 -16.09 -7.69
CA SER C 1504 9.62 -15.00 -6.78
C SER C 1504 11.09 -14.63 -6.91
N ALA C 1505 11.96 -15.64 -7.06
CA ALA C 1505 13.35 -15.35 -7.34
C ALA C 1505 13.52 -14.62 -8.67
N LEU C 1506 12.67 -14.95 -9.64
CA LEU C 1506 12.77 -14.32 -10.95
C LEU C 1506 12.03 -12.99 -11.06
N VAL C 1507 11.15 -12.67 -10.11
CA VAL C 1507 10.47 -11.38 -10.10
C VAL C 1507 10.94 -10.53 -8.91
N ASN C 1508 11.97 -10.99 -8.20
CA ASN C 1508 12.50 -10.22 -7.08
C ASN C 1508 13.08 -8.90 -7.59
N ASN C 1509 12.99 -7.88 -6.74
CA ASN C 1509 13.37 -6.54 -7.16
C ASN C 1509 14.86 -6.46 -7.49
N THR C 1510 15.70 -7.13 -6.71
CA THR C 1510 17.15 -7.02 -6.88
C THR C 1510 17.59 -7.55 -8.24
N THR C 1511 17.10 -8.73 -8.62
CA THR C 1511 17.46 -9.27 -9.93
C THR C 1511 16.92 -8.41 -11.06
N LEU C 1512 15.79 -7.73 -10.84
CA LEU C 1512 15.33 -6.75 -11.81
C LEU C 1512 16.33 -5.61 -11.94
N ALA C 1513 16.88 -5.15 -10.82
CA ALA C 1513 17.90 -4.11 -10.89
C ALA C 1513 19.13 -4.59 -11.65
N CYS C 1514 19.53 -5.85 -11.43
CA CYS C 1514 20.67 -6.38 -12.15
C CYS C 1514 20.39 -6.46 -13.65
N ILE C 1515 19.16 -6.86 -14.01
CA ILE C 1515 18.78 -6.86 -15.42
C ILE C 1515 18.86 -5.46 -15.99
N CYS C 1516 18.37 -4.47 -15.24
CA CYS C 1516 18.41 -3.09 -15.71
C CYS C 1516 19.83 -2.62 -15.94
N VAL C 1517 20.73 -2.90 -14.99
CA VAL C 1517 22.10 -2.40 -15.12
C VAL C 1517 22.86 -3.14 -16.21
N ARG C 1518 22.63 -4.45 -16.36
CA ARG C 1518 23.35 -5.20 -17.39
C ARG C 1518 23.03 -4.68 -18.78
N HIS C 1519 21.76 -4.39 -19.04
CA HIS C 1519 21.33 -3.88 -20.33
C HIS C 1519 21.48 -2.37 -20.42
N ARG C 1520 21.94 -1.72 -19.36
CA ARG C 1520 22.27 -0.30 -19.37
C ARG C 1520 21.04 0.56 -19.65
N LEU C 1521 19.94 0.25 -18.96
CA LEU C 1521 18.79 1.14 -18.97
C LEU C 1521 18.89 2.24 -17.93
N HIS C 1522 19.86 2.16 -17.03
CA HIS C 1522 20.06 3.21 -16.02
C HIS C 1522 20.43 4.54 -16.64
N PHE C 1523 20.98 4.55 -17.86
CA PHE C 1523 21.37 5.79 -18.50
C PHE C 1523 20.17 6.68 -18.78
N PHE C 1524 19.09 6.11 -19.29
CA PHE C 1524 17.95 6.89 -19.76
C PHE C 1524 16.93 7.21 -18.68
N ILE C 1525 17.03 6.58 -17.51
CA ILE C 1525 16.03 6.78 -16.48
C ILE C 1525 16.08 8.22 -15.99
N LEU C 1526 14.90 8.84 -15.89
CA LEU C 1526 14.80 10.26 -15.63
C LEU C 1526 14.25 10.47 -14.21
N ALA C 1527 15.07 11.05 -13.34
CA ALA C 1527 14.70 11.29 -11.96
C ALA C 1527 15.56 12.41 -11.41
N GLU C 1528 15.09 13.02 -10.32
CA GLU C 1528 15.81 14.11 -9.67
C GLU C 1528 15.59 13.99 -8.16
N ASN C 1529 16.54 13.36 -7.47
CA ASN C 1529 16.51 13.28 -6.02
C ASN C 1529 17.95 13.20 -5.52
N ALA C 1530 18.13 13.59 -4.25
CA ALA C 1530 19.48 13.67 -3.69
C ALA C 1530 20.15 12.31 -3.65
N LYS C 1531 19.61 11.38 -2.85
CA LYS C 1531 20.27 10.08 -2.67
C LYS C 1531 20.19 9.23 -3.92
N LEU C 1532 19.10 9.35 -4.68
CA LEU C 1532 18.94 8.61 -5.93
C LEU C 1532 20.02 8.99 -6.94
N SER C 1533 20.61 10.17 -6.80
CA SER C 1533 21.62 10.62 -7.73
C SER C 1533 22.84 9.71 -7.71
N GLU C 1534 23.25 9.26 -6.52
CA GLU C 1534 24.47 8.49 -6.40
C GLU C 1534 24.23 7.02 -6.03
N ILE C 1535 23.03 6.67 -5.58
CA ILE C 1535 22.76 5.25 -5.31
C ILE C 1535 22.88 4.44 -6.60
N ILE C 1536 22.34 4.95 -7.69
CA ILE C 1536 22.41 4.25 -8.97
C ILE C 1536 23.86 4.10 -9.41
N SER C 1537 24.65 5.18 -9.29
CA SER C 1537 26.05 5.13 -9.73
C SER C 1537 26.85 4.15 -8.90
N LYS C 1538 26.68 4.17 -7.58
CA LYS C 1538 27.42 3.23 -6.75
C LYS C 1538 26.98 1.80 -7.00
N PHE C 1539 25.69 1.57 -7.26
CA PHE C 1539 25.24 0.22 -7.54
C PHE C 1539 25.77 -0.29 -8.88
N VAL C 1540 25.79 0.54 -9.91
CA VAL C 1540 26.32 0.09 -11.20
C VAL C 1540 27.82 -0.13 -11.10
N ASN C 1541 28.53 0.71 -10.32
CA ASN C 1541 29.94 0.45 -10.09
C ASN C 1541 30.15 -0.86 -9.35
N PHE C 1542 29.30 -1.15 -8.37
CA PHE C 1542 29.39 -2.40 -7.64
C PHE C 1542 29.17 -3.60 -8.56
N GLN C 1543 28.17 -3.51 -9.43
CA GLN C 1543 27.90 -4.60 -10.36
C GLN C 1543 29.05 -4.78 -11.36
N GLU C 1544 29.59 -3.68 -11.88
CA GLU C 1544 30.68 -3.77 -12.84
C GLU C 1544 31.93 -4.36 -12.20
N SER C 1545 32.23 -3.96 -10.96
CA SER C 1545 33.35 -4.55 -10.25
C SER C 1545 33.10 -6.03 -9.94
N GLN C 1546 31.86 -6.38 -9.64
CA GLN C 1546 31.48 -7.76 -9.32
C GLN C 1546 31.18 -8.57 -10.57
N GLY C 1547 31.33 -8.00 -11.75
CA GLY C 1547 31.09 -8.73 -12.99
C GLY C 1547 29.65 -9.10 -13.22
N HIS C 1548 28.71 -8.20 -12.93
CA HIS C 1548 27.29 -8.41 -13.16
C HIS C 1548 26.77 -9.63 -12.39
N ARG C 1549 27.35 -9.91 -11.23
CA ARG C 1549 26.95 -11.07 -10.44
C ARG C 1549 25.62 -10.79 -9.75
N VAL C 1550 24.63 -11.65 -10.03
CA VAL C 1550 23.35 -11.54 -9.35
C VAL C 1550 23.51 -11.97 -7.90
N THR C 1551 23.01 -11.16 -6.97
CA THR C 1551 23.10 -11.51 -5.56
C THR C 1551 22.31 -12.77 -5.26
N ASN C 1552 21.19 -12.98 -5.96
CA ASN C 1552 20.40 -14.19 -5.81
C ASN C 1552 21.17 -15.39 -6.32
N MET C 1602 26.99 -10.05 0.28
CA MET C 1602 27.31 -9.00 -0.69
C MET C 1602 27.98 -7.84 0.04
N SER C 1603 29.03 -7.29 -0.57
CA SER C 1603 30.00 -6.48 0.15
C SER C 1603 29.41 -5.14 0.60
N THR C 1604 29.56 -4.86 1.89
CA THR C 1604 29.29 -3.54 2.48
C THR C 1604 27.87 -3.06 2.16
N ASN C 1605 26.90 -3.97 2.37
CA ASN C 1605 25.47 -3.67 2.46
C ASN C 1605 24.99 -2.54 1.57
N VAL C 1606 25.39 -2.56 0.29
CA VAL C 1606 25.05 -1.47 -0.61
C VAL C 1606 23.55 -1.50 -0.90
N ASP C 1607 22.91 -0.35 -0.78
CA ASP C 1607 21.47 -0.26 -1.01
C ASP C 1607 21.15 -0.50 -2.48
N VAL C 1608 20.19 -1.39 -2.73
CA VAL C 1608 19.73 -1.67 -4.09
C VAL C 1608 18.81 -0.53 -4.55
N PRO C 1609 19.03 0.01 -5.75
CA PRO C 1609 18.14 1.04 -6.27
C PRO C 1609 16.82 0.46 -6.75
N LYS C 1610 15.87 0.29 -5.83
CA LYS C 1610 14.60 -0.34 -6.14
C LYS C 1610 13.86 0.34 -7.29
N ALA C 1611 14.27 1.55 -7.69
CA ALA C 1611 13.62 2.22 -8.81
C ALA C 1611 13.86 1.46 -10.11
N LEU C 1612 15.06 0.92 -10.30
CA LEU C 1612 15.40 0.30 -11.59
C LEU C 1612 14.47 -0.86 -11.91
N GLY C 1613 14.21 -1.72 -10.92
CA GLY C 1613 13.26 -2.79 -11.12
C GLY C 1613 11.86 -2.27 -11.44
N ASP C 1614 11.44 -1.22 -10.75
CA ASP C 1614 10.17 -0.58 -11.07
C ASP C 1614 10.21 0.06 -12.45
N VAL C 1615 11.37 0.55 -12.88
CA VAL C 1615 11.51 1.05 -14.25
C VAL C 1615 11.25 -0.06 -15.25
N LEU C 1616 11.83 -1.24 -15.02
CA LEU C 1616 11.53 -2.37 -15.91
C LEU C 1616 10.07 -2.77 -15.83
N GLU C 1617 9.48 -2.74 -14.64
CA GLU C 1617 8.08 -3.10 -14.49
C GLU C 1617 7.18 -2.18 -15.31
N ALA C 1618 7.43 -0.87 -15.27
CA ALA C 1618 6.65 0.05 -16.09
C ALA C 1618 7.00 -0.03 -17.57
N LEU C 1619 8.26 -0.30 -17.89
CA LEU C 1619 8.70 -0.30 -19.29
C LEU C 1619 8.21 -1.51 -20.04
N ILE C 1620 8.07 -2.66 -19.36
CA ILE C 1620 7.47 -3.83 -20.02
C ILE C 1620 6.04 -3.52 -20.42
N ALA C 1621 5.28 -2.90 -19.52
CA ALA C 1621 3.92 -2.48 -19.86
C ALA C 1621 3.92 -1.48 -21.00
N ALA C 1622 4.87 -0.54 -20.99
CA ALA C 1622 4.96 0.43 -22.08
C ALA C 1622 5.22 -0.26 -23.41
N VAL C 1623 6.07 -1.29 -23.41
CA VAL C 1623 6.30 -2.07 -24.62
C VAL C 1623 5.02 -2.77 -25.05
N TYR C 1624 4.28 -3.33 -24.09
CA TYR C 1624 3.07 -4.05 -24.44
C TYR C 1624 2.04 -3.13 -25.08
N LEU C 1625 1.74 -2.00 -24.43
CA LEU C 1625 0.67 -1.13 -24.89
C LEU C 1625 0.94 -0.57 -26.28
N ASP C 1626 2.20 -0.47 -26.68
CA ASP C 1626 2.52 0.10 -27.98
C ASP C 1626 2.07 -0.78 -29.14
N CYS C 1627 1.84 -2.07 -28.89
CA CYS C 1627 1.31 -2.97 -29.90
C CYS C 1627 0.12 -3.80 -29.44
N ARG C 1628 -0.19 -3.82 -28.14
CA ARG C 1628 -1.34 -4.55 -27.59
C ARG C 1628 -1.26 -6.05 -27.88
N ASP C 1629 -0.06 -6.54 -28.14
CA ASP C 1629 0.19 -7.96 -28.37
C ASP C 1629 1.08 -8.50 -27.27
N LEU C 1630 0.82 -9.72 -26.82
CA LEU C 1630 1.62 -10.33 -25.76
C LEU C 1630 2.78 -11.15 -26.29
N GLN C 1631 2.69 -11.65 -27.52
CA GLN C 1631 3.79 -12.42 -28.09
C GLN C 1631 5.05 -11.57 -28.25
N ARG C 1632 4.88 -10.31 -28.70
CA ARG C 1632 6.03 -9.41 -28.81
C ARG C 1632 6.65 -9.14 -27.46
N THR C 1633 5.81 -8.91 -26.44
CA THR C 1633 6.34 -8.69 -25.09
C THR C 1633 7.11 -9.90 -24.61
N TRP C 1634 6.60 -11.10 -24.87
CA TRP C 1634 7.32 -12.29 -24.43
C TRP C 1634 8.63 -12.45 -25.18
N GLU C 1635 8.66 -12.12 -26.48
CA GLU C 1635 9.92 -12.19 -27.22
C GLU C 1635 10.95 -11.24 -26.61
N VAL C 1636 10.53 -10.01 -26.32
CA VAL C 1636 11.45 -9.05 -25.71
C VAL C 1636 11.90 -9.52 -24.34
N ILE C 1637 10.96 -10.06 -23.55
CA ILE C 1637 11.28 -10.50 -22.19
C ILE C 1637 12.25 -11.65 -22.21
N PHE C 1638 12.09 -12.57 -23.17
CA PHE C 1638 13.04 -13.68 -23.28
C PHE C 1638 14.41 -13.20 -23.73
N ASN C 1639 14.46 -12.30 -24.71
CA ASN C 1639 15.75 -11.71 -25.09
C ASN C 1639 16.42 -11.04 -23.90
N LEU C 1640 15.62 -10.46 -23.00
CA LEU C 1640 16.18 -9.82 -21.82
C LEU C 1640 16.68 -10.84 -20.81
N PHE C 1641 15.89 -11.90 -20.55
CA PHE C 1641 16.09 -12.81 -19.43
C PHE C 1641 16.83 -14.08 -19.79
N GLU C 1642 17.30 -14.22 -21.03
CA GLU C 1642 17.87 -15.49 -21.49
C GLU C 1642 18.93 -16.08 -20.58
N PRO C 1643 19.96 -15.35 -20.12
CA PRO C 1643 20.89 -15.96 -19.17
C PRO C 1643 20.25 -16.29 -17.83
N GLU C 1644 19.28 -15.49 -17.39
CA GLU C 1644 18.72 -15.68 -16.05
C GLU C 1644 17.87 -16.93 -15.99
N LEU C 1645 17.09 -17.21 -17.04
CA LEU C 1645 16.25 -18.40 -17.07
C LEU C 1645 17.06 -19.67 -17.31
N GLN C 1646 18.34 -19.55 -17.64
CA GLN C 1646 19.22 -20.71 -17.71
C GLN C 1646 20.10 -20.85 -16.48
N GLU C 1647 20.26 -19.78 -15.70
CA GLU C 1647 21.03 -19.84 -14.46
C GLU C 1647 20.18 -20.18 -13.24
N PHE C 1648 18.93 -19.71 -13.20
CA PHE C 1648 18.10 -19.95 -12.02
C PHE C 1648 17.56 -21.38 -11.96
N THR C 1649 17.31 -22.01 -13.10
CA THR C 1649 16.67 -23.32 -13.11
C THR C 1649 17.51 -24.39 -12.44
N ARG C 1650 18.80 -24.17 -12.23
CA ARG C 1650 19.66 -25.20 -11.66
C ARG C 1650 19.43 -25.33 -10.16
N LYS C 1651 19.68 -24.27 -9.39
CA LYS C 1651 19.62 -24.34 -7.94
C LYS C 1651 18.61 -23.39 -7.31
N VAL C 1652 17.88 -22.62 -8.12
CA VAL C 1652 16.80 -21.71 -7.70
C VAL C 1652 17.18 -21.02 -6.39
N PRO C 1653 18.11 -20.07 -6.40
CA PRO C 1653 18.56 -19.44 -5.16
C PRO C 1653 17.40 -18.80 -4.41
N ILE C 1654 17.41 -18.96 -3.09
CA ILE C 1654 16.32 -18.53 -2.25
C ILE C 1654 16.76 -17.32 -1.44
N ASN C 1655 15.81 -16.70 -0.76
CA ASN C 1655 16.11 -15.57 0.10
C ASN C 1655 17.06 -15.99 1.21
N HIS C 1656 18.03 -15.12 1.52
CA HIS C 1656 19.07 -15.49 2.48
C HIS C 1656 18.54 -15.50 3.92
N ILE C 1657 17.60 -14.62 4.25
CA ILE C 1657 16.95 -14.72 5.54
C ILE C 1657 16.20 -16.03 5.64
N ARG C 1658 15.48 -16.39 4.58
CA ARG C 1658 14.79 -17.68 4.54
C ARG C 1658 15.79 -18.83 4.67
N GLN C 1659 16.92 -18.73 3.97
CA GLN C 1659 17.93 -19.78 4.04
C GLN C 1659 18.46 -19.93 5.46
N LEU C 1660 18.70 -18.81 6.15
CA LEU C 1660 19.17 -18.88 7.53
C LEU C 1660 18.12 -19.51 8.45
N VAL C 1661 16.85 -19.12 8.29
CA VAL C 1661 15.82 -19.71 9.14
C VAL C 1661 15.61 -21.17 8.78
N GLU C 1662 16.06 -21.60 7.60
CA GLU C 1662 15.94 -23.00 7.20
C GLU C 1662 16.89 -23.92 7.95
N HIS C 1663 17.91 -23.38 8.61
CA HIS C 1663 18.85 -24.23 9.32
C HIS C 1663 18.17 -24.95 10.47
N LYS C 1664 18.60 -26.18 10.73
CA LYS C 1664 17.90 -27.03 11.71
C LYS C 1664 18.03 -26.48 13.12
N HIS C 1665 19.25 -26.18 13.56
CA HIS C 1665 19.49 -25.72 14.92
C HIS C 1665 20.17 -24.38 15.02
N ALA C 1666 20.83 -23.90 13.96
CA ALA C 1666 21.49 -22.60 13.98
C ALA C 1666 20.46 -21.48 13.81
N LYS C 1667 19.54 -21.44 14.76
CA LYS C 1667 18.44 -20.49 14.68
C LYS C 1667 18.94 -19.07 14.88
N PRO C 1668 18.37 -18.09 14.18
CA PRO C 1668 18.73 -16.69 14.39
C PRO C 1668 17.81 -16.01 15.39
N VAL C 1669 18.33 -14.93 15.97
CA VAL C 1669 17.53 -14.02 16.78
C VAL C 1669 18.07 -12.61 16.54
N PHE C 1670 17.17 -11.66 16.24
CA PHE C 1670 17.57 -10.33 15.81
C PHE C 1670 17.21 -9.30 16.87
N SER C 1671 18.12 -8.37 17.11
CA SER C 1671 17.94 -7.34 18.12
C SER C 1671 16.95 -6.29 17.64
N SER C 1672 16.75 -5.27 18.47
CA SER C 1672 15.86 -4.18 18.12
C SER C 1672 16.51 -3.26 17.08
N PRO C 1673 15.72 -2.49 16.34
CA PRO C 1673 16.31 -1.47 15.47
C PRO C 1673 17.11 -0.45 16.27
N ILE C 1674 18.22 0.00 15.70
CA ILE C 1674 19.11 0.94 16.36
C ILE C 1674 19.18 2.20 15.51
N VAL C 1675 18.97 3.35 16.15
CA VAL C 1675 18.91 4.63 15.46
C VAL C 1675 20.09 5.47 15.95
N GLU C 1676 21.21 4.80 16.26
CA GLU C 1676 22.38 5.47 16.81
C GLU C 1676 22.90 6.58 15.90
N GLY C 1677 22.62 6.51 14.61
CA GLY C 1677 23.01 7.56 13.69
C GLY C 1677 22.12 7.60 12.47
N GLU C 1678 22.64 8.16 11.37
CA GLU C 1678 21.88 8.19 10.12
C GLU C 1678 21.64 6.78 9.58
N THR C 1679 22.48 5.82 9.95
CA THR C 1679 22.29 4.44 9.56
C THR C 1679 21.58 3.66 10.67
N VAL C 1680 21.14 2.45 10.34
CA VAL C 1680 20.50 1.56 11.29
C VAL C 1680 21.18 0.20 11.19
N MET C 1681 21.09 -0.56 12.28
CA MET C 1681 21.76 -1.85 12.34
C MET C 1681 20.99 -2.78 13.25
N VAL C 1682 21.24 -4.08 13.10
CA VAL C 1682 20.65 -5.11 13.94
C VAL C 1682 21.68 -6.22 14.10
N SER C 1683 21.77 -6.75 15.32
CA SER C 1683 22.71 -7.81 15.63
C SER C 1683 21.98 -9.12 15.84
N CYS C 1684 22.62 -10.22 15.42
CA CYS C 1684 21.98 -11.53 15.41
C CYS C 1684 22.85 -12.55 16.13
N GLN C 1685 22.19 -13.58 16.67
CA GLN C 1685 22.86 -14.68 17.35
C GLN C 1685 22.44 -15.99 16.72
N PHE C 1686 23.41 -16.89 16.54
CA PHE C 1686 23.14 -18.22 16.01
C PHE C 1686 24.09 -19.21 16.67
N THR C 1687 23.57 -20.38 17.01
CA THR C 1687 24.34 -21.39 17.74
C THR C 1687 25.12 -22.28 16.78
N CYS C 1688 26.00 -21.64 16.01
CA CYS C 1688 26.86 -22.37 15.09
C CYS C 1688 27.92 -23.13 15.87
N MET C 1689 28.06 -24.42 15.57
CA MET C 1689 28.94 -25.32 16.34
C MET C 1689 28.64 -25.22 17.83
N GLU C 1690 27.35 -25.22 18.18
CA GLU C 1690 26.82 -25.00 19.52
C GLU C 1690 27.58 -23.92 20.28
N LYS C 1691 27.87 -22.81 19.61
CA LYS C 1691 28.48 -21.63 20.22
C LYS C 1691 27.52 -20.46 20.06
N THR C 1692 27.26 -19.74 21.14
CA THR C 1692 26.31 -18.62 21.12
C THR C 1692 27.00 -17.41 20.50
N ILE C 1693 27.25 -17.52 19.19
CA ILE C 1693 27.91 -16.45 18.45
C ILE C 1693 26.96 -15.28 18.30
N LYS C 1694 27.52 -14.09 18.10
CA LYS C 1694 26.75 -12.90 17.80
C LYS C 1694 27.38 -12.16 16.63
N VAL C 1695 26.56 -11.80 15.64
CA VAL C 1695 27.01 -11.05 14.49
C VAL C 1695 26.02 -9.90 14.26
N TYR C 1696 26.48 -8.87 13.57
CA TYR C 1696 25.70 -7.66 13.36
C TYR C 1696 25.80 -7.22 11.91
N GLY C 1697 24.81 -6.47 11.46
CA GLY C 1697 24.82 -5.93 10.12
C GLY C 1697 24.23 -4.53 10.10
N PHE C 1698 24.78 -3.70 9.21
CA PHE C 1698 24.38 -2.31 9.07
C PHE C 1698 23.66 -2.11 7.74
N GLY C 1699 22.91 -1.02 7.66
CA GLY C 1699 22.19 -0.69 6.43
C GLY C 1699 21.40 0.59 6.61
N SER C 1700 20.80 1.02 5.50
CA SER C 1700 19.98 2.22 5.52
C SER C 1700 18.66 1.99 6.25
N ASN C 1701 18.03 0.85 6.00
CA ASN C 1701 16.77 0.50 6.64
C ASN C 1701 16.92 -0.87 7.30
N LYS C 1702 16.04 -1.14 8.26
CA LYS C 1702 16.07 -2.41 8.97
C LYS C 1702 16.04 -3.58 8.01
N ASP C 1703 15.20 -3.49 6.97
CA ASP C 1703 15.09 -4.56 6.00
C ASP C 1703 16.31 -4.69 5.10
N GLN C 1704 17.23 -3.72 5.15
CA GLN C 1704 18.49 -3.82 4.41
C GLN C 1704 19.61 -4.42 5.25
N ALA C 1705 19.75 -3.99 6.51
CA ALA C 1705 20.75 -4.56 7.38
C ALA C 1705 20.44 -6.03 7.70
N LYS C 1706 19.16 -6.35 7.86
CA LYS C 1706 18.78 -7.71 8.21
C LYS C 1706 19.26 -8.71 7.17
N LEU C 1707 19.13 -8.37 5.89
CA LEU C 1707 19.67 -9.22 4.83
C LEU C 1707 21.19 -9.27 4.91
N SER C 1708 21.84 -8.13 5.09
CA SER C 1708 23.29 -8.10 5.14
C SER C 1708 23.82 -8.76 6.41
N ALA C 1709 23.10 -8.61 7.53
CA ALA C 1709 23.48 -9.32 8.74
C ALA C 1709 23.43 -10.82 8.54
N ALA C 1710 22.40 -11.30 7.85
CA ALA C 1710 22.35 -12.72 7.50
C ALA C 1710 23.43 -13.08 6.50
N LYS C 1711 23.76 -12.16 5.59
CA LYS C 1711 24.80 -12.43 4.59
C LYS C 1711 26.14 -12.69 5.26
N HIS C 1712 26.49 -11.89 6.26
CA HIS C 1712 27.71 -12.16 7.03
C HIS C 1712 27.60 -13.47 7.78
N ALA C 1713 26.45 -13.72 8.40
CA ALA C 1713 26.28 -14.92 9.21
C ALA C 1713 26.38 -16.18 8.36
N LEU C 1714 25.72 -16.20 7.21
CA LEU C 1714 25.80 -17.38 6.35
C LEU C 1714 27.23 -17.62 5.88
N GLN C 1715 27.99 -16.54 5.64
CA GLN C 1715 29.40 -16.69 5.34
C GLN C 1715 30.16 -17.26 6.54
N GLN C 1716 29.73 -16.91 7.76
CA GLN C 1716 30.34 -17.47 8.95
C GLN C 1716 30.09 -18.97 9.06
N LEU C 1717 28.98 -19.46 8.49
CA LEU C 1717 28.72 -20.89 8.44
C LEU C 1717 29.60 -21.63 7.45
N SER C 1718 30.44 -20.92 6.69
CA SER C 1718 31.33 -21.58 5.73
C SER C 1718 32.42 -22.40 6.43
N LYS C 1719 32.58 -22.26 7.74
CA LYS C 1719 33.54 -23.07 8.49
C LYS C 1719 33.18 -24.55 8.40
N ILE D 344 35.58 55.36 -17.86
CA ILE D 344 36.42 55.31 -16.67
C ILE D 344 37.22 54.02 -16.65
N ASP D 345 38.53 54.13 -16.49
CA ASP D 345 39.39 52.95 -16.48
C ASP D 345 39.28 52.20 -15.17
N ARG D 346 39.23 52.92 -14.05
CA ARG D 346 39.25 52.30 -12.74
C ARG D 346 38.70 53.28 -11.72
N TYR D 347 38.29 52.74 -10.56
CA TYR D 347 37.75 53.54 -9.48
C TYR D 347 38.78 54.56 -8.99
N GLU D 348 38.32 55.48 -8.14
CA GLU D 348 39.19 56.44 -7.48
C GLU D 348 39.39 56.01 -6.03
N GLN D 349 40.63 55.79 -5.64
CA GLN D 349 40.95 55.29 -4.30
C GLN D 349 40.63 56.34 -3.24
N VAL D 350 40.25 55.86 -2.07
CA VAL D 350 39.85 56.72 -0.96
C VAL D 350 40.99 56.79 0.05
N SER D 351 41.03 57.90 0.79
CA SER D 351 42.07 58.10 1.79
C SER D 351 41.90 57.10 2.93
N LYS D 352 43.02 56.52 3.37
CA LYS D 352 43.00 55.51 4.42
C LYS D 352 42.48 56.08 5.74
N ASP D 353 42.94 57.27 6.11
CA ASP D 353 42.61 57.84 7.40
C ASP D 353 41.25 58.53 7.36
N PHE D 354 40.56 58.49 8.48
CA PHE D 354 39.28 59.17 8.66
C PHE D 354 39.02 59.21 10.16
N GLU D 355 37.81 59.63 10.53
CA GLU D 355 37.41 59.72 11.93
C GLU D 355 36.04 59.11 12.13
N PHE D 356 35.87 58.37 13.22
CA PHE D 356 34.56 57.88 13.64
C PHE D 356 33.85 58.99 14.43
N ILE D 357 33.47 60.04 13.69
CA ILE D 357 32.94 61.24 14.33
C ILE D 357 31.62 60.93 15.02
N LYS D 358 31.47 61.44 16.24
CA LYS D 358 30.25 61.20 17.01
C LYS D 358 29.07 61.91 16.35
N ILE D 359 27.94 61.20 16.29
CA ILE D 359 26.72 61.75 15.74
C ILE D 359 25.62 61.76 16.81
MG MG E . -5.44 -20.66 -2.57
MG MG F . 7.60 -2.22 -7.55
MG MG G . 13.68 39.38 23.51
PB ADP H . 12.45 41.56 26.92
O1B ADP H . 12.41 42.91 27.59
O2B ADP H . 12.50 41.60 25.41
O3B ADP H . 11.48 40.56 27.49
PA ADP H . 14.26 39.44 27.05
O1A ADP H . 14.26 39.18 25.56
O2A ADP H . 13.40 38.59 27.95
O3A ADP H . 13.90 40.98 27.33
O5' ADP H . 15.78 39.32 27.58
C5' ADP H . 16.08 39.64 28.93
C4' ADP H . 16.76 38.47 29.62
O4' ADP H . 17.00 38.81 30.99
C3' ADP H . 15.85 37.25 29.60
O3' ADP H . 16.56 36.15 29.04
C2' ADP H . 15.50 36.97 31.05
O2' ADP H . 15.68 35.59 31.35
C1' ADP H . 16.44 37.83 31.87
N9 ADP H . 15.70 38.51 32.95
C8 ADP H . 15.31 39.79 32.96
N7 ADP H . 14.64 40.10 34.10
C5 ADP H . 14.60 39.00 34.86
C6 ADP H . 14.07 38.62 36.18
N6 ADP H . 13.40 39.53 36.94
N1 ADP H . 14.24 37.35 36.60
C2 ADP H . 14.90 36.44 35.85
N3 ADP H . 15.41 36.71 34.64
C4 ADP H . 15.30 37.94 34.10
#